data_4KLZ
# 
_entry.id   4KLZ 
# 
_audit_conform.dict_name       mmcif_pdbx.dic 
_audit_conform.dict_version    5.379 
_audit_conform.dict_location   http://mmcif.pdb.org/dictionaries/ascii/mmcif_pdbx.dic 
# 
loop_
_database_2.database_id 
_database_2.database_code 
_database_2.pdbx_database_accession 
_database_2.pdbx_DOI 
PDB   4KLZ         pdb_00004klz 10.2210/pdb4klz/pdb 
RCSB  RCSB079505   ?            ?                   
WWPDB D_1000079505 ?            ?                   
# 
_pdbx_database_related.db_name        PDB 
_pdbx_database_related.db_id          5P21 
_pdbx_database_related.details        
;REFINED CRYSTAL STRUCTURE OF THE TRIPHOSPHATE CONFORMATION OF H-RAS P21 AT 1.35 ANGSTROMS RESOLUTION: IMPLICATIONS FOR THE MECHANISM OF GTP HYDROLYSIS
;
_pdbx_database_related.content_type   unspecified 
# 
_pdbx_database_status.status_code                     REL 
_pdbx_database_status.entry_id                        4KLZ 
_pdbx_database_status.recvd_initial_deposition_date   2013-05-07 
_pdbx_database_status.deposit_site                    RCSB 
_pdbx_database_status.process_site                    RCSB 
_pdbx_database_status.status_code_sf                  REL 
_pdbx_database_status.status_code_mr                  ? 
_pdbx_database_status.SG_entry                        ? 
_pdbx_database_status.status_code_cs                  ? 
_pdbx_database_status.methods_development_category    ? 
_pdbx_database_status.pdb_format_compatible           Y 
_pdbx_database_status.status_code_nmr_data            ? 
# 
loop_
_audit_author.name 
_audit_author.pdbx_ordinal 
'Shah, D.M.'        1  
'Kobayashi, M.'     2  
'Keizers, P.H.'     3  
'Tuin, A.W.'        4  
'Ab, E.'            5  
'Manning, L.'       6  
'Rzepiela, A.A.'    7  
'Andrews, M.'       8  
'Hoedemaeker, F.J.' 9  
'Siegal, G.'        10 
# 
_citation.id                        primary 
_citation.title                     
;Inhibition of Small GTPases by Stabilization of the GDP Complex, a Novel Approach applied to Rit1, a Target for Rheumatoid Arthritis
;
_citation.journal_abbrev            'To be Published' 
_citation.journal_volume            ? 
_citation.page_first                ? 
_citation.page_last                 ? 
_citation.year                      ? 
_citation.journal_id_ASTM           ? 
_citation.country                   ? 
_citation.journal_id_ISSN           ? 
_citation.journal_id_CSD            0353 
_citation.book_publisher            ? 
_citation.pdbx_database_id_PubMed   ? 
_citation.pdbx_database_id_DOI      ? 
# 
loop_
_citation_author.citation_id 
_citation_author.name 
_citation_author.ordinal 
_citation_author.identifier_ORCID 
primary 'Shah, D.M.'        1  ? 
primary 'Kobayashi, M.'     2  ? 
primary 'Keizers, P.H.'     3  ? 
primary 'Tuin, A.W.'        4  ? 
primary 'Ab, E.'            5  ? 
primary 'Manning, L.'       6  ? 
primary 'Rzepiela, A.A.'    7  ? 
primary 'Andrews, M.'       8  ? 
primary 'Hoedemaeker, F.J.' 9  ? 
primary 'Siegal, G.'        10 ? 
# 
_cell.entry_id           4KLZ 
_cell.length_a           40.278 
_cell.length_b           37.048 
_cell.length_c           40.736 
_cell.angle_alpha        90.00 
_cell.angle_beta         95.90 
_cell.angle_gamma        90.00 
_cell.Z_PDB              2 
_cell.pdbx_unique_axis   ? 
_cell.length_a_esd       ? 
_cell.length_b_esd       ? 
_cell.length_c_esd       ? 
_cell.angle_alpha_esd    ? 
_cell.angle_beta_esd     ? 
_cell.angle_gamma_esd    ? 
# 
_symmetry.entry_id                         4KLZ 
_symmetry.space_group_name_H-M             'P 1 21 1' 
_symmetry.pdbx_full_space_group_name_H-M   ? 
_symmetry.cell_setting                     ? 
_symmetry.Int_Tables_number                4 
_symmetry.space_group_name_Hall            ? 
# 
loop_
_entity.id 
_entity.type 
_entity.src_method 
_entity.pdbx_description 
_entity.formula_weight 
_entity.pdbx_number_of_molecules 
_entity.pdbx_ec 
_entity.pdbx_mutation 
_entity.pdbx_fragment 
_entity.details 
1 polymer     man 'GTP-binding protein Rit1' 20085.787 1  ? ? 'GTP binding domain, unp residues 19-189' ? 
2 non-polymer syn "GUANOSINE-5'-DIPHOSPHATE" 443.201   1  ? ? ?                                         ? 
3 non-polymer syn 'MAGNESIUM ION'            24.305    1  ? ? ?                                         ? 
4 water       nat water                      18.015    18 ? ? ?                                         ? 
# 
_entity_name_com.entity_id   1 
_entity_name_com.name        'Ras-like protein expressed in many tissues, Ras-like without CAAX protein 1' 
# 
_entity_poly.entity_id                      1 
_entity_poly.type                           'polypeptide(L)' 
_entity_poly.nstd_linkage                   no 
_entity_poly.nstd_monomer                   no 
_entity_poly.pdbx_seq_one_letter_code       
;GSSREYKLVMLGAGGVGKSAMTMQFISHRFPEDHDPTIEDAYKIRIRIDDEPANLDILDTAGQAEFTAMRDQYMRAGEGF
IICYSITDRRSFHEVREFKQLIYRVRRTDDTPVVLVGNKSDLKQLRQVTKEEGLALAREFSCPFFETSAAYRYYIDDVFH
ALVREIRRKEKEA
;
_entity_poly.pdbx_seq_one_letter_code_can   
;GSSREYKLVMLGAGGVGKSAMTMQFISHRFPEDHDPTIEDAYKIRIRIDDEPANLDILDTAGQAEFTAMRDQYMRAGEGF
IICYSITDRRSFHEVREFKQLIYRVRRTDDTPVVLVGNKSDLKQLRQVTKEEGLALAREFSCPFFETSAAYRYYIDDVFH
ALVREIRRKEKEA
;
_entity_poly.pdbx_strand_id                 A 
_entity_poly.pdbx_target_identifier         ? 
# 
loop_
_entity_poly_seq.entity_id 
_entity_poly_seq.num 
_entity_poly_seq.mon_id 
_entity_poly_seq.hetero 
1 1   GLY n 
1 2   SER n 
1 3   SER n 
1 4   ARG n 
1 5   GLU n 
1 6   TYR n 
1 7   LYS n 
1 8   LEU n 
1 9   VAL n 
1 10  MET n 
1 11  LEU n 
1 12  GLY n 
1 13  ALA n 
1 14  GLY n 
1 15  GLY n 
1 16  VAL n 
1 17  GLY n 
1 18  LYS n 
1 19  SER n 
1 20  ALA n 
1 21  MET n 
1 22  THR n 
1 23  MET n 
1 24  GLN n 
1 25  PHE n 
1 26  ILE n 
1 27  SER n 
1 28  HIS n 
1 29  ARG n 
1 30  PHE n 
1 31  PRO n 
1 32  GLU n 
1 33  ASP n 
1 34  HIS n 
1 35  ASP n 
1 36  PRO n 
1 37  THR n 
1 38  ILE n 
1 39  GLU n 
1 40  ASP n 
1 41  ALA n 
1 42  TYR n 
1 43  LYS n 
1 44  ILE n 
1 45  ARG n 
1 46  ILE n 
1 47  ARG n 
1 48  ILE n 
1 49  ASP n 
1 50  ASP n 
1 51  GLU n 
1 52  PRO n 
1 53  ALA n 
1 54  ASN n 
1 55  LEU n 
1 56  ASP n 
1 57  ILE n 
1 58  LEU n 
1 59  ASP n 
1 60  THR n 
1 61  ALA n 
1 62  GLY n 
1 63  GLN n 
1 64  ALA n 
1 65  GLU n 
1 66  PHE n 
1 67  THR n 
1 68  ALA n 
1 69  MET n 
1 70  ARG n 
1 71  ASP n 
1 72  GLN n 
1 73  TYR n 
1 74  MET n 
1 75  ARG n 
1 76  ALA n 
1 77  GLY n 
1 78  GLU n 
1 79  GLY n 
1 80  PHE n 
1 81  ILE n 
1 82  ILE n 
1 83  CYS n 
1 84  TYR n 
1 85  SER n 
1 86  ILE n 
1 87  THR n 
1 88  ASP n 
1 89  ARG n 
1 90  ARG n 
1 91  SER n 
1 92  PHE n 
1 93  HIS n 
1 94  GLU n 
1 95  VAL n 
1 96  ARG n 
1 97  GLU n 
1 98  PHE n 
1 99  LYS n 
1 100 GLN n 
1 101 LEU n 
1 102 ILE n 
1 103 TYR n 
1 104 ARG n 
1 105 VAL n 
1 106 ARG n 
1 107 ARG n 
1 108 THR n 
1 109 ASP n 
1 110 ASP n 
1 111 THR n 
1 112 PRO n 
1 113 VAL n 
1 114 VAL n 
1 115 LEU n 
1 116 VAL n 
1 117 GLY n 
1 118 ASN n 
1 119 LYS n 
1 120 SER n 
1 121 ASP n 
1 122 LEU n 
1 123 LYS n 
1 124 GLN n 
1 125 LEU n 
1 126 ARG n 
1 127 GLN n 
1 128 VAL n 
1 129 THR n 
1 130 LYS n 
1 131 GLU n 
1 132 GLU n 
1 133 GLY n 
1 134 LEU n 
1 135 ALA n 
1 136 LEU n 
1 137 ALA n 
1 138 ARG n 
1 139 GLU n 
1 140 PHE n 
1 141 SER n 
1 142 CYS n 
1 143 PRO n 
1 144 PHE n 
1 145 PHE n 
1 146 GLU n 
1 147 THR n 
1 148 SER n 
1 149 ALA n 
1 150 ALA n 
1 151 TYR n 
1 152 ARG n 
1 153 TYR n 
1 154 TYR n 
1 155 ILE n 
1 156 ASP n 
1 157 ASP n 
1 158 VAL n 
1 159 PHE n 
1 160 HIS n 
1 161 ALA n 
1 162 LEU n 
1 163 VAL n 
1 164 ARG n 
1 165 GLU n 
1 166 ILE n 
1 167 ARG n 
1 168 ARG n 
1 169 LYS n 
1 170 GLU n 
1 171 LYS n 
1 172 GLU n 
1 173 ALA n 
# 
_entity_src_gen.entity_id                          1 
_entity_src_gen.pdbx_src_id                        1 
_entity_src_gen.pdbx_alt_source_flag               sample 
_entity_src_gen.pdbx_seq_type                      ? 
_entity_src_gen.pdbx_beg_seq_num                   ? 
_entity_src_gen.pdbx_end_seq_num                   ? 
_entity_src_gen.gene_src_common_name               human 
_entity_src_gen.gene_src_genus                     ? 
_entity_src_gen.pdbx_gene_src_gene                 'RIT1, RIBB, RIT, ROC1' 
_entity_src_gen.gene_src_species                   ? 
_entity_src_gen.gene_src_strain                    ? 
_entity_src_gen.gene_src_tissue                    ? 
_entity_src_gen.gene_src_tissue_fraction           ? 
_entity_src_gen.gene_src_details                   ? 
_entity_src_gen.pdbx_gene_src_fragment             ? 
_entity_src_gen.pdbx_gene_src_scientific_name      'Homo sapiens' 
_entity_src_gen.pdbx_gene_src_ncbi_taxonomy_id     9606 
_entity_src_gen.pdbx_gene_src_variant              ? 
_entity_src_gen.pdbx_gene_src_cell_line            ? 
_entity_src_gen.pdbx_gene_src_atcc                 ? 
_entity_src_gen.pdbx_gene_src_organ                ? 
_entity_src_gen.pdbx_gene_src_organelle            ? 
_entity_src_gen.pdbx_gene_src_cell                 ? 
_entity_src_gen.pdbx_gene_src_cellular_location    ? 
_entity_src_gen.host_org_common_name               ? 
_entity_src_gen.pdbx_host_org_scientific_name      'Escherichia coli' 
_entity_src_gen.pdbx_host_org_ncbi_taxonomy_id     469008 
_entity_src_gen.host_org_genus                     ? 
_entity_src_gen.pdbx_host_org_gene                 ? 
_entity_src_gen.pdbx_host_org_organ                ? 
_entity_src_gen.host_org_species                   ? 
_entity_src_gen.pdbx_host_org_tissue               ? 
_entity_src_gen.pdbx_host_org_tissue_fraction      ? 
_entity_src_gen.pdbx_host_org_strain               'BL21 DE3+ RP' 
_entity_src_gen.pdbx_host_org_variant              ? 
_entity_src_gen.pdbx_host_org_cell_line            ? 
_entity_src_gen.pdbx_host_org_atcc                 ? 
_entity_src_gen.pdbx_host_org_culture_collection   ? 
_entity_src_gen.pdbx_host_org_cell                 ? 
_entity_src_gen.pdbx_host_org_organelle            ? 
_entity_src_gen.pdbx_host_org_cellular_location    ? 
_entity_src_gen.pdbx_host_org_vector_type          plasmid 
_entity_src_gen.pdbx_host_org_vector               ? 
_entity_src_gen.host_org_details                   ? 
_entity_src_gen.expression_system_id               ? 
_entity_src_gen.plasmid_name                       pQTEV 
_entity_src_gen.plasmid_details                    ? 
_entity_src_gen.pdbx_description                   ? 
# 
_struct_ref.id                         1 
_struct_ref.db_name                    UNP 
_struct_ref.db_code                    RIT1_HUMAN 
_struct_ref.pdbx_db_accession          Q92963 
_struct_ref.entity_id                  1 
_struct_ref.pdbx_seq_one_letter_code   
;SREYKLVMLGAGGVGKSAMTMQFISHRFPEDHDPTIEDAYKIRIRIDDEPANLDILDTAGQAEFTAMRDQYMRAGEGFII
CYSITDRRSFHEVREFKQLIYRVRRTDDTPVVLVGNKSDLKQLRQVTKEEGLALAREFSCPFFETSAAYRYYIDDVFHAL
VREIRRKEKEA
;
_struct_ref.pdbx_align_begin           19 
_struct_ref.pdbx_db_isoform            ? 
# 
_struct_ref_seq.align_id                      1 
_struct_ref_seq.ref_id                        1 
_struct_ref_seq.pdbx_PDB_id_code              4KLZ 
_struct_ref_seq.pdbx_strand_id                A 
_struct_ref_seq.seq_align_beg                 3 
_struct_ref_seq.pdbx_seq_align_beg_ins_code   ? 
_struct_ref_seq.seq_align_end                 173 
_struct_ref_seq.pdbx_seq_align_end_ins_code   ? 
_struct_ref_seq.pdbx_db_accession             Q92963 
_struct_ref_seq.db_align_beg                  19 
_struct_ref_seq.pdbx_db_align_beg_ins_code    ? 
_struct_ref_seq.db_align_end                  189 
_struct_ref_seq.pdbx_db_align_end_ins_code    ? 
_struct_ref_seq.pdbx_auth_seq_align_beg       19 
_struct_ref_seq.pdbx_auth_seq_align_end       189 
# 
loop_
_struct_ref_seq_dif.align_id 
_struct_ref_seq_dif.pdbx_pdb_id_code 
_struct_ref_seq_dif.mon_id 
_struct_ref_seq_dif.pdbx_pdb_strand_id 
_struct_ref_seq_dif.seq_num 
_struct_ref_seq_dif.pdbx_pdb_ins_code 
_struct_ref_seq_dif.pdbx_seq_db_name 
_struct_ref_seq_dif.pdbx_seq_db_accession_code 
_struct_ref_seq_dif.db_mon_id 
_struct_ref_seq_dif.pdbx_seq_db_seq_num 
_struct_ref_seq_dif.details 
_struct_ref_seq_dif.pdbx_auth_seq_num 
_struct_ref_seq_dif.pdbx_ordinal 
1 4KLZ GLY A 1 ? UNP Q92963 ? ? 'expression tag' 17 1 
1 4KLZ SER A 2 ? UNP Q92963 ? ? 'expression tag' 18 2 
# 
loop_
_chem_comp.id 
_chem_comp.type 
_chem_comp.mon_nstd_flag 
_chem_comp.name 
_chem_comp.pdbx_synonyms 
_chem_comp.formula 
_chem_comp.formula_weight 
ALA 'L-peptide linking' y ALANINE                    ? 'C3 H7 N O2'        89.093  
ARG 'L-peptide linking' y ARGININE                   ? 'C6 H15 N4 O2 1'    175.209 
ASN 'L-peptide linking' y ASPARAGINE                 ? 'C4 H8 N2 O3'       132.118 
ASP 'L-peptide linking' y 'ASPARTIC ACID'            ? 'C4 H7 N O4'        133.103 
CYS 'L-peptide linking' y CYSTEINE                   ? 'C3 H7 N O2 S'      121.158 
GDP 'RNA linking'       n "GUANOSINE-5'-DIPHOSPHATE" ? 'C10 H15 N5 O11 P2' 443.201 
GLN 'L-peptide linking' y GLUTAMINE                  ? 'C5 H10 N2 O3'      146.144 
GLU 'L-peptide linking' y 'GLUTAMIC ACID'            ? 'C5 H9 N O4'        147.129 
GLY 'peptide linking'   y GLYCINE                    ? 'C2 H5 N O2'        75.067  
HIS 'L-peptide linking' y HISTIDINE                  ? 'C6 H10 N3 O2 1'    156.162 
HOH non-polymer         . WATER                      ? 'H2 O'              18.015  
ILE 'L-peptide linking' y ISOLEUCINE                 ? 'C6 H13 N O2'       131.173 
LEU 'L-peptide linking' y LEUCINE                    ? 'C6 H13 N O2'       131.173 
LYS 'L-peptide linking' y LYSINE                     ? 'C6 H15 N2 O2 1'    147.195 
MET 'L-peptide linking' y METHIONINE                 ? 'C5 H11 N O2 S'     149.211 
MG  non-polymer         . 'MAGNESIUM ION'            ? 'Mg 2'              24.305  
PHE 'L-peptide linking' y PHENYLALANINE              ? 'C9 H11 N O2'       165.189 
PRO 'L-peptide linking' y PROLINE                    ? 'C5 H9 N O2'        115.130 
SER 'L-peptide linking' y SERINE                     ? 'C3 H7 N O3'        105.093 
THR 'L-peptide linking' y THREONINE                  ? 'C4 H9 N O3'        119.119 
TYR 'L-peptide linking' y TYROSINE                   ? 'C9 H11 N O3'       181.189 
VAL 'L-peptide linking' y VALINE                     ? 'C5 H11 N O2'       117.146 
# 
_exptl.entry_id          4KLZ 
_exptl.method            'X-RAY DIFFRACTION' 
_exptl.crystals_number   1 
# 
_exptl_crystal.id                    1 
_exptl_crystal.density_meas          ? 
_exptl_crystal.density_Matthews      ? 
_exptl_crystal.density_percent_sol   ? 
_exptl_crystal.description           ? 
_exptl_crystal.F_000                 ? 
_exptl_crystal.preparation           ? 
# 
_exptl_crystal_grow.crystal_id      1 
_exptl_crystal_grow.method          'VAPOR DIFFUSION, SITTING DROP' 
_exptl_crystal_grow.temp            291 
_exptl_crystal_grow.temp_details    ? 
_exptl_crystal_grow.pH              ? 
_exptl_crystal_grow.pdbx_details    
'11-14% w/v PEG4000, 5-8% v/v Jeffamine M600, imidazole , VAPOR DIFFUSION, SITTING DROP, temperature 291K' 
_exptl_crystal_grow.pdbx_pH_range   7.0-7.2 
# 
_diffrn.id                     1 
_diffrn.ambient_temp           99 
_diffrn.ambient_temp_details   ? 
_diffrn.crystal_id             1 
# 
_diffrn_detector.diffrn_id              1 
_diffrn_detector.detector               CCD 
_diffrn_detector.type                   'Bruker Platinum 135' 
_diffrn_detector.pdbx_collection_date   2007-02-27 
_diffrn_detector.details                ? 
# 
_diffrn_radiation.diffrn_id                        1 
_diffrn_radiation.wavelength_id                    1 
_diffrn_radiation.pdbx_monochromatic_or_laue_m_l   M 
_diffrn_radiation.monochromator                    crystal 
_diffrn_radiation.pdbx_diffrn_protocol             'SINGLE WAVELENGTH' 
_diffrn_radiation.pdbx_scattering_type             x-ray 
# 
_diffrn_radiation_wavelength.id           1 
_diffrn_radiation_wavelength.wavelength   1.54146 
_diffrn_radiation_wavelength.wt           1.0 
# 
_diffrn_source.diffrn_id                   1 
_diffrn_source.source                      'ROTATING ANODE' 
_diffrn_source.type                        OTHER 
_diffrn_source.pdbx_synchrotron_site       ? 
_diffrn_source.pdbx_synchrotron_beamline   ? 
_diffrn_source.pdbx_wavelength             ? 
_diffrn_source.pdbx_wavelength_list        1.54146 
# 
_reflns.entry_id                     4KLZ 
_reflns.observed_criterion_sigma_I   0 
_reflns.observed_criterion_sigma_F   0 
_reflns.d_resolution_low             40.5 
_reflns.d_resolution_high            2.3 
_reflns.number_obs                   5464 
_reflns.number_all                   5464 
_reflns.percent_possible_obs         98 
_reflns.pdbx_Rmerge_I_obs            ? 
_reflns.pdbx_Rsym_value              0.0547 
_reflns.pdbx_netI_over_sigmaI        36.45 
_reflns.B_iso_Wilson_estimate        ? 
_reflns.pdbx_redundancy              ? 
_reflns.R_free_details               ? 
_reflns.limit_h_max                  ? 
_reflns.limit_h_min                  ? 
_reflns.limit_k_max                  ? 
_reflns.limit_k_min                  ? 
_reflns.limit_l_max                  ? 
_reflns.limit_l_min                  ? 
_reflns.observed_criterion_F_max     ? 
_reflns.observed_criterion_F_min     ? 
_reflns.pdbx_chi_squared             ? 
_reflns.pdbx_scaling_rejects         ? 
_reflns.pdbx_ordinal                 1 
_reflns.pdbx_diffrn_id               1 
# 
_refine.entry_id                                 4KLZ 
_refine.ls_number_reflns_obs                     4860 
_refine.ls_number_reflns_all                     82115 
_refine.pdbx_ls_sigma_I                          ? 
_refine.pdbx_ls_sigma_F                          . 
_refine.pdbx_data_cutoff_high_absF               ? 
_refine.pdbx_data_cutoff_low_absF                ? 
_refine.pdbx_data_cutoff_high_rms_absF           ? 
_refine.ls_d_res_low                             40.5 
_refine.ls_d_res_high                            2.3 
_refine.ls_percent_reflns_obs                    98.57 
_refine.ls_R_factor_obs                          0.19786 
_refine.ls_R_factor_all                          . 
_refine.ls_R_factor_R_work                       0.18538 
_refine.ls_R_factor_R_free                       0.31099 
_refine.ls_R_factor_R_free_error                 ? 
_refine.ls_R_factor_R_free_error_details         ? 
_refine.ls_percent_reflns_R_free                 9.7 
_refine.ls_number_reflns_R_free                  520 
_refine.ls_number_parameters                     ? 
_refine.ls_number_restraints                     ? 
_refine.occupancy_min                            ? 
_refine.occupancy_max                            ? 
_refine.correlation_coeff_Fo_to_Fc               0.935 
_refine.correlation_coeff_Fo_to_Fc_free          0.833 
_refine.B_iso_mean                               15.060 
_refine.aniso_B[1][1]                            2.07 
_refine.aniso_B[2][2]                            -1.11 
_refine.aniso_B[3][3]                            -0.99 
_refine.aniso_B[1][2]                            0.00 
_refine.aniso_B[1][3]                            -0.12 
_refine.aniso_B[2][3]                            0.00 
_refine.solvent_model_details                    MASK 
_refine.solvent_model_param_ksol                 ? 
_refine.solvent_model_param_bsol                 ? 
_refine.pdbx_solvent_vdw_probe_radii             1.40 
_refine.pdbx_solvent_ion_probe_radii             0.80 
_refine.pdbx_solvent_shrinkage_radii             0.80 
_refine.pdbx_ls_cross_valid_method               THROUGHOUT 
_refine.details                                  'HYDROGENS HAVE BEEN ADDED IN THE RIDING POSITIONS' 
_refine.pdbx_starting_model                      'pdb entry 2ery' 
_refine.pdbx_method_to_determine_struct          'MOLECULAR REPLACEMENT' 
_refine.pdbx_isotropic_thermal_model             ? 
_refine.pdbx_stereochemistry_target_values       'MAXIMUM LIKELIHOOD' 
_refine.pdbx_stereochem_target_val_spec_case     ? 
_refine.pdbx_R_Free_selection_details            RANDOM 
_refine.pdbx_overall_ESU_R                       ? 
_refine.pdbx_overall_ESU_R_Free                  0.390 
_refine.overall_SU_ML                            0.285 
_refine.pdbx_overall_phase_error                 ? 
_refine.overall_SU_B                             11.230 
_refine.overall_SU_R_Cruickshank_DPI             ? 
_refine.ls_redundancy_reflns_obs                 ? 
_refine.B_iso_min                                ? 
_refine.B_iso_max                                ? 
_refine.overall_SU_R_free                        ? 
_refine.ls_wR_factor_R_free                      ? 
_refine.ls_wR_factor_R_work                      ? 
_refine.overall_FOM_free_R_set                   ? 
_refine.overall_FOM_work_R_set                   ? 
_refine.pdbx_diffrn_id                           1 
_refine.pdbx_refine_id                           'X-RAY DIFFRACTION' 
_refine.pdbx_TLS_residual_ADP_flag               ? 
_refine.pdbx_overall_SU_R_free_Cruickshank_DPI   ? 
_refine.pdbx_overall_SU_R_Blow_DPI               ? 
_refine.pdbx_overall_SU_R_free_Blow_DPI          ? 
# 
_refine_hist.pdbx_refine_id                   'X-RAY DIFFRACTION' 
_refine_hist.cycle_id                         LAST 
_refine_hist.pdbx_number_atoms_protein        1278 
_refine_hist.pdbx_number_atoms_nucleic_acid   0 
_refine_hist.pdbx_number_atoms_ligand         29 
_refine_hist.number_atoms_solvent             18 
_refine_hist.number_atoms_total               1325 
_refine_hist.d_res_high                       2.3 
_refine_hist.d_res_low                        40.5 
# 
loop_
_refine_ls_restr.type 
_refine_ls_restr.dev_ideal 
_refine_ls_restr.dev_ideal_target 
_refine_ls_restr.weight 
_refine_ls_restr.number 
_refine_ls_restr.pdbx_restraint_function 
_refine_ls_restr.pdbx_refine_id 
r_bond_refined_d             0.042  0.022  ? 1345 ? 'X-RAY DIFFRACTION' 
r_bond_other_d               0.002  0.020  ? 951  ? 'X-RAY DIFFRACTION' 
r_angle_refined_deg          3.177  1.988  ? 1817 ? 'X-RAY DIFFRACTION' 
r_angle_other_deg            1.567  3.000  ? 2283 ? 'X-RAY DIFFRACTION' 
r_dihedral_angle_1_deg       12.193 5.000  ? 158  ? 'X-RAY DIFFRACTION' 
r_dihedral_angle_2_deg       37.123 22.429 ? 70   ? 'X-RAY DIFFRACTION' 
r_dihedral_angle_3_deg       23.608 15.000 ? 240  ? 'X-RAY DIFFRACTION' 
r_dihedral_angle_4_deg       21.704 15.000 ? 16   ? 'X-RAY DIFFRACTION' 
r_chiral_restr               0.181  0.200  ? 194  ? 'X-RAY DIFFRACTION' 
r_gen_planes_refined         0.014  0.020  ? 1474 ? 'X-RAY DIFFRACTION' 
r_gen_planes_other           0.004  0.020  ? 306  ? 'X-RAY DIFFRACTION' 
r_nbd_refined                0.307  0.200  ? 368  ? 'X-RAY DIFFRACTION' 
r_nbd_other                  0.270  0.200  ? 1041 ? 'X-RAY DIFFRACTION' 
r_nbtor_refined              0.221  0.200  ? 595  ? 'X-RAY DIFFRACTION' 
r_nbtor_other                0.108  0.200  ? 750  ? 'X-RAY DIFFRACTION' 
r_xyhbond_nbd_refined        0.270  0.200  ? 50   ? 'X-RAY DIFFRACTION' 
r_xyhbond_nbd_other          0.012  0.200  ? 1    ? 'X-RAY DIFFRACTION' 
r_metal_ion_refined          ?      ?      ? ?    ? 'X-RAY DIFFRACTION' 
r_metal_ion_other            ?      ?      ? ?    ? 'X-RAY DIFFRACTION' 
r_symmetry_vdw_refined       0.251  0.200  ? 32   ? 'X-RAY DIFFRACTION' 
r_symmetry_vdw_other         0.360  0.200  ? 96   ? 'X-RAY DIFFRACTION' 
r_symmetry_hbond_refined     0.446  0.200  ? 9    ? 'X-RAY DIFFRACTION' 
r_symmetry_hbond_other       ?      ?      ? ?    ? 'X-RAY DIFFRACTION' 
r_symmetry_metal_ion_refined ?      ?      ? ?    ? 'X-RAY DIFFRACTION' 
r_symmetry_metal_ion_other   ?      ?      ? ?    ? 'X-RAY DIFFRACTION' 
r_mcbond_it                  1.678  1.500  ? 975  ? 'X-RAY DIFFRACTION' 
r_mcbond_other               0.368  1.500  ? 317  ? 'X-RAY DIFFRACTION' 
r_mcangle_it                 2.063  2.000  ? 1261 ? 'X-RAY DIFFRACTION' 
r_scbond_it                  3.337  3.000  ? 661  ? 'X-RAY DIFFRACTION' 
r_scangle_it                 4.403  4.500  ? 554  ? 'X-RAY DIFFRACTION' 
r_rigid_bond_restr           ?      ?      ? ?    ? 'X-RAY DIFFRACTION' 
r_sphericity_free            ?      ?      ? ?    ? 'X-RAY DIFFRACTION' 
r_sphericity_bonded          ?      ?      ? ?    ? 'X-RAY DIFFRACTION' 
# 
_refine_ls_shell.pdbx_total_number_of_bins_used   20 
_refine_ls_shell.d_res_high                       2.298 
_refine_ls_shell.d_res_low                        2.358 
_refine_ls_shell.number_reflns_R_work             335 
_refine_ls_shell.R_factor_R_work                  0.174 
_refine_ls_shell.percent_reflns_obs               93.40 
_refine_ls_shell.R_factor_R_free                  0.417 
_refine_ls_shell.R_factor_R_free_error            ? 
_refine_ls_shell.percent_reflns_R_free            ? 
_refine_ls_shell.number_reflns_R_free             47 
_refine_ls_shell.number_reflns_all                ? 
_refine_ls_shell.R_factor_all                     ? 
_refine_ls_shell.number_reflns_obs                ? 
_refine_ls_shell.redundancy_reflns_obs            ? 
_refine_ls_shell.pdbx_refine_id                   'X-RAY DIFFRACTION' 
# 
_struct.entry_id                  4KLZ 
_struct.title                     
;Inhibition of Small GTPases by Stabilization of the GDP Complex, a Novel Approach applied to Rit1, a Target for Rheumatoid Arthritis
;
_struct.pdbx_model_details        ? 
_struct.pdbx_CASP_flag            ? 
_struct.pdbx_model_type_details   ? 
# 
_struct_keywords.entry_id        4KLZ 
_struct_keywords.pdbx_keywords   'PROTEIN BINDING' 
_struct_keywords.text            
'small GTPase, molecular switch (GTPase), GDP/GTP binding, PROTEIN BINDING, GUANINE NUCLEOTIDE BINDING' 
# 
loop_
_struct_asym.id 
_struct_asym.pdbx_blank_PDB_chainid_flag 
_struct_asym.pdbx_modified 
_struct_asym.entity_id 
_struct_asym.details 
A N N 1 ? 
B N N 2 ? 
C N N 3 ? 
D N N 4 ? 
# 
_struct_biol.id        1 
_struct_biol.details   ? 
# 
loop_
_struct_conf.conf_type_id 
_struct_conf.id 
_struct_conf.pdbx_PDB_helix_id 
_struct_conf.beg_label_comp_id 
_struct_conf.beg_label_asym_id 
_struct_conf.beg_label_seq_id 
_struct_conf.pdbx_beg_PDB_ins_code 
_struct_conf.end_label_comp_id 
_struct_conf.end_label_asym_id 
_struct_conf.end_label_seq_id 
_struct_conf.pdbx_end_PDB_ins_code 
_struct_conf.beg_auth_comp_id 
_struct_conf.beg_auth_asym_id 
_struct_conf.beg_auth_seq_id 
_struct_conf.end_auth_comp_id 
_struct_conf.end_auth_asym_id 
_struct_conf.end_auth_seq_id 
_struct_conf.pdbx_PDB_helix_class 
_struct_conf.details 
_struct_conf.pdbx_PDB_helix_length 
HELX_P HELX_P1 1 GLY A 17  ? HIS A 28  ? GLY A 33  HIS A 44  1 ? 12 
HELX_P HELX_P2 2 ASP A 88  ? GLU A 94  ? ASP A 104 GLU A 110 1 ? 7  
HELX_P HELX_P3 3 GLU A 94  ? ARG A 106 ? GLU A 110 ARG A 122 1 ? 13 
HELX_P HELX_P4 4 LEU A 122 ? ARG A 126 ? LEU A 138 ARG A 142 5 ? 5  
HELX_P HELX_P5 5 THR A 129 ? PHE A 140 ? THR A 145 PHE A 156 1 ? 12 
HELX_P HELX_P6 6 SER A 148 ? ARG A 152 ? SER A 164 ARG A 168 5 ? 5  
HELX_P HELX_P7 7 TYR A 154 ? ARG A 167 ? TYR A 170 ARG A 183 1 ? 14 
# 
_struct_conf_type.id          HELX_P 
_struct_conf_type.criteria    ? 
_struct_conf_type.reference   ? 
# 
loop_
_struct_conn.id 
_struct_conn.conn_type_id 
_struct_conn.pdbx_leaving_atom_flag 
_struct_conn.pdbx_PDB_id 
_struct_conn.ptnr1_label_asym_id 
_struct_conn.ptnr1_label_comp_id 
_struct_conn.ptnr1_label_seq_id 
_struct_conn.ptnr1_label_atom_id 
_struct_conn.pdbx_ptnr1_label_alt_id 
_struct_conn.pdbx_ptnr1_PDB_ins_code 
_struct_conn.pdbx_ptnr1_standard_comp_id 
_struct_conn.ptnr1_symmetry 
_struct_conn.ptnr2_label_asym_id 
_struct_conn.ptnr2_label_comp_id 
_struct_conn.ptnr2_label_seq_id 
_struct_conn.ptnr2_label_atom_id 
_struct_conn.pdbx_ptnr2_label_alt_id 
_struct_conn.pdbx_ptnr2_PDB_ins_code 
_struct_conn.ptnr1_auth_asym_id 
_struct_conn.ptnr1_auth_comp_id 
_struct_conn.ptnr1_auth_seq_id 
_struct_conn.ptnr2_auth_asym_id 
_struct_conn.ptnr2_auth_comp_id 
_struct_conn.ptnr2_auth_seq_id 
_struct_conn.ptnr2_symmetry 
_struct_conn.pdbx_ptnr3_label_atom_id 
_struct_conn.pdbx_ptnr3_label_seq_id 
_struct_conn.pdbx_ptnr3_label_comp_id 
_struct_conn.pdbx_ptnr3_label_asym_id 
_struct_conn.pdbx_ptnr3_label_alt_id 
_struct_conn.pdbx_ptnr3_PDB_ins_code 
_struct_conn.details 
_struct_conn.pdbx_dist_value 
_struct_conn.pdbx_value_order 
_struct_conn.pdbx_role 
metalc1 metalc ? ? A SER 19 OG  ? ? ? 1_555 C MG  . MG ? ? A SER 35  A MG  502 1_555 ? ? ? ? ? ? ? 2.427 ? ? 
metalc2 metalc ? ? B GDP .  O2B ? ? ? 1_555 C MG  . MG ? ? A GDP 501 A MG  502 1_555 ? ? ? ? ? ? ? 1.992 ? ? 
metalc3 metalc ? ? C MG  .  MG  ? ? ? 1_555 D HOH . O  ? ? A MG  502 A HOH 618 1_555 ? ? ? ? ? ? ? 2.213 ? ? 
# 
_struct_conn_type.id          metalc 
_struct_conn_type.criteria    ? 
_struct_conn_type.reference   ? 
# 
_struct_sheet.id               A 
_struct_sheet.type             ? 
_struct_sheet.number_strands   6 
_struct_sheet.details          ? 
# 
loop_
_struct_sheet_order.sheet_id 
_struct_sheet_order.range_id_1 
_struct_sheet_order.range_id_2 
_struct_sheet_order.offset 
_struct_sheet_order.sense 
A 1 2 ? anti-parallel 
A 2 3 ? parallel      
A 3 4 ? parallel      
A 4 5 ? parallel      
A 5 6 ? parallel      
# 
loop_
_struct_sheet_range.sheet_id 
_struct_sheet_range.id 
_struct_sheet_range.beg_label_comp_id 
_struct_sheet_range.beg_label_asym_id 
_struct_sheet_range.beg_label_seq_id 
_struct_sheet_range.pdbx_beg_PDB_ins_code 
_struct_sheet_range.end_label_comp_id 
_struct_sheet_range.end_label_asym_id 
_struct_sheet_range.end_label_seq_id 
_struct_sheet_range.pdbx_end_PDB_ins_code 
_struct_sheet_range.beg_auth_comp_id 
_struct_sheet_range.beg_auth_asym_id 
_struct_sheet_range.beg_auth_seq_id 
_struct_sheet_range.end_auth_comp_id 
_struct_sheet_range.end_auth_asym_id 
_struct_sheet_range.end_auth_seq_id 
A 1 ASP A 40  ? ILE A 46  ? ASP A 56  ILE A 62  
A 2 ALA A 53  ? ASP A 59  ? ALA A 69  ASP A 75  
A 3 TYR A 6   ? LEU A 11  ? TYR A 22  LEU A 27  
A 4 GLY A 79  ? SER A 85  ? GLY A 95  SER A 101 
A 5 VAL A 113 ? ASN A 118 ? VAL A 129 ASN A 134 
A 6 PHE A 144 ? GLU A 146 ? PHE A 160 GLU A 162 
# 
loop_
_pdbx_struct_sheet_hbond.sheet_id 
_pdbx_struct_sheet_hbond.range_id_1 
_pdbx_struct_sheet_hbond.range_id_2 
_pdbx_struct_sheet_hbond.range_1_label_atom_id 
_pdbx_struct_sheet_hbond.range_1_label_comp_id 
_pdbx_struct_sheet_hbond.range_1_label_asym_id 
_pdbx_struct_sheet_hbond.range_1_label_seq_id 
_pdbx_struct_sheet_hbond.range_1_PDB_ins_code 
_pdbx_struct_sheet_hbond.range_1_auth_atom_id 
_pdbx_struct_sheet_hbond.range_1_auth_comp_id 
_pdbx_struct_sheet_hbond.range_1_auth_asym_id 
_pdbx_struct_sheet_hbond.range_1_auth_seq_id 
_pdbx_struct_sheet_hbond.range_2_label_atom_id 
_pdbx_struct_sheet_hbond.range_2_label_comp_id 
_pdbx_struct_sheet_hbond.range_2_label_asym_id 
_pdbx_struct_sheet_hbond.range_2_label_seq_id 
_pdbx_struct_sheet_hbond.range_2_PDB_ins_code 
_pdbx_struct_sheet_hbond.range_2_auth_atom_id 
_pdbx_struct_sheet_hbond.range_2_auth_comp_id 
_pdbx_struct_sheet_hbond.range_2_auth_asym_id 
_pdbx_struct_sheet_hbond.range_2_auth_seq_id 
A 1 2 N ILE A 46  ? N ILE A 62  O ALA A 53  ? O ALA A 69  
A 2 3 O ASN A 54  ? O ASN A 70  N TYR A 6   ? N TYR A 22  
A 3 4 N VAL A 9   ? N VAL A 25  O GLY A 79  ? O GLY A 95  
A 4 5 N TYR A 84  ? N TYR A 100 O ASN A 118 ? O ASN A 134 
A 5 6 N GLY A 117 ? N GLY A 133 O PHE A 145 ? O PHE A 161 
# 
loop_
_struct_site.id 
_struct_site.pdbx_evidence_code 
_struct_site.pdbx_auth_asym_id 
_struct_site.pdbx_auth_comp_id 
_struct_site.pdbx_auth_seq_id 
_struct_site.pdbx_auth_ins_code 
_struct_site.pdbx_num_residues 
_struct_site.details 
AC1 Software A GDP 501 ? 17 'BINDING SITE FOR RESIDUE GDP A 501' 
AC2 Software A MG  502 ? 3  'BINDING SITE FOR RESIDUE MG A 502'  
# 
loop_
_struct_site_gen.id 
_struct_site_gen.site_id 
_struct_site_gen.pdbx_num_res 
_struct_site_gen.label_comp_id 
_struct_site_gen.label_asym_id 
_struct_site_gen.label_seq_id 
_struct_site_gen.pdbx_auth_ins_code 
_struct_site_gen.auth_comp_id 
_struct_site_gen.auth_asym_id 
_struct_site_gen.auth_seq_id 
_struct_site_gen.label_atom_id 
_struct_site_gen.label_alt_id 
_struct_site_gen.symmetry 
_struct_site_gen.details 
1  AC1 17 GLY A 15  ? GLY A 31  . ? 1_555 ? 
2  AC1 17 VAL A 16  ? VAL A 32  . ? 1_555 ? 
3  AC1 17 GLY A 17  ? GLY A 33  . ? 1_555 ? 
4  AC1 17 LYS A 18  ? LYS A 34  . ? 1_555 ? 
5  AC1 17 SER A 19  ? SER A 35  . ? 1_555 ? 
6  AC1 17 ALA A 20  ? ALA A 36  . ? 1_555 ? 
7  AC1 17 PHE A 30  ? PHE A 46  . ? 1_555 ? 
8  AC1 17 GLU A 32  ? GLU A 48  . ? 1_555 ? 
9  AC1 17 ASN A 118 ? ASN A 134 . ? 1_555 ? 
10 AC1 17 LYS A 119 ? LYS A 135 . ? 1_555 ? 
11 AC1 17 ASP A 121 ? ASP A 137 . ? 1_555 ? 
12 AC1 17 LEU A 122 ? LEU A 138 . ? 1_555 ? 
13 AC1 17 SER A 148 ? SER A 164 . ? 1_555 ? 
14 AC1 17 ALA A 149 ? ALA A 165 . ? 1_555 ? 
15 AC1 17 ALA A 150 ? ALA A 166 . ? 1_555 ? 
16 AC1 17 MG  C .   ? MG  A 502 . ? 1_555 ? 
17 AC1 17 HOH D .   ? HOH A 618 . ? 1_555 ? 
18 AC2 3  SER A 19  ? SER A 35  . ? 1_555 ? 
19 AC2 3  GDP B .   ? GDP A 501 . ? 1_555 ? 
20 AC2 3  HOH D .   ? HOH A 618 . ? 1_555 ? 
# 
_atom_sites.entry_id                    4KLZ 
_atom_sites.fract_transf_matrix[1][1]   0.01313124 
_atom_sites.fract_transf_matrix[1][2]   -0.00086308 
_atom_sites.fract_transf_matrix[1][3]   0.02120813 
_atom_sites.fract_transf_matrix[2][1]   -0.00717545 
_atom_sites.fract_transf_matrix[2][2]   0.02543763 
_atom_sites.fract_transf_matrix[2][3]   0.00547796 
_atom_sites.fract_transf_matrix[3][1]   -0.01849581 
_atom_sites.fract_transf_matrix[3][2]   -0.00825388 
_atom_sites.fract_transf_matrix[3][3]   0.01410076 
_atom_sites.fract_transf_vector[1]      0.330930 
_atom_sites.fract_transf_vector[2]      0.009622 
_atom_sites.fract_transf_vector[3]      0.246433 
# 
loop_
_atom_type.symbol 
C  
MG 
N  
O  
P  
S  
# 
loop_
_atom_site.group_PDB 
_atom_site.id 
_atom_site.type_symbol 
_atom_site.label_atom_id 
_atom_site.label_alt_id 
_atom_site.label_comp_id 
_atom_site.label_asym_id 
_atom_site.label_entity_id 
_atom_site.label_seq_id 
_atom_site.pdbx_PDB_ins_code 
_atom_site.Cartn_x 
_atom_site.Cartn_y 
_atom_site.Cartn_z 
_atom_site.occupancy 
_atom_site.B_iso_or_equiv 
_atom_site.pdbx_formal_charge 
_atom_site.auth_seq_id 
_atom_site.auth_comp_id 
_atom_site.auth_asym_id 
_atom_site.auth_atom_id 
_atom_site.pdbx_PDB_model_num 
ATOM   1    N  N     . GLU A 1 5   ? -7.178  -9.695  -14.329 1.00 27.89 ? 21  GLU A N     1 
ATOM   2    C  CA    . GLU A 1 5   ? -6.584  -8.302  -14.472 1.00 27.34 ? 21  GLU A CA    1 
ATOM   3    C  C     . GLU A 1 5   ? -7.239  -7.303  -13.489 1.00 27.79 ? 21  GLU A C     1 
ATOM   4    O  O     . GLU A 1 5   ? -8.473  -7.075  -13.551 1.00 24.62 ? 21  GLU A O     1 
ATOM   5    C  CB    . GLU A 1 5   ? -6.671  -7.761  -15.868 1.00 27.87 ? 21  GLU A CB    1 
ATOM   6    C  CG    . GLU A 1 5   ? -5.684  -6.629  -16.216 1.00 28.45 ? 21  GLU A CG    1 
ATOM   7    C  CD    . GLU A 1 5   ? -5.158  -6.691  -17.670 1.00 29.75 ? 21  GLU A CD    1 
ATOM   8    O  OE1   . GLU A 1 5   ? -5.613  -7.508  -18.498 1.00 30.89 ? 21  GLU A OE1   1 
ATOM   9    O  OE2   . GLU A 1 5   ? -4.269  -5.901  -18.028 1.00 33.63 ? 21  GLU A OE2   1 
ATOM   10   N  N     . TYR A 1 6   ? -6.364  -6.741  -12.594 1.00 25.89 ? 22  TYR A N     1 
ATOM   11   C  CA    . TYR A 1 6   ? -6.771  -6.128  -11.287 1.00 24.59 ? 22  TYR A CA    1 
ATOM   12   C  C     . TYR A 1 6   ? -6.129  -4.744  -11.148 1.00 23.89 ? 22  TYR A C     1 
ATOM   13   O  O     . TYR A 1 6   ? -4.905  -4.589  -11.198 1.00 23.85 ? 22  TYR A O     1 
ATOM   14   C  CB    . TYR A 1 6   ? -6.229  -6.929  -10.082 1.00 23.97 ? 22  TYR A CB    1 
ATOM   15   C  CG    . TYR A 1 6   ? -6.654  -8.381  -9.910  1.00 21.67 ? 22  TYR A CG    1 
ATOM   16   C  CD1   . TYR A 1 6   ? -7.615  -8.715  -9.009  1.00 21.83 ? 22  TYR A CD1   1 
ATOM   17   C  CD2   . TYR A 1 6   ? -5.967  -9.434  -10.565 1.00 24.87 ? 22  TYR A CD2   1 
ATOM   18   C  CE1   . TYR A 1 6   ? -7.984  -10.042 -8.782  1.00 19.45 ? 22  TYR A CE1   1 
ATOM   19   C  CE2   . TYR A 1 6   ? -6.329  -10.753 -10.381 1.00 20.94 ? 22  TYR A CE2   1 
ATOM   20   C  CZ    . TYR A 1 6   ? -7.406  -11.044 -9.485  1.00 22.46 ? 22  TYR A CZ    1 
ATOM   21   O  OH    . TYR A 1 6   ? -7.825  -12.372 -9.196  1.00 23.49 ? 22  TYR A OH    1 
ATOM   22   N  N     . LYS A 1 7   ? -6.906  -3.728  -10.895 1.00 23.03 ? 23  LYS A N     1 
ATOM   23   C  CA    . LYS A 1 7   ? -6.279  -2.396  -10.740 1.00 20.98 ? 23  LYS A CA    1 
ATOM   24   C  C     . LYS A 1 7   ? -6.202  -2.048  -9.215  1.00 20.11 ? 23  LYS A C     1 
ATOM   25   O  O     . LYS A 1 7   ? -7.226  -2.132  -8.591  1.00 18.28 ? 23  LYS A O     1 
ATOM   26   C  CB    . LYS A 1 7   ? -7.057  -1.330  -11.490 1.00 20.31 ? 23  LYS A CB    1 
ATOM   27   C  CG    . LYS A 1 7   ? -7.728  -1.724  -12.826 1.00 19.61 ? 23  LYS A CG    1 
ATOM   28   C  CD    . LYS A 1 7   ? -8.673  -0.607  -13.176 1.00 21.92 ? 23  LYS A CD    1 
ATOM   29   C  CE    . LYS A 1 7   ? -10.129 -1.104  -13.678 1.00 21.88 ? 23  LYS A CE    1 
ATOM   30   N  NZ    . LYS A 1 7   ? -11.265 -1.147  -12.581 1.00 26.76 ? 23  LYS A NZ    1 
ATOM   31   N  N     . LEU A 1 8   ? -4.993  -1.686  -8.696  1.00 17.80 ? 24  LEU A N     1 
ATOM   32   C  CA    . LEU A 1 8   ? -4.724  -1.379  -7.255  1.00 16.65 ? 24  LEU A CA    1 
ATOM   33   C  C     . LEU A 1 8   ? -4.222  0.074   -7.092  1.00 14.61 ? 24  LEU A C     1 
ATOM   34   O  O     . LEU A 1 8   ? -3.550  0.638   -7.906  1.00 14.23 ? 24  LEU A O     1 
ATOM   35   C  CB    . LEU A 1 8   ? -3.635  -2.229  -6.677  1.00 14.83 ? 24  LEU A CB    1 
ATOM   36   C  CG    . LEU A 1 8   ? -3.348  -3.542  -7.329  1.00 19.86 ? 24  LEU A CG    1 
ATOM   37   C  CD1   . LEU A 1 8   ? -2.439  -4.372  -6.424  1.00 18.28 ? 24  LEU A CD1   1 
ATOM   38   C  CD2   . LEU A 1 8   ? -4.695  -4.138  -7.605  1.00 19.20 ? 24  LEU A CD2   1 
ATOM   39   N  N     . VAL A 1 9   ? -4.458  0.648   -5.972  1.00 13.71 ? 25  VAL A N     1 
ATOM   40   C  CA    . VAL A 1 9   ? -4.076  2.025   -5.784  1.00 11.09 ? 25  VAL A CA    1 
ATOM   41   C  C     . VAL A 1 9   ? -3.277  2.138   -4.554  1.00 9.16  ? 25  VAL A C     1 
ATOM   42   O  O     . VAL A 1 9   ? -3.755  1.758   -3.575  1.00 7.12  ? 25  VAL A O     1 
ATOM   43   C  CB    . VAL A 1 9   ? -5.368  2.879   -5.639  1.00 11.10 ? 25  VAL A CB    1 
ATOM   44   C  CG1   . VAL A 1 9   ? -5.060  4.422   -5.695  1.00 5.32  ? 25  VAL A CG1   1 
ATOM   45   C  CG2   . VAL A 1 9   ? -6.316  2.465   -6.747  1.00 11.68 ? 25  VAL A CG2   1 
ATOM   46   N  N     . MET A 1 10  ? -2.117  2.790   -4.592  1.00 10.05 ? 26  MET A N     1 
ATOM   47   C  CA    . MET A 1 10  ? -1.356  3.057   -3.388  1.00 9.36  ? 26  MET A CA    1 
ATOM   48   C  C     . MET A 1 10  ? -1.797  4.380   -2.878  1.00 9.42  ? 26  MET A C     1 
ATOM   49   O  O     . MET A 1 10  ? -1.805  5.285   -3.575  1.00 12.70 ? 26  MET A O     1 
ATOM   50   C  CB    . MET A 1 10  ? 0.059   3.162   -3.700  1.00 9.71  ? 26  MET A CB    1 
ATOM   51   C  CG    . MET A 1 10  ? 0.680   2.026   -4.525  1.00 13.93 ? 26  MET A CG    1 
ATOM   52   S  SD    . MET A 1 10  ? 0.871   0.501   -3.627  1.00 13.41 ? 26  MET A SD    1 
ATOM   53   C  CE    . MET A 1 10  ? 1.881   0.754   -2.206  1.00 2.85  ? 26  MET A CE    1 
ATOM   54   N  N     . LEU A 1 11  ? -2.204  4.449   -1.630  1.00 9.34  ? 27  LEU A N     1 
ATOM   55   C  CA    . LEU A 1 11  ? -2.528  5.605   -0.904  1.00 6.35  ? 27  LEU A CA    1 
ATOM   56   C  C     . LEU A 1 11  ? -1.546  5.824   0.226   1.00 6.45  ? 27  LEU A C     1 
ATOM   57   O  O     . LEU A 1 11  ? -1.117  4.965   0.862   1.00 6.00  ? 27  LEU A O     1 
ATOM   58   C  CB    . LEU A 1 11  ? -3.937  5.519   -0.366  1.00 5.89  ? 27  LEU A CB    1 
ATOM   59   C  CG    . LEU A 1 11  ? -4.996  5.493   -1.512  1.00 8.65  ? 27  LEU A CG    1 
ATOM   60   C  CD1   . LEU A 1 11  ? -6.262  5.177   -0.964  1.00 6.86  ? 27  LEU A CD1   1 
ATOM   61   C  CD2   . LEU A 1 11  ? -5.077  6.721   -2.559  1.00 5.96  ? 27  LEU A CD2   1 
ATOM   62   N  N     . GLY A 1 12  ? -1.185  7.051   0.502   1.00 7.81  ? 28  GLY A N     1 
ATOM   63   C  CA    . GLY A 1 12  ? -0.274  7.324   1.684   1.00 7.44  ? 28  GLY A CA    1 
ATOM   64   C  C     . GLY A 1 12  ? 0.215   8.740   1.701   1.00 6.37  ? 28  GLY A C     1 
ATOM   65   O  O     . GLY A 1 12  ? 0.380   9.343   0.664   1.00 8.04  ? 28  GLY A O     1 
ATOM   66   N  N     . ALA A 1 13  ? 0.458   9.276   2.905   1.00 8.45  ? 29  ALA A N     1 
ATOM   67   C  CA    . ALA A 1 13  ? 1.230   10.578  3.079   1.00 7.83  ? 29  ALA A CA    1 
ATOM   68   C  C     . ALA A 1 13  ? 2.445   10.579  2.087   1.00 7.05  ? 29  ALA A C     1 
ATOM   69   O  O     . ALA A 1 13  ? 2.887   9.522   1.687   1.00 7.56  ? 29  ALA A O     1 
ATOM   70   C  CB    . ALA A 1 13  ? 1.603   10.867  4.583   1.00 6.44  ? 29  ALA A CB    1 
ATOM   71   N  N     . GLY A 1 14  ? 2.778   11.744  1.525   1.00 5.63  ? 30  GLY A N     1 
ATOM   72   C  CA    . GLY A 1 14  ? 4.123   12.013  1.016   1.00 7.76  ? 30  GLY A CA    1 
ATOM   73   C  C     . GLY A 1 14  ? 5.265   11.388  1.790   1.00 7.99  ? 30  GLY A C     1 
ATOM   74   O  O     . GLY A 1 14  ? 5.312   11.406  3.060   1.00 9.93  ? 30  GLY A O     1 
ATOM   75   N  N     . GLY A 1 15  ? 6.179   10.815  1.014   1.00 8.94  ? 31  GLY A N     1 
ATOM   76   C  CA    . GLY A 1 15  ? 7.454   10.364  1.567   1.00 9.00  ? 31  GLY A CA    1 
ATOM   77   C  C     . GLY A 1 15  ? 7.535   9.106   2.414   1.00 7.88  ? 31  GLY A C     1 
ATOM   78   O  O     . GLY A 1 15  ? 8.521   8.844   2.995   1.00 10.21 ? 31  GLY A O     1 
ATOM   79   N  N     . VAL A 1 16  ? 6.501   8.336   2.504   1.00 9.29  ? 32  VAL A N     1 
ATOM   80   C  CA    . VAL A 1 16  ? 6.477   7.124   3.372   1.00 8.79  ? 32  VAL A CA    1 
ATOM   81   C  C     . VAL A 1 16  ? 7.048   5.904   2.623   1.00 8.98  ? 32  VAL A C     1 
ATOM   82   O  O     . VAL A 1 16  ? 7.245   4.912   3.259   1.00 9.84  ? 32  VAL A O     1 
ATOM   83   C  CB    . VAL A 1 16  ? 5.037   6.734   3.861   1.00 7.86  ? 32  VAL A CB    1 
ATOM   84   C  CG1   . VAL A 1 16  ? 4.471   7.712   4.820   1.00 7.45  ? 32  VAL A CG1   1 
ATOM   85   C  CG2   . VAL A 1 16  ? 3.980   6.727   2.755   1.00 10.65 ? 32  VAL A CG2   1 
ATOM   86   N  N     . GLY A 1 17  ? 7.245   5.973   1.296   1.00 8.79  ? 33  GLY A N     1 
ATOM   87   C  CA    . GLY A 1 17  ? 7.758   4.845   0.431   1.00 8.73  ? 33  GLY A CA    1 
ATOM   88   C  C     . GLY A 1 17  ? 6.774   4.124   -0.507  1.00 8.23  ? 33  GLY A C     1 
ATOM   89   O  O     . GLY A 1 17  ? 6.965   2.963   -0.797  1.00 8.96  ? 33  GLY A O     1 
ATOM   90   N  N     . LYS A 1 18  ? 5.716   4.787   -0.979  1.00 7.80  ? 34  LYS A N     1 
ATOM   91   C  CA    . LYS A 1 18  ? 4.755   4.142   -1.836  1.00 8.87  ? 34  LYS A CA    1 
ATOM   92   C  C     . LYS A 1 18  ? 5.430   3.723   -3.156  1.00 11.08 ? 34  LYS A C     1 
ATOM   93   O  O     . LYS A 1 18  ? 5.204   2.616   -3.707  1.00 12.82 ? 34  LYS A O     1 
ATOM   94   C  CB    . LYS A 1 18  ? 3.626   5.072   -2.159  1.00 8.80  ? 34  LYS A CB    1 
ATOM   95   C  CG    . LYS A 1 18  ? 2.667   5.334   -1.097  1.00 8.80  ? 34  LYS A CG    1 
ATOM   96   C  CD    . LYS A 1 18  ? 1.683   6.399   -1.560  1.00 9.19  ? 34  LYS A CD    1 
ATOM   97   C  CE    . LYS A 1 18  ? 2.220   7.783   -1.919  1.00 6.91  ? 34  LYS A CE    1 
ATOM   98   N  NZ    . LYS A 1 18  ? 3.039   8.701   -0.935  1.00 7.27  ? 34  LYS A NZ    1 
ATOM   99   N  N     . SER A 1 19  ? 6.240   4.653   -3.663  1.00 11.87 ? 35  SER A N     1 
ATOM   100  C  CA    . SER A 1 19  ? 7.053   4.501   -4.838  1.00 9.94  ? 35  SER A CA    1 
ATOM   101  C  C     . SER A 1 19  ? 8.143   3.434   -4.743  1.00 10.96 ? 35  SER A C     1 
ATOM   102  O  O     . SER A 1 19  ? 8.274   2.650   -5.713  1.00 9.15  ? 35  SER A O     1 
ATOM   103  C  CB    . SER A 1 19  ? 7.613   5.844   -5.279  1.00 8.78  ? 35  SER A CB    1 
ATOM   104  O  OG    . SER A 1 19  ? 6.630   6.630   -5.877  1.00 7.86  ? 35  SER A OG    1 
ATOM   105  N  N     . ALA A 1 20  ? 8.947   3.434   -3.618  1.00 10.83 ? 36  ALA A N     1 
ATOM   106  C  CA    . ALA A 1 20  ? 10.022  2.512   -3.480  1.00 10.06 ? 36  ALA A CA    1 
ATOM   107  C  C     . ALA A 1 20  ? 9.361   1.094   -3.400  1.00 11.93 ? 36  ALA A C     1 
ATOM   108  O  O     . ALA A 1 20  ? 9.819   0.146   -4.099  1.00 10.62 ? 36  ALA A O     1 
ATOM   109  C  CB    . ALA A 1 20  ? 11.039  2.851   -2.369  1.00 10.25 ? 36  ALA A CB    1 
ATOM   110  N  N     . MET A 1 21  ? 8.264   1.010   -2.661  1.00 10.10 ? 37  MET A N     1 
ATOM   111  C  CA    . MET A 1 21  ? 7.500   -0.215  -2.588  1.00 11.75 ? 37  MET A CA    1 
ATOM   112  C  C     . MET A 1 21  ? 6.997   -0.733  -3.930  1.00 10.82 ? 37  MET A C     1 
ATOM   113  O  O     . MET A 1 21  ? 7.172   -1.896  -4.273  1.00 11.27 ? 37  MET A O     1 
ATOM   114  C  CB    . MET A 1 21  ? 6.254   -0.029  -1.674  1.00 11.84 ? 37  MET A CB    1 
ATOM   115  C  CG    . MET A 1 21  ? 6.534   -0.028  -0.188  1.00 16.64 ? 37  MET A CG    1 
ATOM   116  S  SD    . MET A 1 21  ? 5.203   0.652   0.905   1.00 13.35 ? 37  MET A SD    1 
ATOM   117  C  CE    . MET A 1 21  ? 4.052   -0.668  0.862   1.00 14.83 ? 37  MET A CE    1 
ATOM   118  N  N     . THR A 1 22  ? 6.199   0.064   -4.598  1.00 12.14 ? 38  THR A N     1 
ATOM   119  C  CA    . THR A 1 22  ? 5.634   -0.318  -5.952  1.00 13.15 ? 38  THR A CA    1 
ATOM   120  C  C     . THR A 1 22  ? 6.742   -0.761  -6.893  1.00 12.53 ? 38  THR A C     1 
ATOM   121  O  O     . THR A 1 22  ? 6.588   -1.682  -7.613  1.00 11.86 ? 38  THR A O     1 
ATOM   122  C  CB    . THR A 1 22  ? 4.815   0.826   -6.531  1.00 12.20 ? 38  THR A CB    1 
ATOM   123  O  OG1   . THR A 1 22  ? 4.078   1.482   -5.476  1.00 8.38  ? 38  THR A OG1   1 
ATOM   124  C  CG2   . THR A 1 22  ? 3.881   0.367   -7.541  1.00 16.05 ? 38  THR A CG2   1 
ATOM   125  N  N     . MET A 1 23  ? 7.920   -0.155  -6.802  1.00 14.16 ? 39  MET A N     1 
ATOM   126  C  CA    A MET A 1 23  ? 8.997   -0.439  -7.786  0.50 14.07 ? 39  MET A CA    1 
ATOM   127  C  CA    B MET A 1 23  ? 9.020   -0.384  -7.754  0.50 14.08 ? 39  MET A CA    1 
ATOM   128  C  C     . MET A 1 23  ? 9.864   -1.606  -7.367  1.00 14.61 ? 39  MET A C     1 
ATOM   129  O  O     . MET A 1 23  ? 10.361  -2.332  -8.234  1.00 15.21 ? 39  MET A O     1 
ATOM   130  C  CB    A MET A 1 23  ? 9.879   0.786   -8.067  0.50 14.45 ? 39  MET A CB    1 
ATOM   131  C  CB    B MET A 1 23  ? 9.878   0.887   -7.797  0.50 14.40 ? 39  MET A CB    1 
ATOM   132  C  CG    A MET A 1 23  ? 9.132   1.962   -8.643  0.50 14.48 ? 39  MET A CG    1 
ATOM   133  C  CG    B MET A 1 23  ? 10.515  1.212   -9.072  0.50 14.50 ? 39  MET A CG    1 
ATOM   134  S  SD    A MET A 1 23  ? 8.337   1.568   -10.191 0.50 18.59 ? 39  MET A SD    1 
ATOM   135  S  SD    B MET A 1 23  ? 10.366  2.956   -9.507  0.50 14.21 ? 39  MET A SD    1 
ATOM   136  C  CE    A MET A 1 23  ? 8.930   2.878   -11.250 0.50 12.16 ? 39  MET A CE    1 
ATOM   137  C  CE    B MET A 1 23  ? 11.142  2.805   -11.105 0.50 10.86 ? 39  MET A CE    1 
ATOM   138  N  N     . GLN A 1 24  ? 10.002  -1.816  -6.045  1.00 12.54 ? 40  GLN A N     1 
ATOM   139  C  CA    . GLN A 1 24  ? 10.577  -3.009  -5.565  1.00 13.20 ? 40  GLN A CA    1 
ATOM   140  C  C     . GLN A 1 24  ? 9.676   -4.205  -5.991  1.00 13.53 ? 40  GLN A C     1 
ATOM   141  O  O     . GLN A 1 24  ? 10.209  -5.330  -6.316  1.00 14.04 ? 40  GLN A O     1 
ATOM   142  C  CB    . GLN A 1 24  ? 10.764  -3.000  -4.046  1.00 12.75 ? 40  GLN A CB    1 
ATOM   143  C  CG    . GLN A 1 24  ? 12.023  -2.254  -3.573  1.00 14.05 ? 40  GLN A CG    1 
ATOM   144  C  CD    . GLN A 1 24  ? 13.303  -2.998  -3.805  1.00 14.79 ? 40  GLN A CD    1 
ATOM   145  O  OE1   . GLN A 1 24  ? 13.372  -3.912  -4.641  1.00 13.52 ? 40  GLN A OE1   1 
ATOM   146  N  NE2   . GLN A 1 24  ? 14.357  -2.615  -3.039  1.00 12.24 ? 40  GLN A NE2   1 
ATOM   147  N  N     . PHE A 1 25  ? 8.365   -4.011  -5.873  1.00 11.48 ? 41  PHE A N     1 
ATOM   148  C  CA    . PHE A 1 25  ? 7.410   -5.026  -6.322  1.00 12.65 ? 41  PHE A CA    1 
ATOM   149  C  C     . PHE A 1 25  ? 7.478   -5.446  -7.779  1.00 11.95 ? 41  PHE A C     1 
ATOM   150  O  O     . PHE A 1 25  ? 7.480   -6.595  -8.080  1.00 9.35  ? 41  PHE A O     1 
ATOM   151  C  CB    . PHE A 1 25  ? 5.936   -4.651  -6.088  1.00 12.21 ? 41  PHE A CB    1 
ATOM   152  C  CG    . PHE A 1 25  ? 4.983   -5.862  -6.361  1.00 12.11 ? 41  PHE A CG    1 
ATOM   153  C  CD1   . PHE A 1 25  ? 3.958   -5.755  -7.201  1.00 9.69  ? 41  PHE A CD1   1 
ATOM   154  C  CD2   . PHE A 1 25  ? 5.232   -7.108  -5.783  1.00 8.99  ? 41  PHE A CD2   1 
ATOM   155  C  CE1   . PHE A 1 25  ? 3.093   -6.899  -7.434  1.00 14.67 ? 41  PHE A CE1   1 
ATOM   156  C  CE2   . PHE A 1 25  ? 4.459   -8.182  -6.052  1.00 10.76 ? 41  PHE A CE2   1 
ATOM   157  C  CZ    . PHE A 1 25  ? 3.358   -8.079  -6.892  1.00 11.33 ? 41  PHE A CZ    1 
ATOM   158  N  N     . ILE A 1 26  ? 7.372   -4.438  -8.658  1.00 14.36 ? 42  ILE A N     1 
ATOM   159  C  CA    . ILE A 1 26  ? 7.308   -4.565  -10.115 1.00 13.98 ? 42  ILE A CA    1 
ATOM   160  C  C     . ILE A 1 26  ? 8.593   -4.922  -10.790 1.00 15.06 ? 42  ILE A C     1 
ATOM   161  O  O     . ILE A 1 26  ? 8.556   -5.551  -11.806 1.00 18.97 ? 42  ILE A O     1 
ATOM   162  C  CB    . ILE A 1 26  ? 6.883   -3.270  -10.757 1.00 13.99 ? 42  ILE A CB    1 
ATOM   163  C  CG1   . ILE A 1 26  ? 5.522   -2.823  -10.129 1.00 15.27 ? 42  ILE A CG1   1 
ATOM   164  C  CG2   . ILE A 1 26  ? 6.717   -3.484  -12.308 1.00 12.66 ? 42  ILE A CG2   1 
ATOM   165  C  CD1   . ILE A 1 26  ? 4.563   -3.976  -9.804  1.00 15.95 ? 42  ILE A CD1   1 
ATOM   166  N  N     . SER A 1 27  ? 9.716   -4.399  -10.349 1.00 16.17 ? 43  SER A N     1 
ATOM   167  C  CA    . SER A 1 27  ? 10.996  -4.651  -11.006 1.00 14.68 ? 43  SER A CA    1 
ATOM   168  C  C     . SER A 1 27  ? 12.197  -4.724  -10.094 1.00 14.06 ? 43  SER A C     1 
ATOM   169  O  O     . SER A 1 27  ? 13.350  -4.556  -10.520 1.00 12.65 ? 43  SER A O     1 
ATOM   170  C  CB    . SER A 1 27  ? 11.199  -3.689  -12.092 1.00 14.15 ? 43  SER A CB    1 
ATOM   171  O  OG    . SER A 1 27  ? 10.898  -2.462  -11.617 1.00 17.34 ? 43  SER A OG    1 
ATOM   172  N  N     . HIS A 1 28  ? 11.937  -5.051  -8.844  1.00 12.90 ? 44  HIS A N     1 
ATOM   173  C  CA    . HIS A 1 28  ? 13.026  -5.366  -8.000  1.00 13.90 ? 44  HIS A CA    1 
ATOM   174  C  C     . HIS A 1 28  ? 14.141  -4.261  -7.993  1.00 13.33 ? 44  HIS A C     1 
ATOM   175  O  O     . HIS A 1 28  ? 15.287  -4.595  -7.801  1.00 13.06 ? 44  HIS A O     1 
ATOM   176  C  CB    . HIS A 1 28  ? 13.643  -6.757  -8.421  1.00 14.32 ? 44  HIS A CB    1 
ATOM   177  C  CG    . HIS A 1 28  ? 12.950  -7.939  -7.870  1.00 8.62  ? 44  HIS A CG    1 
ATOM   178  N  ND1   . HIS A 1 28  ? 13.485  -8.692  -6.840  1.00 13.43 ? 44  HIS A ND1   1 
ATOM   179  C  CD2   . HIS A 1 28  ? 11.773  -8.510  -8.203  1.00 8.76  ? 44  HIS A CD2   1 
ATOM   180  C  CE1   . HIS A 1 28  ? 12.637  -9.667  -6.559  1.00 12.49 ? 44  HIS A CE1   1 
ATOM   181  N  NE2   . HIS A 1 28  ? 11.585  -9.550  -7.342  1.00 2.59  ? 44  HIS A NE2   1 
ATOM   182  N  N     . ARG A 1 29  ? 13.708  -2.981  -7.924  1.00 13.01 ? 45  ARG A N     1 
ATOM   183  C  CA    . ARG A 1 29  ? 14.535  -1.859  -7.872  1.00 14.40 ? 45  ARG A CA    1 
ATOM   184  C  C     . ARG A 1 29  ? 14.063  -0.820  -6.786  1.00 13.84 ? 45  ARG A C     1 
ATOM   185  O  O     . ARG A 1 29  ? 12.886  -0.581  -6.609  1.00 13.45 ? 45  ARG A O     1 
ATOM   186  C  CB    . ARG A 1 29  ? 14.698  -1.255  -9.295  1.00 12.01 ? 45  ARG A CB    1 
ATOM   187  C  CG    . ARG A 1 29  ? 13.723  -0.221  -9.741  1.00 15.98 ? 45  ARG A CG    1 
ATOM   188  C  CD    . ARG A 1 29  ? 14.288  1.308   -9.898  1.00 21.14 ? 45  ARG A CD    1 
ATOM   189  N  NE    . ARG A 1 29  ? 15.606  1.423   -9.257  1.00 26.91 ? 45  ARG A NE    1 
ATOM   190  C  CZ    . ARG A 1 29  ? 16.799  1.305   -9.874  1.00 22.20 ? 45  ARG A CZ    1 
ATOM   191  N  NH1   . ARG A 1 29  ? 17.016  1.215   -11.218 1.00 22.88 ? 45  ARG A NH1   1 
ATOM   192  N  NH2   . ARG A 1 29  ? 17.787  1.363   -9.109  1.00 25.50 ? 45  ARG A NH2   1 
ATOM   193  N  N     . PHE A 1 30  ? 14.999  -0.218  -6.059  1.00 14.30 ? 46  PHE A N     1 
ATOM   194  C  CA    . PHE A 1 30  ? 14.685  0.813   -5.047  1.00 16.21 ? 46  PHE A CA    1 
ATOM   195  C  C     . PHE A 1 30  ? 15.060  2.143   -5.758  1.00 19.29 ? 46  PHE A C     1 
ATOM   196  O  O     . PHE A 1 30  ? 16.213  2.256   -6.279  1.00 21.11 ? 46  PHE A O     1 
ATOM   197  C  CB    . PHE A 1 30  ? 15.533  0.477   -3.783  1.00 13.21 ? 46  PHE A CB    1 
ATOM   198  C  CG    . PHE A 1 30  ? 15.419  1.475   -2.642  1.00 13.81 ? 46  PHE A CG    1 
ATOM   199  C  CD1   . PHE A 1 30  ? 14.229  1.857   -2.150  1.00 12.49 ? 46  PHE A CD1   1 
ATOM   200  C  CD2   . PHE A 1 30  ? 16.568  2.066   -2.064  1.00 14.73 ? 46  PHE A CD2   1 
ATOM   201  C  CE1   . PHE A 1 30  ? 14.084  2.842   -1.070  1.00 8.64  ? 46  PHE A CE1   1 
ATOM   202  C  CE2   . PHE A 1 30  ? 16.424  2.992   -0.922  1.00 13.83 ? 46  PHE A CE2   1 
ATOM   203  C  CZ    . PHE A 1 30  ? 15.153  3.354   -0.479  1.00 10.55 ? 46  PHE A CZ    1 
ATOM   204  N  N     . PRO A 1 31  ? 14.145  3.152   -5.853  1.00 22.25 ? 47  PRO A N     1 
ATOM   205  C  CA    . PRO A 1 31  ? 14.724  4.528   -6.139  1.00 23.45 ? 47  PRO A CA    1 
ATOM   206  C  C     . PRO A 1 31  ? 15.146  5.406   -4.897  1.00 25.32 ? 47  PRO A C     1 
ATOM   207  O  O     . PRO A 1 31  ? 14.308  5.870   -4.189  1.00 29.18 ? 47  PRO A O     1 
ATOM   208  C  CB    . PRO A 1 31  ? 13.606  5.190   -6.988  1.00 23.66 ? 47  PRO A CB    1 
ATOM   209  C  CG    . PRO A 1 31  ? 12.382  4.160   -7.062  1.00 21.91 ? 47  PRO A CG    1 
ATOM   210  C  CD    . PRO A 1 31  ? 12.674  3.226   -5.836  1.00 23.20 ? 47  PRO A CD    1 
ATOM   211  N  N     . GLU A 1 32  ? 16.401  5.691   -4.598  1.00 28.36 ? 48  GLU A N     1 
ATOM   212  C  CA    . GLU A 1 32  ? 16.723  6.412   -3.271  1.00 29.10 ? 48  GLU A CA    1 
ATOM   213  C  C     . GLU A 1 32  ? 15.809  7.598   -2.979  1.00 29.83 ? 48  GLU A C     1 
ATOM   214  O  O     . GLU A 1 32  ? 15.335  7.763   -1.859  1.00 31.38 ? 48  GLU A O     1 
ATOM   215  C  CB    . GLU A 1 32  ? 18.160  6.966   -3.177  1.00 29.05 ? 48  GLU A CB    1 
ATOM   216  C  CG    . GLU A 1 32  ? 18.529  7.630   -1.783  1.00 31.36 ? 48  GLU A CG    1 
ATOM   217  C  CD    . GLU A 1 32  ? 19.474  8.936   -1.882  1.00 31.77 ? 48  GLU A CD    1 
ATOM   218  O  OE1   . GLU A 1 32  ? 20.621  8.794   -2.419  1.00 36.22 ? 48  GLU A OE1   1 
ATOM   219  O  OE2   . GLU A 1 32  ? 19.055  10.067  -1.464  1.00 28.39 ? 48  GLU A OE2   1 
ATOM   220  N  N     . ASP A 1 33  ? 15.583  8.478   -3.961  1.00 31.91 ? 49  ASP A N     1 
ATOM   221  C  CA    . ASP A 1 33  ? 14.583  9.567   -3.804  1.00 29.98 ? 49  ASP A CA    1 
ATOM   222  C  C     . ASP A 1 33  ? 14.055  9.911   -5.192  1.00 29.34 ? 49  ASP A C     1 
ATOM   223  O  O     . ASP A 1 33  ? 14.797  10.428  -6.026  1.00 29.38 ? 49  ASP A O     1 
ATOM   224  C  CB    . ASP A 1 33  ? 15.195  10.758  -2.979  1.00 31.28 ? 49  ASP A CB    1 
ATOM   225  C  CG    . ASP A 1 33  ? 16.599  11.243  -3.521  1.00 34.63 ? 49  ASP A CG    1 
ATOM   226  O  OD1   . ASP A 1 33  ? 16.829  11.211  -4.760  1.00 37.50 ? 49  ASP A OD1   1 
ATOM   227  O  OD2   . ASP A 1 33  ? 17.484  11.654  -2.706  1.00 39.79 ? 49  ASP A OD2   1 
ATOM   228  N  N     . HIS A 1 34  ? 12.776  9.613   -5.434  1.00 28.98 ? 50  HIS A N     1 
ATOM   229  C  CA    . HIS A 1 34  ? 12.153  9.628   -6.799  1.00 28.27 ? 50  HIS A CA    1 
ATOM   230  C  C     . HIS A 1 34  ? 11.166  10.840  -7.124  1.00 26.89 ? 50  HIS A C     1 
ATOM   231  O  O     . HIS A 1 34  ? 10.373  11.230  -6.259  1.00 25.44 ? 50  HIS A O     1 
ATOM   232  C  CB    . HIS A 1 34  ? 11.509  8.184   -7.027  1.00 29.51 ? 50  HIS A CB    1 
ATOM   233  C  CG    . HIS A 1 34  ? 10.203  8.141   -7.786  1.00 30.86 ? 50  HIS A CG    1 
ATOM   234  N  ND1   . HIS A 1 34  ? 10.057  7.457   -8.982  1.00 33.94 ? 50  HIS A ND1   1 
ATOM   235  C  CD2   . HIS A 1 34  ? 8.981   8.663   -7.508  1.00 34.20 ? 50  HIS A CD2   1 
ATOM   236  C  CE1   . HIS A 1 34  ? 8.797   7.534   -9.386  1.00 33.96 ? 50  HIS A CE1   1 
ATOM   237  N  NE2   . HIS A 1 34  ? 8.130   8.279   -8.523  1.00 34.48 ? 50  HIS A NE2   1 
ATOM   238  N  N     . ASP A 1 35  ? 11.173  11.394  -8.358  1.00 25.11 ? 51  ASP A N     1 
ATOM   239  C  CA    . ASP A 1 35  ? 10.463  12.711  -8.530  1.00 25.20 ? 51  ASP A CA    1 
ATOM   240  C  C     . ASP A 1 35  ? 9.087   12.562  -7.942  1.00 22.70 ? 51  ASP A C     1 
ATOM   241  O  O     . ASP A 1 35  ? 8.385   11.625  -8.262  1.00 23.31 ? 51  ASP A O     1 
ATOM   242  C  CB    . ASP A 1 35  ? 10.529  13.377  -9.913  1.00 23.75 ? 51  ASP A CB    1 
ATOM   243  C  CG    . ASP A 1 35  ? 9.915   14.833  -9.932  1.00 23.76 ? 51  ASP A CG    1 
ATOM   244  O  OD1   . ASP A 1 35  ? 10.221  15.663  -10.809 1.00 26.63 ? 51  ASP A OD1   1 
ATOM   245  O  OD2   . ASP A 1 35  ? 9.023   15.164  -9.181  1.00 21.56 ? 51  ASP A OD2   1 
ATOM   246  N  N     . PRO A 1 36  ? 8.800   13.385  -6.932  1.00 20.95 ? 52  PRO A N     1 
ATOM   247  C  CA    . PRO A 1 36  ? 7.732   13.052  -6.004  1.00 21.69 ? 52  PRO A CA    1 
ATOM   248  C  C     . PRO A 1 36  ? 6.351   13.348  -6.548  1.00 23.47 ? 52  PRO A C     1 
ATOM   249  O  O     . PRO A 1 36  ? 5.305   12.805  -6.026  1.00 22.23 ? 52  PRO A O     1 
ATOM   250  C  CB    . PRO A 1 36  ? 8.042   13.953  -4.770  1.00 21.85 ? 52  PRO A CB    1 
ATOM   251  C  CG    . PRO A 1 36  ? 8.709   15.181  -5.333  1.00 21.99 ? 52  PRO A CG    1 
ATOM   252  C  CD    . PRO A 1 36  ? 9.565   14.572  -6.504  1.00 21.46 ? 52  PRO A CD    1 
ATOM   253  N  N     . THR A 1 37  ? 6.345   14.280  -7.524  1.00 24.01 ? 53  THR A N     1 
ATOM   254  C  CA    . THR A 1 37  ? 5.171   14.637  -8.243  1.00 25.86 ? 53  THR A CA    1 
ATOM   255  C  C     . THR A 1 37  ? 4.751   13.618  -9.287  1.00 26.25 ? 53  THR A C     1 
ATOM   256  O  O     . THR A 1 37  ? 3.731   13.796  -9.982  1.00 27.62 ? 53  THR A O     1 
ATOM   257  C  CB    . THR A 1 37  ? 5.452   15.941  -9.024  1.00 26.35 ? 53  THR A CB    1 
ATOM   258  O  OG1   . THR A 1 37  ? 6.846   16.008  -9.414  1.00 28.49 ? 53  THR A OG1   1 
ATOM   259  C  CG2   . THR A 1 37  ? 5.116   17.099  -8.201  1.00 24.18 ? 53  THR A CG2   1 
ATOM   260  N  N     . ILE A 1 38  ? 5.505   12.555  -9.472  1.00 27.00 ? 54  ILE A N     1 
ATOM   261  C  CA    . ILE A 1 38  ? 5.236   11.772  -10.702 1.00 27.03 ? 54  ILE A CA    1 
ATOM   262  C  C     . ILE A 1 38  ? 4.323   10.755  -10.142 1.00 27.00 ? 54  ILE A C     1 
ATOM   263  O  O     . ILE A 1 38  ? 4.806   9.982   -9.328  1.00 28.47 ? 54  ILE A O     1 
ATOM   264  C  CB    . ILE A 1 38  ? 6.476   11.060  -11.362 1.00 27.82 ? 54  ILE A CB    1 
ATOM   265  C  CG1   . ILE A 1 38  ? 7.657   11.984  -11.958 1.00 27.53 ? 54  ILE A CG1   1 
ATOM   266  C  CG2   . ILE A 1 38  ? 5.976   10.193  -12.582 1.00 27.57 ? 54  ILE A CG2   1 
ATOM   267  C  CD1   . ILE A 1 38  ? 7.847   13.486  -11.402 1.00 26.41 ? 54  ILE A CD1   1 
ATOM   268  N  N     . GLU A 1 39  ? 3.039   10.752  -10.522 1.00 25.48 ? 55  GLU A N     1 
ATOM   269  C  CA    . GLU A 1 39  ? 2.136   9.662   -10.147 1.00 25.44 ? 55  GLU A CA    1 
ATOM   270  C  C     . GLU A 1 39  ? 2.203   8.690   -11.277 1.00 26.21 ? 55  GLU A C     1 
ATOM   271  O  O     . GLU A 1 39  ? 1.742   9.005   -12.392 1.00 28.19 ? 55  GLU A O     1 
ATOM   272  C  CB    . GLU A 1 39  ? 0.678   10.105  -9.938  1.00 24.35 ? 55  GLU A CB    1 
ATOM   273  C  CG    . GLU A 1 39  ? 0.578   11.286  -8.913  1.00 25.42 ? 55  GLU A CG    1 
ATOM   274  C  CD    . GLU A 1 39  ? -0.851  11.698  -8.513  1.00 26.16 ? 55  GLU A CD    1 
ATOM   275  O  OE1   . GLU A 1 39  ? -1.237  12.822  -8.936  1.00 35.38 ? 55  GLU A OE1   1 
ATOM   276  O  OE2   . GLU A 1 39  ? -1.582  11.000  -7.780  1.00 23.16 ? 55  GLU A OE2   1 
ATOM   277  N  N     . ASP A 1 40  ? 2.808   7.523   -11.044 1.00 25.23 ? 56  ASP A N     1 
ATOM   278  C  CA    . ASP A 1 40  ? 3.052   6.582   -12.130 1.00 23.95 ? 56  ASP A CA    1 
ATOM   279  C  C     . ASP A 1 40  ? 1.986   5.498   -12.178 1.00 24.02 ? 56  ASP A C     1 
ATOM   280  O  O     . ASP A 1 40  ? 1.197   5.308   -11.213 1.00 20.96 ? 56  ASP A O     1 
ATOM   281  C  CB    . ASP A 1 40  ? 4.455   5.990   -11.977 1.00 25.42 ? 56  ASP A CB    1 
ATOM   282  C  CG    . ASP A 1 40  ? 5.369   6.453   -13.036 1.00 23.23 ? 56  ASP A CG    1 
ATOM   283  O  OD1   . ASP A 1 40  ? 6.213   7.308   -12.803 1.00 26.30 ? 56  ASP A OD1   1 
ATOM   284  O  OD2   . ASP A 1 40  ? 5.167   6.027   -14.168 1.00 29.81 ? 56  ASP A OD2   1 
ATOM   285  N  N     . ALA A 1 41  ? 1.943   4.788   -13.311 1.00 22.23 ? 57  ALA A N     1 
ATOM   286  C  CA    . ALA A 1 41  ? 1.090   3.666   -13.364 1.00 22.07 ? 57  ALA A CA    1 
ATOM   287  C  C     . ALA A 1 41  ? 1.815   2.537   -14.153 1.00 23.23 ? 57  ALA A C     1 
ATOM   288  O  O     . ALA A 1 41  ? 2.411   2.787   -15.261 1.00 25.07 ? 57  ALA A O     1 
ATOM   289  C  CB    . ALA A 1 41  ? -0.239  4.022   -13.864 1.00 19.24 ? 57  ALA A CB    1 
ATOM   290  N  N     . TYR A 1 42  ? 1.864   1.343   -13.521 1.00 21.63 ? 58  TYR A N     1 
ATOM   291  C  CA    . TYR A 1 42  ? 2.819   0.322   -13.829 1.00 22.22 ? 58  TYR A CA    1 
ATOM   292  C  C     . TYR A 1 42  ? 1.984   -0.906  -14.009 1.00 22.78 ? 58  TYR A C     1 
ATOM   293  O  O     . TYR A 1 42  ? 1.371   -1.333  -13.032 1.00 24.60 ? 58  TYR A O     1 
ATOM   294  C  CB    . TYR A 1 42  ? 3.749   0.076   -12.657 1.00 24.08 ? 58  TYR A CB    1 
ATOM   295  C  CG    . TYR A 1 42  ? 4.634   1.241   -12.224 1.00 25.25 ? 58  TYR A CG    1 
ATOM   296  C  CD1   . TYR A 1 42  ? 4.489   1.804   -10.977 1.00 26.13 ? 58  TYR A CD1   1 
ATOM   297  C  CD2   . TYR A 1 42  ? 5.625   1.725   -13.023 1.00 26.46 ? 58  TYR A CD2   1 
ATOM   298  C  CE1   . TYR A 1 42  ? 5.245   2.799   -10.567 1.00 24.02 ? 58  TYR A CE1   1 
ATOM   299  C  CE2   . TYR A 1 42  ? 6.357   2.783   -12.624 1.00 28.19 ? 58  TYR A CE2   1 
ATOM   300  C  CZ    . TYR A 1 42  ? 6.165   3.300   -11.372 1.00 26.88 ? 58  TYR A CZ    1 
ATOM   301  O  OH    . TYR A 1 42  ? 6.923   4.383   -10.900 1.00 31.02 ? 58  TYR A OH    1 
ATOM   302  N  N     . LYS A 1 43  ? 1.903   -1.449  -15.229 1.00 21.89 ? 59  LYS A N     1 
ATOM   303  C  CA    . LYS A 1 43  ? 1.174   -2.673  -15.488 1.00 22.82 ? 59  LYS A CA    1 
ATOM   304  C  C     . LYS A 1 43  ? 2.248   -3.803  -15.321 1.00 22.34 ? 59  LYS A C     1 
ATOM   305  O  O     . LYS A 1 43  ? 3.405   -3.627  -15.789 1.00 21.59 ? 59  LYS A O     1 
ATOM   306  C  CB    . LYS A 1 43  ? 0.477   -2.725  -16.890 1.00 22.82 ? 59  LYS A CB    1 
ATOM   307  C  CG    . LYS A 1 43  ? 0.169   -1.304  -17.647 1.00 26.84 ? 59  LYS A CG    1 
ATOM   308  C  CD    . LYS A 1 43  ? 0.065   -1.255  -19.316 1.00 26.84 ? 59  LYS A CD    1 
ATOM   309  C  CE    . LYS A 1 43  ? 1.188   -0.521  -20.092 1.00 23.51 ? 59  LYS A CE    1 
ATOM   310  N  NZ    . LYS A 1 43  ? 2.630   -1.276  -19.938 1.00 24.45 ? 59  LYS A NZ    1 
ATOM   311  N  N     . ILE A 1 44  ? 1.930   -4.922  -14.639 1.00 21.08 ? 60  ILE A N     1 
ATOM   312  C  CA    . ILE A 1 44  ? 2.883   -6.053  -14.647 1.00 22.23 ? 60  ILE A CA    1 
ATOM   313  C  C     . ILE A 1 44  ? 2.269   -7.431  -14.583 1.00 23.09 ? 60  ILE A C     1 
ATOM   314  O  O     . ILE A 1 44  ? 1.121   -7.597  -14.121 1.00 25.15 ? 60  ILE A O     1 
ATOM   315  C  CB    . ILE A 1 44  ? 4.031   -5.927  -13.581 1.00 22.08 ? 60  ILE A CB    1 
ATOM   316  C  CG1   . ILE A 1 44  ? 3.518   -6.092  -12.149 1.00 19.61 ? 60  ILE A CG1   1 
ATOM   317  C  CG2   . ILE A 1 44  ? 4.761   -4.549  -13.782 1.00 22.42 ? 60  ILE A CG2   1 
ATOM   318  C  CD1   . ILE A 1 44  ? 3.127   -4.896  -11.589 1.00 17.34 ? 60  ILE A CD1   1 
ATOM   319  N  N     . ARG A 1 45  ? 2.974   -8.420  -15.105 1.00 23.16 ? 61  ARG A N     1 
ATOM   320  C  CA    . ARG A 1 45  ? 2.420   -9.769  -15.036 1.00 23.63 ? 61  ARG A CA    1 
ATOM   321  C  C     . ARG A 1 45  ? 3.061   -10.473 -13.871 1.00 24.88 ? 61  ARG A C     1 
ATOM   322  O  O     . ARG A 1 45  ? 4.293   -10.570 -13.753 1.00 23.10 ? 61  ARG A O     1 
ATOM   323  C  CB    . ARG A 1 45  ? 2.624   -10.602 -16.292 1.00 23.75 ? 61  ARG A CB    1 
ATOM   324  C  CG    . ARG A 1 45  ? 1.745   -11.968 -16.246 1.00 24.80 ? 61  ARG A CG    1 
ATOM   325  C  CD    . ARG A 1 45  ? 2.547   -13.425 -16.193 1.00 31.34 ? 61  ARG A CD    1 
ATOM   326  N  NE    . ARG A 1 45  ? 1.590   -14.542 -15.898 1.00 30.57 ? 61  ARG A NE    1 
ATOM   327  C  CZ    . ARG A 1 45  ? 0.501   -14.767 -16.640 1.00 35.92 ? 61  ARG A CZ    1 
ATOM   328  N  NH1   . ARG A 1 45  ? 0.264   -14.018 -17.735 1.00 35.64 ? 61  ARG A NH1   1 
ATOM   329  N  NH2   . ARG A 1 45  ? -0.393  -15.707 -16.304 1.00 36.08 ? 61  ARG A NH2   1 
ATOM   330  N  N     . ILE A 1 46  ? 2.226   -10.929 -12.963 1.00 25.72 ? 62  ILE A N     1 
ATOM   331  C  CA    . ILE A 1 46  ? 2.753   -11.844 -12.059 1.00 25.84 ? 62  ILE A CA    1 
ATOM   332  C  C     . ILE A 1 46  ? 1.872   -13.088 -11.891 1.00 25.59 ? 62  ILE A C     1 
ATOM   333  O  O     . ILE A 1 46  ? 0.865   -13.293 -12.582 1.00 23.75 ? 62  ILE A O     1 
ATOM   334  C  CB    . ILE A 1 46  ? 3.083   -11.161 -10.745 1.00 27.09 ? 62  ILE A CB    1 
ATOM   335  C  CG1   . ILE A 1 46  ? 1.844   -10.435 -10.128 1.00 26.82 ? 62  ILE A CG1   1 
ATOM   336  C  CG2   . ILE A 1 46  ? 4.323   -10.297 -10.970 1.00 26.53 ? 62  ILE A CG2   1 
ATOM   337  C  CD1   . ILE A 1 46  ? 1.531   -8.931  -10.652 1.00 31.00 ? 62  ILE A CD1   1 
ATOM   338  N  N     . ARG A 1 47  ? 2.327   -13.915 -10.955 1.00 25.30 ? 63  ARG A N     1 
ATOM   339  C  CA    . ARG A 1 47  ? 1.810   -15.239 -10.787 1.00 25.23 ? 63  ARG A CA    1 
ATOM   340  C  C     . ARG A 1 47  ? 1.584   -15.329 -9.274  1.00 23.37 ? 63  ARG A C     1 
ATOM   341  O  O     . ARG A 1 47  ? 2.501   -15.081 -8.478  1.00 21.53 ? 63  ARG A O     1 
ATOM   342  C  CB    . ARG A 1 47  ? 2.826   -16.244 -11.331 1.00 26.95 ? 63  ARG A CB    1 
ATOM   343  C  CG    . ARG A 1 47  ? 4.350   -15.977 -10.837 1.00 26.53 ? 63  ARG A CG    1 
ATOM   344  C  CD    . ARG A 1 47  ? 5.159   -15.128 -11.887 1.00 29.20 ? 63  ARG A CD    1 
ATOM   345  N  NE    . ARG A 1 47  ? 6.513   -14.714 -11.452 1.00 27.25 ? 63  ARG A NE    1 
ATOM   346  C  CZ    . ARG A 1 47  ? 7.398   -15.465 -10.773 1.00 29.32 ? 63  ARG A CZ    1 
ATOM   347  N  NH1   . ARG A 1 47  ? 7.133   -16.746 -10.448 1.00 29.22 ? 63  ARG A NH1   1 
ATOM   348  N  NH2   . ARG A 1 47  ? 8.635   -14.949 -10.483 1.00 26.60 ? 63  ARG A NH2   1 
ATOM   349  N  N     . ILE A 1 48  ? 0.315   -15.531 -8.926  1.00 23.25 ? 64  ILE A N     1 
ATOM   350  C  CA    . ILE A 1 48  ? -0.219  -15.452 -7.547  1.00 23.49 ? 64  ILE A CA    1 
ATOM   351  C  C     . ILE A 1 48  ? -0.833  -16.784 -7.289  1.00 22.96 ? 64  ILE A C     1 
ATOM   352  O  O     . ILE A 1 48  ? -1.641  -17.259 -8.069  1.00 21.59 ? 64  ILE A O     1 
ATOM   353  C  CB    . ILE A 1 48  ? -1.199  -14.239 -7.275  1.00 23.08 ? 64  ILE A CB    1 
ATOM   354  C  CG1   . ILE A 1 48  ? -0.347  -13.022 -6.854  1.00 24.27 ? 64  ILE A CG1   1 
ATOM   355  C  CG2   . ILE A 1 48  ? -2.152  -14.428 -6.036  1.00 24.32 ? 64  ILE A CG2   1 
ATOM   356  C  CD1   . ILE A 1 48  ? -1.089  -11.657 -6.903  1.00 24.63 ? 64  ILE A CD1   1 
ATOM   357  N  N     . ASP A 1 49  ? -0.390  -17.359 -6.160  1.00 24.58 ? 65  ASP A N     1 
ATOM   358  C  CA    . ASP A 1 49  ? -0.378  -18.771 -5.891  1.00 24.76 ? 65  ASP A CA    1 
ATOM   359  C  C     . ASP A 1 49  ? -0.184  -19.692 -7.091  1.00 26.78 ? 65  ASP A C     1 
ATOM   360  O  O     . ASP A 1 49  ? 0.410   -20.802 -6.975  1.00 31.79 ? 65  ASP A O     1 
ATOM   361  C  CB    . ASP A 1 49  ? -1.682  -19.017 -5.251  1.00 24.42 ? 65  ASP A CB    1 
ATOM   362  C  CG    . ASP A 1 49  ? -1.898  -18.062 -4.174  1.00 23.07 ? 65  ASP A CG    1 
ATOM   363  O  OD1   . ASP A 1 49  ? -0.900  -17.874 -3.410  1.00 21.43 ? 65  ASP A OD1   1 
ATOM   364  O  OD2   . ASP A 1 49  ? -3.085  -17.598 -4.061  1.00 23.74 ? 65  ASP A OD2   1 
ATOM   365  N  N     . ASP A 1 50  ? -0.862  -19.357 -8.174  1.00 28.72 ? 66  ASP A N     1 
ATOM   366  C  CA    . ASP A 1 50  ? -0.309  -19.356 -9.555  1.00 28.12 ? 66  ASP A CA    1 
ATOM   367  C  C     . ASP A 1 50  ? -1.290  -18.743 -10.398 1.00 28.96 ? 66  ASP A C     1 
ATOM   368  O  O     . ASP A 1 50  ? -1.007  -17.699 -10.964 1.00 30.63 ? 66  ASP A O     1 
ATOM   369  C  CB    . ASP A 1 50  ? 0.124   -20.671 -9.998  1.00 27.76 ? 66  ASP A CB    1 
ATOM   370  C  CG    . ASP A 1 50  ? 1.396   -21.046 -9.299  1.00 29.86 ? 66  ASP A CG    1 
ATOM   371  O  OD1   . ASP A 1 50  ? 2.098   -20.043 -8.909  1.00 26.64 ? 66  ASP A OD1   1 
ATOM   372  O  OD2   . ASP A 1 50  ? 1.676   -22.280 -9.132  1.00 34.98 ? 66  ASP A OD2   1 
ATOM   373  N  N     . GLU A 1 51  ? -2.480  -19.325 -10.413 1.00 30.15 ? 67  GLU A N     1 
ATOM   374  C  CA    . GLU A 1 51  ? -3.663  -18.681 -10.854 1.00 29.65 ? 67  GLU A CA    1 
ATOM   375  C  C     . GLU A 1 51  ? -3.276  -17.262 -11.351 1.00 31.21 ? 67  GLU A C     1 
ATOM   376  O  O     . GLU A 1 51  ? -3.822  -16.265 -10.907 1.00 34.80 ? 67  GLU A O     1 
ATOM   377  C  CB    . GLU A 1 51  ? -4.597  -18.653 -9.617  1.00 30.62 ? 67  GLU A CB    1 
ATOM   378  C  CG    . GLU A 1 51  ? -6.115  -18.743 -9.866  1.00 28.16 ? 67  GLU A CG    1 
ATOM   379  C  CD    . GLU A 1 51  ? -6.489  -17.943 -11.055 1.00 32.09 ? 67  GLU A CD    1 
ATOM   380  O  OE1   . GLU A 1 51  ? -5.853  -16.857 -11.238 1.00 28.26 ? 67  GLU A OE1   1 
ATOM   381  O  OE2   . GLU A 1 51  ? -7.396  -18.393 -11.825 1.00 35.55 ? 67  GLU A OE2   1 
ATOM   382  N  N     . PRO A 1 52  ? -2.335  -17.155 -12.308 1.00 31.71 ? 68  PRO A N     1 
ATOM   383  C  CA    . PRO A 1 52  ? -1.497  -15.985 -12.478 1.00 30.40 ? 68  PRO A CA    1 
ATOM   384  C  C     . PRO A 1 52  ? -2.136  -14.771 -13.124 1.00 29.79 ? 68  PRO A C     1 
ATOM   385  O  O     . PRO A 1 52  ? -3.057  -14.962 -13.935 1.00 31.17 ? 68  PRO A O     1 
ATOM   386  C  CB    . PRO A 1 52  ? -0.378  -16.523 -13.334 1.00 31.94 ? 68  PRO A CB    1 
ATOM   387  C  CG    . PRO A 1 52  ? -0.991  -17.631 -14.145 1.00 31.91 ? 68  PRO A CG    1 
ATOM   388  C  CD    . PRO A 1 52  ? -2.023  -18.211 -13.299 1.00 32.57 ? 68  PRO A CD    1 
ATOM   389  N  N     . ALA A 1 53  ? -1.620  -13.548 -12.806 1.00 27.44 ? 69  ALA A N     1 
ATOM   390  C  CA    . ALA A 1 53  ? -2.333  -12.244 -13.171 1.00 26.49 ? 69  ALA A CA    1 
ATOM   391  C  C     . ALA A 1 53  ? -1.492  -11.053 -13.637 1.00 24.35 ? 69  ALA A C     1 
ATOM   392  O  O     . ALA A 1 53  ? -0.269  -11.092 -13.592 1.00 24.39 ? 69  ALA A O     1 
ATOM   393  C  CB    . ALA A 1 53  ? -3.165  -11.728 -11.994 1.00 24.82 ? 69  ALA A CB    1 
ATOM   394  N  N     . ASN A 1 54  ? -2.256  -10.005 -13.966 1.00 23.03 ? 70  ASN A N     1 
ATOM   395  C  CA    . ASN A 1 54  ? -1.875  -8.677  -14.451 1.00 22.55 ? 70  ASN A CA    1 
ATOM   396  C  C     . ASN A 1 54  ? -2.443  -7.527  -13.510 1.00 20.61 ? 70  ASN A C     1 
ATOM   397  O  O     . ASN A 1 54  ? -3.670  -7.415  -13.242 1.00 17.77 ? 70  ASN A O     1 
ATOM   398  C  CB    . ASN A 1 54  ? -2.477  -8.396  -15.883 1.00 24.10 ? 70  ASN A CB    1 
ATOM   399  C  CG    . ASN A 1 54  ? -1.867  -9.257  -16.989 1.00 23.59 ? 70  ASN A CG    1 
ATOM   400  O  OD1   . ASN A 1 54  ? -1.628  -10.453 -16.810 1.00 33.57 ? 70  ASN A OD1   1 
ATOM   401  N  ND2   . ASN A 1 54  ? -1.590  -8.642  -18.096 1.00 20.89 ? 70  ASN A ND2   1 
ATOM   402  N  N     . LEU A 1 55  ? -1.553  -6.658  -13.039 1.00 18.23 ? 71  LEU A N     1 
ATOM   403  C  CA    . LEU A 1 55  ? -1.994  -5.677  -12.188 1.00 16.68 ? 71  LEU A CA    1 
ATOM   404  C  C     . LEU A 1 55  ? -1.494  -4.402  -12.691 1.00 16.61 ? 71  LEU A C     1 
ATOM   405  O  O     . LEU A 1 55  ? -0.345  -4.350  -13.099 1.00 14.93 ? 71  LEU A O     1 
ATOM   406  C  CB    . LEU A 1 55  ? -1.426  -5.853  -10.813 1.00 16.86 ? 71  LEU A CB    1 
ATOM   407  C  CG    . LEU A 1 55  ? -1.236  -7.154  -10.079 1.00 17.00 ? 71  LEU A CG    1 
ATOM   408  C  CD1   . LEU A 1 55  ? -0.214  -6.875  -8.899  1.00 13.85 ? 71  LEU A CD1   1 
ATOM   409  C  CD2   . LEU A 1 55  ? -2.534  -7.748  -9.629  1.00 20.51 ? 71  LEU A CD2   1 
ATOM   410  N  N     . ASP A 1 56  ? -2.386  -3.369  -12.595 1.00 17.43 ? 72  ASP A N     1 
ATOM   411  C  CA    . ASP A 1 56  ? -2.137  -1.987  -13.030 1.00 18.46 ? 72  ASP A CA    1 
ATOM   412  C  C     . ASP A 1 56  ? -2.168  -1.301  -11.702 1.00 16.34 ? 72  ASP A C     1 
ATOM   413  O  O     . ASP A 1 56  ? -3.222  -1.201  -11.117 1.00 16.50 ? 72  ASP A O     1 
ATOM   414  C  CB    . ASP A 1 56  ? -3.246  -1.234  -13.830 1.00 19.51 ? 72  ASP A CB    1 
ATOM   415  C  CG    . ASP A 1 56  ? -3.728  -1.887  -15.163 1.00 25.48 ? 72  ASP A CG    1 
ATOM   416  O  OD1   . ASP A 1 56  ? -3.299  -2.961  -15.775 1.00 33.81 ? 72  ASP A OD1   1 
ATOM   417  O  OD2   . ASP A 1 56  ? -4.666  -1.194  -15.631 1.00 28.66 ? 72  ASP A OD2   1 
ATOM   418  N  N     . ILE A 1 57  ? -1.020  -0.840  -11.250 1.00 14.84 ? 73  ILE A N     1 
ATOM   419  C  CA    . ILE A 1 57  ? -0.918  -0.134  -10.007 1.00 14.06 ? 73  ILE A CA    1 
ATOM   420  C  C     . ILE A 1 57  ? -0.813  1.415   -10.233 1.00 14.53 ? 73  ILE A C     1 
ATOM   421  O  O     . ILE A 1 57  ? 0.073   1.908   -10.940 1.00 12.13 ? 73  ILE A O     1 
ATOM   422  C  CB    . ILE A 1 57  ? 0.316   -0.638  -9.256  1.00 14.05 ? 73  ILE A CB    1 
ATOM   423  C  CG1   . ILE A 1 57  ? 0.338   -2.181  -9.139  1.00 14.71 ? 73  ILE A CG1   1 
ATOM   424  C  CG2   . ILE A 1 57  ? 0.370   -0.016  -7.890  1.00 15.37 ? 73  ILE A CG2   1 
ATOM   425  C  CD1   . ILE A 1 57  ? 1.702   -2.705  -9.021  1.00 15.36 ? 73  ILE A CD1   1 
ATOM   426  N  N     . LEU A 1 58  ? -1.738  2.169   -9.671  1.00 14.38 ? 74  LEU A N     1 
ATOM   427  C  CA    . LEU A 1 58  ? -1.560  3.592   -9.583  1.00 14.31 ? 74  LEU A CA    1 
ATOM   428  C  C     . LEU A 1 58  ? -0.779  4.020   -8.313  1.00 12.97 ? 74  LEU A C     1 
ATOM   429  O  O     . LEU A 1 58  ? -1.310  3.937   -7.233  1.00 12.93 ? 74  LEU A O     1 
ATOM   430  C  CB    . LEU A 1 58  ? -2.891  4.377   -9.578  1.00 13.83 ? 74  LEU A CB    1 
ATOM   431  C  CG    . LEU A 1 58  ? -2.673  5.916   -9.640  1.00 16.52 ? 74  LEU A CG    1 
ATOM   432  C  CD1   . LEU A 1 58  ? -2.276  6.316   -11.156 1.00 16.98 ? 74  LEU A CD1   1 
ATOM   433  C  CD2   . LEU A 1 58  ? -3.855  6.776   -9.225  1.00 16.18 ? 74  LEU A CD2   1 
ATOM   434  N  N     . ASP A 1 59  ? 0.370   4.653   -8.532  1.00 13.17 ? 75  ASP A N     1 
ATOM   435  C  CA    . ASP A 1 59  ? 1.280   5.115   -7.519  1.00 14.04 ? 75  ASP A CA    1 
ATOM   436  C  C     . ASP A 1 59  ? 0.965   6.555   -7.319  1.00 15.50 ? 75  ASP A C     1 
ATOM   437  O  O     . ASP A 1 59  ? 1.363   7.378   -8.115  1.00 14.77 ? 75  ASP A O     1 
ATOM   438  C  CB    . ASP A 1 59  ? 2.736   4.976   -7.979  1.00 13.07 ? 75  ASP A CB    1 
ATOM   439  C  CG    . ASP A 1 59  ? 3.703   5.400   -6.964  1.00 13.69 ? 75  ASP A CG    1 
ATOM   440  O  OD1   . ASP A 1 59  ? 3.239   5.544   -5.826  1.00 14.72 ? 75  ASP A OD1   1 
ATOM   441  O  OD2   . ASP A 1 59  ? 4.926   5.580   -7.204  1.00 12.94 ? 75  ASP A OD2   1 
ATOM   442  N  N     . THR A 1 60  ? 0.282   6.881   -6.230  1.00 16.89 ? 76  THR A N     1 
ATOM   443  C  CA    . THR A 1 60  ? -0.221  8.245   -6.117  1.00 18.69 ? 76  THR A CA    1 
ATOM   444  C  C     . THR A 1 60  ? 0.720   9.268   -5.480  1.00 18.79 ? 76  THR A C     1 
ATOM   445  O  O     . THR A 1 60  ? 1.605   8.934   -4.735  1.00 18.43 ? 76  THR A O     1 
ATOM   446  C  CB    . THR A 1 60  ? -1.515  8.322   -5.343  1.00 17.79 ? 76  THR A CB    1 
ATOM   447  O  OG1   . THR A 1 60  ? -1.275  7.979   -3.982  1.00 22.43 ? 76  THR A OG1   1 
ATOM   448  C  CG2   . THR A 1 60  ? -2.596  7.449   -5.912  1.00 16.42 ? 76  THR A CG2   1 
ATOM   449  N  N     . ALA A 1 61  ? 0.459   10.539  -5.787  1.00 20.66 ? 77  ALA A N     1 
ATOM   450  C  CA    . ALA A 1 61  ? 1.177   11.677  -5.204  1.00 22.14 ? 77  ALA A CA    1 
ATOM   451  C  C     . ALA A 1 61  ? 0.393   12.284  -4.128  1.00 23.29 ? 77  ALA A C     1 
ATOM   452  O  O     . ALA A 1 61  ? -0.060  13.404  -4.264  1.00 26.97 ? 77  ALA A O     1 
ATOM   453  C  CB    . ALA A 1 61  ? 1.490   12.746  -6.184  1.00 23.14 ? 77  ALA A CB    1 
ATOM   454  N  N     . GLY A 1 62  ? 0.225   11.510  -3.087  1.00 23.77 ? 78  GLY A N     1 
ATOM   455  C  CA    . GLY A 1 62  ? 0.136   11.930  -1.732  1.00 24.54 ? 78  GLY A CA    1 
ATOM   456  C  C     . GLY A 1 62  ? 0.013   13.389  -1.744  1.00 23.82 ? 78  GLY A C     1 
ATOM   457  O  O     . GLY A 1 62  ? 1.004   13.980  -2.056  1.00 24.77 ? 78  GLY A O     1 
ATOM   458  N  N     . GLN A 1 72  ? -8.350  10.856  -9.848  1.00 23.37 ? 88  GLN A N     1 
ATOM   459  C  CA    . GLN A 1 72  ? -9.645  10.168  -10.331 1.00 24.47 ? 88  GLN A CA    1 
ATOM   460  C  C     . GLN A 1 72  ? -9.746  8.778   -11.209 1.00 24.70 ? 88  GLN A C     1 
ATOM   461  O  O     . GLN A 1 72  ? -10.880 8.168   -11.422 1.00 23.17 ? 88  GLN A O     1 
ATOM   462  C  CB    . GLN A 1 72  ? -10.611 11.153  -10.844 1.00 23.00 ? 88  GLN A CB    1 
ATOM   463  C  CG    . GLN A 1 72  ? -12.032 10.599  -10.518 1.00 22.35 ? 88  GLN A CG    1 
ATOM   464  C  CD    . GLN A 1 72  ? -13.003 11.609  -10.925 1.00 29.25 ? 88  GLN A CD    1 
ATOM   465  O  OE1   . GLN A 1 72  ? -12.641 12.745  -10.856 1.00 27.45 ? 88  GLN A OE1   1 
ATOM   466  N  NE2   . GLN A 1 72  ? -14.229 11.220  -11.491 1.00 38.11 ? 88  GLN A NE2   1 
ATOM   467  N  N     . TYR A 1 73  ? -8.596  8.203   -11.572 1.00 25.22 ? 89  TYR A N     1 
ATOM   468  C  CA    . TYR A 1 73  ? -8.539  6.791   -11.793 1.00 25.08 ? 89  TYR A CA    1 
ATOM   469  C  C     . TYR A 1 73  ? -8.897  6.035   -10.461 1.00 25.71 ? 89  TYR A C     1 
ATOM   470  O  O     . TYR A 1 73  ? -8.641  4.810   -10.309 1.00 25.89 ? 89  TYR A O     1 
ATOM   471  C  CB    . TYR A 1 73  ? -7.159  6.402   -12.262 1.00 26.00 ? 89  TYR A CB    1 
ATOM   472  C  CG    . TYR A 1 73  ? -6.547  7.111   -13.435 1.00 24.98 ? 89  TYR A CG    1 
ATOM   473  C  CD1   . TYR A 1 73  ? -7.166  7.183   -14.677 1.00 27.06 ? 89  TYR A CD1   1 
ATOM   474  C  CD2   . TYR A 1 73  ? -5.311  7.704   -13.295 1.00 27.97 ? 89  TYR A CD2   1 
ATOM   475  C  CE1   . TYR A 1 73  ? -6.565  7.864   -15.758 1.00 22.35 ? 89  TYR A CE1   1 
ATOM   476  C  CE2   . TYR A 1 73  ? -4.726  8.394   -14.337 1.00 28.19 ? 89  TYR A CE2   1 
ATOM   477  C  CZ    . TYR A 1 73  ? -5.353  8.437   -15.584 1.00 25.81 ? 89  TYR A CZ    1 
ATOM   478  O  OH    . TYR A 1 73  ? -4.703  9.117   -16.586 1.00 27.69 ? 89  TYR A OH    1 
ATOM   479  N  N     . MET A 1 74  ? -9.515  6.727   -9.502  1.00 24.90 ? 90  MET A N     1 
ATOM   480  C  CA    . MET A 1 74  ? -9.989  6.054   -8.289  1.00 26.54 ? 90  MET A CA    1 
ATOM   481  C  C     . MET A 1 74  ? -11.474 5.594   -8.372  1.00 24.73 ? 90  MET A C     1 
ATOM   482  O  O     . MET A 1 74  ? -12.079 5.040   -7.436  1.00 26.75 ? 90  MET A O     1 
ATOM   483  C  CB    . MET A 1 74  ? -9.734  6.951   -7.050  1.00 26.91 ? 90  MET A CB    1 
ATOM   484  C  CG    . MET A 1 74  ? -8.507  6.571   -6.209  1.00 29.37 ? 90  MET A CG    1 
ATOM   485  S  SD    . MET A 1 74  ? -8.921  6.834   -4.442  1.00 29.56 ? 90  MET A SD    1 
ATOM   486  C  CE    . MET A 1 74  ? -8.896  8.663   -4.566  1.00 29.05 ? 90  MET A CE    1 
ATOM   487  N  N     . ARG A 1 75  ? -12.106 5.779   -9.488  1.00 23.40 ? 91  ARG A N     1 
ATOM   488  C  CA    . ARG A 1 75  ? -13.426 5.200   -9.525  1.00 23.56 ? 91  ARG A CA    1 
ATOM   489  C  C     . ARG A 1 75  ? -13.238 3.733   -9.868  1.00 22.18 ? 91  ARG A C     1 
ATOM   490  O  O     . ARG A 1 75  ? -14.008 2.901   -9.440  1.00 21.33 ? 91  ARG A O     1 
ATOM   491  C  CB    . ARG A 1 75  ? -14.275 5.872   -10.619 1.00 24.35 ? 91  ARG A CB    1 
ATOM   492  C  CG    . ARG A 1 75  ? -14.313 7.412   -10.652 1.00 29.55 ? 91  ARG A CG    1 
ATOM   493  C  CD    . ARG A 1 75  ? -15.588 7.985   -9.917  1.00 31.96 ? 91  ARG A CD    1 
ATOM   494  N  NE    . ARG A 1 75  ? -15.661 7.495   -8.535  1.00 31.01 ? 91  ARG A NE    1 
ATOM   495  C  CZ    . ARG A 1 75  ? -16.356 6.415   -8.063  1.00 35.02 ? 91  ARG A CZ    1 
ATOM   496  N  NH1   . ARG A 1 75  ? -17.124 5.638   -8.826  1.00 33.72 ? 91  ARG A NH1   1 
ATOM   497  N  NH2   . ARG A 1 75  ? -16.302 6.083   -6.757  1.00 31.49 ? 91  ARG A NH2   1 
ATOM   498  N  N     . ALA A 1 76  ? -12.195 3.471   -10.666 1.00 22.04 ? 92  ALA A N     1 
ATOM   499  C  CA    . ALA A 1 76  ? -11.941 2.259   -11.382 1.00 20.83 ? 92  ALA A CA    1 
ATOM   500  C  C     . ALA A 1 76  ? -11.055 1.324   -10.589 1.00 21.99 ? 92  ALA A C     1 
ATOM   501  O  O     . ALA A 1 76  ? -10.964 0.143   -10.979 1.00 20.94 ? 92  ALA A O     1 
ATOM   502  C  CB    . ALA A 1 76  ? -11.290 2.607   -12.736 1.00 20.97 ? 92  ALA A CB    1 
ATOM   503  N  N     . GLY A 1 77  ? -10.493 1.806   -9.434  1.00 21.76 ? 93  GLY A N     1 
ATOM   504  C  CA    . GLY A 1 77  ? -9.535  1.067   -8.567  1.00 19.73 ? 93  GLY A CA    1 
ATOM   505  C  C     . GLY A 1 77  ? -10.228 0.005   -7.773  1.00 19.57 ? 93  GLY A C     1 
ATOM   506  O  O     . GLY A 1 77  ? -11.183 0.283   -7.015  1.00 21.71 ? 93  GLY A O     1 
ATOM   507  N  N     . GLU A 1 78  ? -9.730  -1.207  -7.885  1.00 16.54 ? 94  GLU A N     1 
ATOM   508  C  CA    . GLU A 1 78  ? -10.312 -2.334  -7.240  1.00 16.32 ? 94  GLU A CA    1 
ATOM   509  C  C     . GLU A 1 78  ? -9.649  -2.676  -5.898  1.00 17.09 ? 94  GLU A C     1 
ATOM   510  O  O     . GLU A 1 78  ? -10.166 -3.489  -5.143  1.00 17.15 ? 94  GLU A O     1 
ATOM   511  C  CB    . GLU A 1 78  ? -10.226 -3.520  -8.217  1.00 16.21 ? 94  GLU A CB    1 
ATOM   512  C  CG    . GLU A 1 78  ? -11.291 -3.401  -9.258  1.00 15.13 ? 94  GLU A CG    1 
ATOM   513  C  CD    . GLU A 1 78  ? -10.892 -3.810  -10.614 1.00 20.57 ? 94  GLU A CD    1 
ATOM   514  O  OE1   . GLU A 1 78  ? -11.589 -3.239  -11.522 1.00 27.34 ? 94  GLU A OE1   1 
ATOM   515  O  OE2   . GLU A 1 78  ? -9.900  -4.598  -10.798 1.00 23.14 ? 94  GLU A OE2   1 
ATOM   516  N  N     . GLY A 1 79  ? -8.495  -2.084  -5.595  1.00 15.78 ? 95  GLY A N     1 
ATOM   517  C  CA    . GLY A 1 79  ? -7.829  -2.488  -4.402  1.00 15.62 ? 95  GLY A CA    1 
ATOM   518  C  C     . GLY A 1 79  ? -7.015  -1.361  -3.919  1.00 14.44 ? 95  GLY A C     1 
ATOM   519  O  O     . GLY A 1 79  ? -6.447  -0.686  -4.646  1.00 14.68 ? 95  GLY A O     1 
ATOM   520  N  N     . PHE A 1 80  ? -6.923  -1.205  -2.643  1.00 15.28 ? 96  PHE A N     1 
ATOM   521  C  CA    . PHE A 1 80  ? -5.979  -0.195  -2.063  1.00 16.16 ? 96  PHE A CA    1 
ATOM   522  C  C     . PHE A 1 80  ? -4.977  -0.839  -1.195  1.00 14.71 ? 96  PHE A C     1 
ATOM   523  O  O     . PHE A 1 80  ? -5.396  -1.625  -0.342  1.00 18.49 ? 96  PHE A O     1 
ATOM   524  C  CB    . PHE A 1 80  ? -6.847  0.904   -1.353  1.00 12.89 ? 96  PHE A CB    1 
ATOM   525  C  CG    . PHE A 1 80  ? -7.912  1.428   -2.299  1.00 13.71 ? 96  PHE A CG    1 
ATOM   526  C  CD1   . PHE A 1 80  ? -7.594  2.418   -3.228  1.00 14.55 ? 96  PHE A CD1   1 
ATOM   527  C  CD2   . PHE A 1 80  ? -9.132  0.825   -2.397  1.00 11.57 ? 96  PHE A CD2   1 
ATOM   528  C  CE1   . PHE A 1 80  ? -8.473  2.854   -4.162  1.00 13.01 ? 96  PHE A CE1   1 
ATOM   529  C  CE2   . PHE A 1 80  ? -10.069 1.273   -3.311  1.00 9.58  ? 96  PHE A CE2   1 
ATOM   530  C  CZ    . PHE A 1 80  ? -9.707  2.228   -4.265  1.00 14.09 ? 96  PHE A CZ    1 
ATOM   531  N  N     . ILE A 1 81  ? -3.690  -0.569  -1.433  1.00 14.17 ? 97  ILE A N     1 
ATOM   532  C  CA    . ILE A 1 81  ? -2.659  -0.524  -0.325  1.00 14.44 ? 97  ILE A CA    1 
ATOM   533  C  C     . ILE A 1 81  ? -2.562  0.851   0.446   1.00 13.79 ? 97  ILE A C     1 
ATOM   534  O  O     . ILE A 1 81  ? -2.094  1.776   -0.069  1.00 16.04 ? 97  ILE A O     1 
ATOM   535  C  CB    . ILE A 1 81  ? -1.307  -0.867  -0.843  1.00 14.39 ? 97  ILE A CB    1 
ATOM   536  C  CG1   . ILE A 1 81  ? -1.371  -2.246  -1.551  1.00 15.03 ? 97  ILE A CG1   1 
ATOM   537  C  CG2   . ILE A 1 81  ? -0.325  -0.948  0.238   1.00 13.06 ? 97  ILE A CG2   1 
ATOM   538  C  CD1   . ILE A 1 81  ? -1.765  -2.058  -3.069  1.00 16.14 ? 97  ILE A CD1   1 
ATOM   539  N  N     . ILE A 1 82  ? -3.083  1.002   1.643   1.00 13.27 ? 98  ILE A N     1 
ATOM   540  C  CA    . ILE A 1 82  ? -2.853  2.229   2.354   1.00 12.22 ? 98  ILE A CA    1 
ATOM   541  C  C     . ILE A 1 82  ? -1.481  2.064   3.115   1.00 12.74 ? 98  ILE A C     1 
ATOM   542  O  O     . ILE A 1 82  ? -1.273  1.078   3.835   1.00 13.22 ? 98  ILE A O     1 
ATOM   543  C  CB    . ILE A 1 82  ? -4.090  2.607   3.293   1.00 11.43 ? 98  ILE A CB    1 
ATOM   544  C  CG1   . ILE A 1 82  ? -5.409  2.836   2.512   1.00 11.51 ? 98  ILE A CG1   1 
ATOM   545  C  CG2   . ILE A 1 82  ? -3.855  3.861   4.093   1.00 14.55 ? 98  ILE A CG2   1 
ATOM   546  C  CD1   . ILE A 1 82  ? -6.670  3.126   3.501   1.00 7.92  ? 98  ILE A CD1   1 
ATOM   547  N  N     . CYS A 1 83  ? -0.612  3.065   3.041   1.00 11.67 ? 99  CYS A N     1 
ATOM   548  C  CA    . CYS A 1 83  ? 0.763   2.969   3.511   1.00 10.77 ? 99  CYS A CA    1 
ATOM   549  C  C     . CYS A 1 83  ? 1.017   4.126   4.439   1.00 8.95  ? 99  CYS A C     1 
ATOM   550  O  O     . CYS A 1 83  ? 0.579   5.148   4.185   1.00 8.71  ? 99  CYS A O     1 
ATOM   551  C  CB    . CYS A 1 83  ? 1.760   3.039   2.310   1.00 13.09 ? 99  CYS A CB    1 
ATOM   552  S  SG    . CYS A 1 83  ? 1.409   1.947   0.944   1.00 14.72 ? 99  CYS A SG    1 
ATOM   553  N  N     . TYR A 1 84  ? 1.733   3.888   5.545   1.00 8.66  ? 100 TYR A N     1 
ATOM   554  C  CA    . TYR A 1 84  ? 2.281   4.869   6.457   1.00 8.44  ? 100 TYR A CA    1 
ATOM   555  C  C     . TYR A 1 84  ? 3.728   4.439   6.752   1.00 8.22  ? 100 TYR A C     1 
ATOM   556  O  O     . TYR A 1 84  ? 4.156   3.418   6.316   1.00 8.48  ? 100 TYR A O     1 
ATOM   557  C  CB    . TYR A 1 84  ? 1.478   5.001   7.789   1.00 7.64  ? 100 TYR A CB    1 
ATOM   558  C  CG    . TYR A 1 84  ? 1.599   3.871   8.700   1.00 5.60  ? 100 TYR A CG    1 
ATOM   559  C  CD1   . TYR A 1 84  ? 2.478   3.852   9.747   1.00 7.76  ? 100 TYR A CD1   1 
ATOM   560  C  CD2   . TYR A 1 84  ? 0.818   2.761   8.480   1.00 13.20 ? 100 TYR A CD2   1 
ATOM   561  C  CE1   . TYR A 1 84  ? 2.553   2.782   10.611  1.00 4.77  ? 100 TYR A CE1   1 
ATOM   562  C  CE2   . TYR A 1 84  ? 0.928   1.657   9.227   1.00 10.95 ? 100 TYR A CE2   1 
ATOM   563  C  CZ    . TYR A 1 84  ? 1.715   1.689   10.339  1.00 12.27 ? 100 TYR A CZ    1 
ATOM   564  O  OH    . TYR A 1 84  ? 1.703   0.527   10.994  1.00 8.98  ? 100 TYR A OH    1 
ATOM   565  N  N     . SER A 1 85  ? 4.484   5.311   7.409   1.00 9.83  ? 101 SER A N     1 
ATOM   566  C  CA    . SER A 1 85  ? 5.842   5.020   7.854   1.00 9.85  ? 101 SER A CA    1 
ATOM   567  C  C     . SER A 1 85  ? 5.760   4.909   9.348   1.00 9.26  ? 101 SER A C     1 
ATOM   568  O  O     . SER A 1 85  ? 5.135   5.721   9.975   1.00 9.17  ? 101 SER A O     1 
ATOM   569  C  CB    . SER A 1 85  ? 6.814   6.088   7.418   1.00 9.93  ? 101 SER A CB    1 
ATOM   570  O  OG    . SER A 1 85  ? 8.046   6.107   8.135   1.00 12.20 ? 101 SER A OG    1 
ATOM   571  N  N     . ILE A 1 86  ? 6.309   3.811   9.870   1.00 10.10 ? 102 ILE A N     1 
ATOM   572  C  CA    . ILE A 1 86  ? 6.448   3.514   11.322  1.00 9.39  ? 102 ILE A CA    1 
ATOM   573  C  C     . ILE A 1 86  ? 7.276   4.647   12.069  1.00 10.67 ? 102 ILE A C     1 
ATOM   574  O  O     . ILE A 1 86  ? 7.394   4.622   13.279  1.00 9.41  ? 102 ILE A O     1 
ATOM   575  C  CB    . ILE A 1 86  ? 7.134   2.044   11.557  1.00 8.33  ? 102 ILE A CB    1 
ATOM   576  C  CG1   . ILE A 1 86  ? 8.603   1.930   11.097  1.00 4.40  ? 102 ILE A CG1   1 
ATOM   577  C  CG2   . ILE A 1 86  ? 6.390   0.968   10.933  1.00 5.75  ? 102 ILE A CG2   1 
ATOM   578  C  CD1   . ILE A 1 86  ? 9.547   1.192   12.091  1.00 8.24  ? 102 ILE A CD1   1 
ATOM   579  N  N     . THR A 1 87  ? 7.898   5.562   11.302  1.00 10.29 ? 103 THR A N     1 
ATOM   580  C  CA    . THR A 1 87  ? 8.752   6.596   11.880  1.00 10.72 ? 103 THR A CA    1 
ATOM   581  C  C     . THR A 1 87  ? 7.984   7.860   12.042  1.00 12.56 ? 103 THR A C     1 
ATOM   582  O  O     . THR A 1 87  ? 8.485   8.785   12.714  1.00 12.22 ? 103 THR A O     1 
ATOM   583  C  CB    . THR A 1 87  ? 10.034  6.894   10.990  1.00 10.38 ? 103 THR A CB    1 
ATOM   584  O  OG1   . THR A 1 87  ? 9.667   7.549   9.724   1.00 10.74 ? 103 THR A OG1   1 
ATOM   585  C  CG2   . THR A 1 87  ? 10.950  5.608   10.800  1.00 7.73  ? 103 THR A CG2   1 
ATOM   586  N  N     . ASP A 1 88  ? 6.740   7.889   11.487  1.00 11.60 ? 104 ASP A N     1 
ATOM   587  C  CA    . ASP A 1 88  ? 6.003   9.153   11.228  1.00 12.01 ? 104 ASP A CA    1 
ATOM   588  C  C     . ASP A 1 88  ? 4.516   8.878   11.709  1.00 12.47 ? 104 ASP A C     1 
ATOM   589  O  O     . ASP A 1 88  ? 3.737   8.292   10.991  1.00 8.74  ? 104 ASP A O     1 
ATOM   590  C  CB    . ASP A 1 88  ? 6.217   9.542   9.665   1.00 10.87 ? 104 ASP A CB    1 
ATOM   591  C  CG    . ASP A 1 88  ? 5.618   10.953  9.228   1.00 14.06 ? 104 ASP A CG    1 
ATOM   592  O  OD1   . ASP A 1 88  ? 4.991   11.654  10.032  1.00 16.46 ? 104 ASP A OD1   1 
ATOM   593  O  OD2   . ASP A 1 88  ? 5.683   11.388  8.046   1.00 13.43 ? 104 ASP A OD2   1 
ATOM   594  N  N     . ARG A 1 89  ? 4.163   9.195   12.974  1.00 13.41 ? 105 ARG A N     1 
ATOM   595  C  CA    . ARG A 1 89  ? 2.754   9.133   13.438  1.00 12.89 ? 105 ARG A CA    1 
ATOM   596  C  C     . ARG A 1 89  ? 1.798   9.983   12.668  1.00 13.98 ? 105 ARG A C     1 
ATOM   597  O  O     . ARG A 1 89  ? 0.591   9.656   12.584  1.00 14.99 ? 105 ARG A O     1 
ATOM   598  C  CB    . ARG A 1 89  ? 2.535   9.504   14.888  1.00 14.33 ? 105 ARG A CB    1 
ATOM   599  C  CG    . ARG A 1 89  ? 3.269   8.655   15.806  1.00 14.47 ? 105 ARG A CG    1 
ATOM   600  C  CD    . ARG A 1 89  ? 2.989   8.907   17.284  1.00 14.79 ? 105 ARG A CD    1 
ATOM   601  N  NE    . ARG A 1 89  ? 1.687   8.409   17.769  1.00 9.95  ? 105 ARG A NE    1 
ATOM   602  C  CZ    . ARG A 1 89  ? 1.341   7.144   17.846  1.00 12.44 ? 105 ARG A CZ    1 
ATOM   603  N  NH1   . ARG A 1 89  ? 2.113   6.192   17.343  1.00 15.04 ? 105 ARG A NH1   1 
ATOM   604  N  NH2   . ARG A 1 89  ? 0.137   6.807   18.310  1.00 18.23 ? 105 ARG A NH2   1 
ATOM   605  N  N     . ARG A 1 90  ? 2.243   11.069  12.075  1.00 12.53 ? 106 ARG A N     1 
ATOM   606  C  CA    . ARG A 1 90  ? 1.270   11.828  11.308  1.00 13.32 ? 106 ARG A CA    1 
ATOM   607  C  C     . ARG A 1 90  ? 0.809   11.138  10.035  1.00 11.52 ? 106 ARG A C     1 
ATOM   608  O  O     . ARG A 1 90  ? -0.383  11.208  9.668   1.00 11.49 ? 106 ARG A O     1 
ATOM   609  C  CB    . ARG A 1 90  ? 1.733   13.281  11.100  1.00 12.62 ? 106 ARG A CB    1 
ATOM   610  C  CG    . ARG A 1 90  ? 1.360   14.025  12.415  1.00 15.59 ? 106 ARG A CG    1 
ATOM   611  C  CD    . ARG A 1 90  ? 1.889   15.424  12.421  1.00 21.57 ? 106 ARG A CD    1 
ATOM   612  N  NE    . ARG A 1 90  ? 3.164   15.533  13.196  1.00 25.33 ? 106 ARG A NE    1 
ATOM   613  C  CZ    . ARG A 1 90  ? 3.766   16.688  13.396  1.00 28.71 ? 106 ARG A CZ    1 
ATOM   614  N  NH1   . ARG A 1 90  ? 3.203   17.767  12.815  1.00 31.68 ? 106 ARG A NH1   1 
ATOM   615  N  NH2   . ARG A 1 90  ? 4.902   16.762  14.128  1.00 24.00 ? 106 ARG A NH2   1 
ATOM   616  N  N     . SER A 1 91  ? 1.769   10.489  9.359   1.00 10.32 ? 107 SER A N     1 
ATOM   617  C  CA    . SER A 1 91  ? 1.482   9.588   8.317   1.00 8.75  ? 107 SER A CA    1 
ATOM   618  C  C     . SER A 1 91  ? 0.452   8.469   8.670   1.00 8.48  ? 107 SER A C     1 
ATOM   619  O  O     . SER A 1 91  ? -0.405  8.085   7.855   1.00 7.03  ? 107 SER A O     1 
ATOM   620  C  CB    . SER A 1 91  ? 2.756   9.047   7.714   1.00 8.47  ? 107 SER A CB    1 
ATOM   621  O  OG    . SER A 1 91  ? 3.250   7.843   8.296   1.00 10.75 ? 107 SER A OG    1 
ATOM   622  N  N     . PHE A 1 92  ? 0.576   7.964   9.875   1.00 8.40  ? 108 PHE A N     1 
ATOM   623  C  CA    . PHE A 1 92  ? -0.214  6.893   10.372  1.00 7.58  ? 108 PHE A CA    1 
ATOM   624  C  C     . PHE A 1 92  ? -1.578  7.418   10.660  1.00 8.21  ? 108 PHE A C     1 
ATOM   625  O  O     . PHE A 1 92  ? -2.517  6.807   10.257  1.00 10.26 ? 108 PHE A O     1 
ATOM   626  C  CB    . PHE A 1 92  ? 0.517   6.351   11.596  1.00 8.58  ? 108 PHE A CB    1 
ATOM   627  C  CG    . PHE A 1 92  ? -0.225  5.336   12.330  1.00 11.71 ? 108 PHE A CG    1 
ATOM   628  C  CD1   . PHE A 1 92  ? -0.546  4.088   11.703  1.00 15.98 ? 108 PHE A CD1   1 
ATOM   629  C  CD2   . PHE A 1 92  ? -0.680  5.609   13.632  1.00 9.83  ? 108 PHE A CD2   1 
ATOM   630  C  CE1   . PHE A 1 92  ? -1.255  3.093   12.392  1.00 13.52 ? 108 PHE A CE1   1 
ATOM   631  C  CE2   . PHE A 1 92  ? -1.376  4.650   14.331  1.00 13.42 ? 108 PHE A CE2   1 
ATOM   632  C  CZ    . PHE A 1 92  ? -1.677  3.372   13.709  1.00 13.70 ? 108 PHE A CZ    1 
ATOM   633  N  N     . HIS A 1 93  ? -1.734  8.558   11.361  1.00 7.87  ? 109 HIS A N     1 
ATOM   634  C  CA    . HIS A 1 93  ? -3.026  9.152   11.543  1.00 8.59  ? 109 HIS A CA    1 
ATOM   635  C  C     . HIS A 1 93  ? -3.656  9.460   10.161  1.00 9.72  ? 109 HIS A C     1 
ATOM   636  O  O     . HIS A 1 93  ? -4.822  9.250   9.942   1.00 11.03 ? 109 HIS A O     1 
ATOM   637  C  CB    . HIS A 1 93  ? -2.976  10.421  12.468  1.00 10.21 ? 109 HIS A CB    1 
ATOM   638  C  CG    . HIS A 1 93  ? -2.388  10.173  13.847  1.00 5.28  ? 109 HIS A CG    1 
ATOM   639  N  ND1   . HIS A 1 93  ? -2.677  9.067   14.587  1.00 5.50  ? 109 HIS A ND1   1 
ATOM   640  C  CD2   . HIS A 1 93  ? -1.489  10.867  14.565  1.00 10.62 ? 109 HIS A CD2   1 
ATOM   641  C  CE1   . HIS A 1 93  ? -2.017  9.094   15.722  1.00 11.74 ? 109 HIS A CE1   1 
ATOM   642  N  NE2   . HIS A 1 93  ? -1.323  10.204  15.756  1.00 12.01 ? 109 HIS A NE2   1 
ATOM   643  N  N     . GLU A 1 94  ? -2.867  9.850   9.197   1.00 9.57  ? 110 GLU A N     1 
ATOM   644  C  CA    . GLU A 1 94  ? -3.396  10.127  7.937   1.00 11.60 ? 110 GLU A CA    1 
ATOM   645  C  C     . GLU A 1 94  ? -3.932  8.897   7.235   1.00 11.04 ? 110 GLU A C     1 
ATOM   646  O  O     . GLU A 1 94  ? -4.597  9.040   6.270   1.00 7.35  ? 110 GLU A O     1 
ATOM   647  C  CB    . GLU A 1 94  ? -2.393  10.888  7.106   1.00 11.26 ? 110 GLU A CB    1 
ATOM   648  C  CG    . GLU A 1 94  ? -3.027  11.499  5.921   1.00 15.78 ? 110 GLU A CG    1 
ATOM   649  C  CD    . GLU A 1 94  ? -2.139  12.522  5.147   1.00 16.78 ? 110 GLU A CD    1 
ATOM   650  O  OE1   . GLU A 1 94  ? -2.705  13.307  4.383   1.00 24.44 ? 110 GLU A OE1   1 
ATOM   651  O  OE2   . GLU A 1 94  ? -0.915  12.592  5.307   1.00 19.53 ? 110 GLU A OE2   1 
ATOM   652  N  N     . VAL A 1 95  ? -3.672  7.676   7.741   1.00 12.67 ? 111 VAL A N     1 
ATOM   653  C  CA    . VAL A 1 95  ? -4.210  6.518   6.985   1.00 13.17 ? 111 VAL A CA    1 
ATOM   654  C  C     . VAL A 1 95  ? -5.743  6.576   7.132   1.00 12.52 ? 111 VAL A C     1 
ATOM   655  O  O     . VAL A 1 95  ? -6.483  6.142   6.277   1.00 8.23  ? 111 VAL A O     1 
ATOM   656  C  CB    . VAL A 1 95  ? -3.698  5.094   7.371   1.00 13.89 ? 111 VAL A CB    1 
ATOM   657  C  CG1   . VAL A 1 95  ? -2.207  5.015   7.768   1.00 11.52 ? 111 VAL A CG1   1 
ATOM   658  C  CG2   . VAL A 1 95  ? -4.580  4.506   8.380   1.00 15.86 ? 111 VAL A CG2   1 
ATOM   659  N  N     . ARG A 1 96  ? -6.170  7.186   8.232   1.00 13.55 ? 112 ARG A N     1 
ATOM   660  C  CA    . ARG A 1 96  ? -7.628  7.388   8.462   1.00 13.10 ? 112 ARG A CA    1 
ATOM   661  C  C     . ARG A 1 96  ? -8.268  8.359   7.534   1.00 11.26 ? 112 ARG A C     1 
ATOM   662  O  O     . ARG A 1 96  ? -9.355  8.193   7.299   1.00 13.38 ? 112 ARG A O     1 
ATOM   663  C  CB    . ARG A 1 96  ? -7.980  7.723   9.901   1.00 11.20 ? 112 ARG A CB    1 
ATOM   664  C  CG    . ARG A 1 96  ? -7.256  6.940   10.882  1.00 9.67  ? 112 ARG A CG    1 
ATOM   665  C  CD    . ARG A 1 96  ? -7.537  7.516   12.205  1.00 11.33 ? 112 ARG A CD    1 
ATOM   666  N  NE    . ARG A 1 96  ? -7.106  6.622   13.223  1.00 12.39 ? 112 ARG A NE    1 
ATOM   667  C  CZ    . ARG A 1 96  ? -7.826  5.654   13.701  1.00 9.91  ? 112 ARG A CZ    1 
ATOM   668  N  NH1   . ARG A 1 96  ? -9.059  5.473   13.227  1.00 14.60 ? 112 ARG A NH1   1 
ATOM   669  N  NH2   . ARG A 1 96  ? -7.310  4.884   14.625  1.00 6.26  ? 112 ARG A NH2   1 
ATOM   670  N  N     . GLU A 1 97  ? -7.628  9.321   6.971   1.00 12.56 ? 113 GLU A N     1 
ATOM   671  C  CA    A GLU A 1 97  ? -8.290  10.129  5.925   0.50 14.30 ? 113 GLU A CA    1 
ATOM   672  C  CA    B GLU A 1 97  ? -8.256  10.140  5.950   0.50 14.08 ? 113 GLU A CA    1 
ATOM   673  C  C     . GLU A 1 97  ? -8.315  9.330   4.642   1.00 15.46 ? 113 GLU A C     1 
ATOM   674  O  O     . GLU A 1 97  ? -9.160  9.600   3.762   1.00 16.04 ? 113 GLU A O     1 
ATOM   675  C  CB    A GLU A 1 97  ? -7.592  11.462  5.620   0.50 13.68 ? 113 GLU A CB    1 
ATOM   676  C  CB    B GLU A 1 97  ? -7.468  11.447  5.788   0.50 13.23 ? 113 GLU A CB    1 
ATOM   677  C  CG    A GLU A 1 97  ? -8.562  12.645  5.447   0.50 15.59 ? 113 GLU A CG    1 
ATOM   678  C  CG    B GLU A 1 97  ? -7.429  12.263  7.104   0.50 13.95 ? 113 GLU A CG    1 
ATOM   679  C  CD    A GLU A 1 97  ? -9.284  12.780  4.100   0.50 19.24 ? 113 GLU A CD    1 
ATOM   680  C  CD    B GLU A 1 97  ? -6.176  13.055  7.295   0.50 14.12 ? 113 GLU A CD    1 
ATOM   681  O  OE1   A GLU A 1 97  ? -8.677  13.247  3.110   0.50 18.22 ? 113 GLU A OE1   1 
ATOM   682  O  OE1   B GLU A 1 97  ? -5.635  13.509  6.298   0.50 20.08 ? 113 GLU A OE1   1 
ATOM   683  O  OE2   A GLU A 1 97  ? -10.504 12.493  4.050   0.50 23.28 ? 113 GLU A OE2   1 
ATOM   684  O  OE2   B GLU A 1 97  ? -5.700  13.219  8.443   0.50 18.40 ? 113 GLU A OE2   1 
ATOM   685  N  N     . PHE A 1 98  ? -7.388  8.372   4.522   1.00 15.82 ? 114 PHE A N     1 
ATOM   686  C  CA    . PHE A 1 98  ? -7.239  7.636   3.246   1.00 15.99 ? 114 PHE A CA    1 
ATOM   687  C  C     . PHE A 1 98  ? -8.341  6.654   3.232   1.00 17.64 ? 114 PHE A C     1 
ATOM   688  O  O     . PHE A 1 98  ? -9.026  6.498   2.193   1.00 20.22 ? 114 PHE A O     1 
ATOM   689  C  CB    . PHE A 1 98  ? -5.829  7.055   3.081   1.00 13.86 ? 114 PHE A CB    1 
ATOM   690  C  CG    . PHE A 1 98  ? -4.854  8.036   2.605   1.00 10.19 ? 114 PHE A CG    1 
ATOM   691  C  CD1   . PHE A 1 98  ? -4.966  8.598   1.352   1.00 9.48  ? 114 PHE A CD1   1 
ATOM   692  C  CD2   . PHE A 1 98  ? -3.811  8.510   3.445   1.00 15.85 ? 114 PHE A CD2   1 
ATOM   693  C  CE1   . PHE A 1 98  ? -4.031  9.606   0.877   1.00 9.57  ? 114 PHE A CE1   1 
ATOM   694  C  CE2   . PHE A 1 98  ? -2.896  9.516   2.993   1.00 10.74 ? 114 PHE A CE2   1 
ATOM   695  C  CZ    . PHE A 1 98  ? -2.996  10.064  1.717   1.00 11.09 ? 114 PHE A CZ    1 
ATOM   696  N  N     . LYS A 1 99  ? -8.598  6.107   4.406   1.00 17.73 ? 115 LYS A N     1 
ATOM   697  C  CA    . LYS A 1 99  ? -9.723  5.290   4.641   1.00 18.90 ? 115 LYS A CA    1 
ATOM   698  C  C     . LYS A 1 99  ? -11.077 5.866   4.185   1.00 19.80 ? 115 LYS A C     1 
ATOM   699  O  O     . LYS A 1 99  ? -11.803 5.299   3.340   1.00 21.85 ? 115 LYS A O     1 
ATOM   700  C  CB    . LYS A 1 99  ? -9.765  4.973   6.141   1.00 19.45 ? 115 LYS A CB    1 
ATOM   701  C  CG    . LYS A 1 99  ? -11.181 4.366   6.613   1.00 19.71 ? 115 LYS A CG    1 
ATOM   702  C  CD    . LYS A 1 99  ? -11.195 4.073   8.162   1.00 22.94 ? 115 LYS A CD    1 
ATOM   703  C  CE    . LYS A 1 99  ? -12.254 2.976   8.677   1.00 19.92 ? 115 LYS A CE    1 
ATOM   704  N  NZ    . LYS A 1 99  ? -12.739 3.229   10.171  1.00 15.61 ? 115 LYS A NZ    1 
ATOM   705  N  N     . GLN A 1 100 ? -11.463 7.012   4.736   1.00 20.18 ? 116 GLN A N     1 
ATOM   706  C  CA    . GLN A 1 100 ? -12.746 7.594   4.369   1.00 19.28 ? 116 GLN A CA    1 
ATOM   707  C  C     . GLN A 1 100 ? -12.788 8.195   2.974   1.00 18.52 ? 116 GLN A C     1 
ATOM   708  O  O     . GLN A 1 100 ? -13.886 8.442   2.431   1.00 18.52 ? 116 GLN A O     1 
ATOM   709  C  CB    . GLN A 1 100 ? -13.176 8.615   5.460   1.00 21.34 ? 116 GLN A CB    1 
ATOM   710  C  CG    . GLN A 1 100 ? -14.804 8.580   5.631   1.00 20.98 ? 116 GLN A CG    1 
ATOM   711  C  CD    . GLN A 1 100 ? -15.335 9.680   4.851   1.00 26.09 ? 116 GLN A CD    1 
ATOM   712  O  OE1   . GLN A 1 100 ? -16.535 9.791   4.578   1.00 30.84 ? 116 GLN A OE1   1 
ATOM   713  N  NE2   . GLN A 1 100 ? -14.420 10.559  4.430   1.00 28.81 ? 116 GLN A NE2   1 
ATOM   714  N  N     . LEU A 1 101 ? -11.626 8.367   2.324   1.00 18.43 ? 117 LEU A N     1 
ATOM   715  C  CA    . LEU A 1 101 ? -11.619 8.635   0.831   1.00 20.05 ? 117 LEU A CA    1 
ATOM   716  C  C     . LEU A 1 101 ? -12.098 7.384   0.009   1.00 20.22 ? 117 LEU A C     1 
ATOM   717  O  O     . LEU A 1 101 ? -12.936 7.500   -0.865  1.00 23.10 ? 117 LEU A O     1 
ATOM   718  C  CB    . LEU A 1 101 ? -10.237 9.177   0.325   1.00 19.19 ? 117 LEU A CB    1 
ATOM   719  C  CG    . LEU A 1 101 ? -10.064 10.152  -0.836  1.00 18.58 ? 117 LEU A CG    1 
ATOM   720  C  CD1   . LEU A 1 101 ? -8.857  9.771   -1.554  1.00 13.01 ? 117 LEU A CD1   1 
ATOM   721  C  CD2   . LEU A 1 101 ? -11.260 10.261  -1.881  1.00 14.01 ? 117 LEU A CD2   1 
ATOM   722  N  N     . ILE A 1 102 ? -11.631 6.198   0.313   1.00 20.50 ? 118 ILE A N     1 
ATOM   723  C  CA    . ILE A 1 102 ? -12.003 4.972   -0.428  1.00 22.38 ? 118 ILE A CA    1 
ATOM   724  C  C     . ILE A 1 102 ? -13.585 4.788   -0.362  1.00 24.29 ? 118 ILE A C     1 
ATOM   725  O  O     . ILE A 1 102 ? -14.277 4.316   -1.282  1.00 25.67 ? 118 ILE A O     1 
ATOM   726  C  CB    . ILE A 1 102 ? -11.297 3.724   0.294   1.00 21.84 ? 118 ILE A CB    1 
ATOM   727  C  CG1   . ILE A 1 102 ? -9.810  3.608   0.019   1.00 22.70 ? 118 ILE A CG1   1 
ATOM   728  C  CG2   . ILE A 1 102 ? -11.937 2.421   -0.025  1.00 22.80 ? 118 ILE A CG2   1 
ATOM   729  C  CD1   . ILE A 1 102 ? -9.028  3.013   1.234   1.00 21.55 ? 118 ILE A CD1   1 
ATOM   730  N  N     . TYR A 1 103 ? -14.115 5.187   0.794   1.00 25.37 ? 119 TYR A N     1 
ATOM   731  C  CA    . TYR A 1 103 ? -15.526 5.110   1.122   1.00 25.59 ? 119 TYR A CA    1 
ATOM   732  C  C     . TYR A 1 103 ? -16.371 6.174   0.460   1.00 27.03 ? 119 TYR A C     1 
ATOM   733  O  O     . TYR A 1 103 ? -17.339 5.892   -0.254  1.00 26.65 ? 119 TYR A O     1 
ATOM   734  C  CB    . TYR A 1 103 ? -15.566 5.163   2.597   1.00 24.78 ? 119 TYR A CB    1 
ATOM   735  C  CG    . TYR A 1 103 ? -14.716 4.020   3.088   1.00 27.00 ? 119 TYR A CG    1 
ATOM   736  C  CD1   . TYR A 1 103 ? -14.126 4.055   4.297   1.00 30.52 ? 119 TYR A CD1   1 
ATOM   737  C  CD2   . TYR A 1 103 ? -14.478 2.884   2.311   1.00 29.44 ? 119 TYR A CD2   1 
ATOM   738  C  CE1   . TYR A 1 103 ? -13.387 3.018   4.729   1.00 29.83 ? 119 TYR A CE1   1 
ATOM   739  C  CE2   . TYR A 1 103 ? -13.703 1.831   2.755   1.00 24.55 ? 119 TYR A CE2   1 
ATOM   740  C  CZ    . TYR A 1 103 ? -13.164 1.895   3.984   1.00 25.54 ? 119 TYR A CZ    1 
ATOM   741  O  OH    . TYR A 1 103 ? -12.314 0.879   4.526   1.00 26.64 ? 119 TYR A OH    1 
ATOM   742  N  N     . ARG A 1 104 ? -15.974 7.432   0.620   1.00 27.48 ? 120 ARG A N     1 
ATOM   743  C  CA    . ARG A 1 104 ? -16.682 8.445   -0.166  1.00 26.59 ? 120 ARG A CA    1 
ATOM   744  C  C     . ARG A 1 104 ? -16.713 8.068   -1.694  1.00 28.07 ? 120 ARG A C     1 
ATOM   745  O  O     . ARG A 1 104 ? -17.704 8.339   -2.460  1.00 28.37 ? 120 ARG A O     1 
ATOM   746  C  CB    . ARG A 1 104 ? -16.153 9.866   0.214   1.00 26.16 ? 120 ARG A CB    1 
ATOM   747  C  CG    . ARG A 1 104 ? -15.109 10.439  -0.613  1.00 22.45 ? 120 ARG A CG    1 
ATOM   748  C  CD    . ARG A 1 104 ? -14.973 12.031  -0.334  1.00 24.19 ? 120 ARG A CD    1 
ATOM   749  N  NE    . ARG A 1 104 ? -13.623 12.398  0.205   1.00 23.26 ? 120 ARG A NE    1 
ATOM   750  C  CZ    . ARG A 1 104 ? -13.307 12.298  1.479   1.00 17.72 ? 120 ARG A CZ    1 
ATOM   751  N  NH1   . ARG A 1 104 ? -14.216 11.879  2.327   1.00 28.83 ? 120 ARG A NH1   1 
ATOM   752  N  NH2   . ARG A 1 104 ? -12.133 12.568  1.935   1.00 20.15 ? 120 ARG A NH2   1 
ATOM   753  N  N     . VAL A 1 105 ? -15.708 7.309   -2.108  1.00 29.38 ? 121 VAL A N     1 
ATOM   754  C  CA    . VAL A 1 105 ? -15.446 6.985   -3.535  1.00 29.65 ? 121 VAL A CA    1 
ATOM   755  C  C     . VAL A 1 105 ? -16.064 5.620   -3.820  1.00 30.51 ? 121 VAL A C     1 
ATOM   756  O  O     . VAL A 1 105 ? -17.147 5.589   -4.410  1.00 29.97 ? 121 VAL A O     1 
ATOM   757  C  CB    . VAL A 1 105 ? -13.896 7.076   -3.906  1.00 29.89 ? 121 VAL A CB    1 
ATOM   758  C  CG1   . VAL A 1 105 ? -13.444 6.020   -4.934  1.00 32.59 ? 121 VAL A CG1   1 
ATOM   759  C  CG2   . VAL A 1 105 ? -13.450 8.492   -4.376  1.00 29.43 ? 121 VAL A CG2   1 
ATOM   760  N  N     . ARG A 1 106 ? -15.438 4.490   -3.435  1.00 31.48 ? 122 ARG A N     1 
ATOM   761  C  CA    . ARG A 1 106 ? -15.846 3.223   -4.093  1.00 31.77 ? 122 ARG A CA    1 
ATOM   762  C  C     . ARG A 1 106 ? -17.210 2.757   -3.475  1.00 33.29 ? 122 ARG A C     1 
ATOM   763  O  O     . ARG A 1 106 ? -18.116 2.101   -4.137  1.00 35.35 ? 122 ARG A O     1 
ATOM   764  C  CB    . ARG A 1 106 ? -14.690 2.169   -4.106  1.00 31.30 ? 122 ARG A CB    1 
ATOM   765  C  CG    . ARG A 1 106 ? -14.764 1.242   -5.319  1.00 31.90 ? 122 ARG A CG    1 
ATOM   766  C  CD    . ARG A 1 106 ? -13.508 0.436   -5.634  1.00 31.44 ? 122 ARG A CD    1 
ATOM   767  N  NE    . ARG A 1 106 ? -13.580 -0.995  -5.203  1.00 29.06 ? 122 ARG A NE    1 
ATOM   768  C  CZ    . ARG A 1 106 ? -14.152 -2.016  -5.898  1.00 33.34 ? 122 ARG A CZ    1 
ATOM   769  N  NH1   . ARG A 1 106 ? -14.819 -1.870  -7.114  1.00 30.76 ? 122 ARG A NH1   1 
ATOM   770  N  NH2   . ARG A 1 106 ? -14.115 -3.223  -5.336  1.00 32.11 ? 122 ARG A NH2   1 
ATOM   771  N  N     . ARG A 1 107 ? -17.351 3.153   -2.217  1.00 33.07 ? 123 ARG A N     1 
ATOM   772  C  CA    . ARG A 1 107 ? -18.602 3.356   -1.515  1.00 31.57 ? 123 ARG A CA    1 
ATOM   773  C  C     . ARG A 1 107 ? -19.097 2.158   -0.802  1.00 33.76 ? 123 ARG A C     1 
ATOM   774  O  O     . ARG A 1 107 ? -20.199 1.618   -1.129  1.00 35.08 ? 123 ARG A O     1 
ATOM   775  C  CB    . ARG A 1 107 ? -19.658 3.912   -2.404  1.00 32.77 ? 123 ARG A CB    1 
ATOM   776  C  CG    . ARG A 1 107 ? -20.672 4.815   -1.595  1.00 34.04 ? 123 ARG A CG    1 
ATOM   777  C  CD    . ARG A 1 107 ? -21.382 4.103   -0.384  1.00 35.55 ? 123 ARG A CD    1 
ATOM   778  N  NE    . ARG A 1 107 ? -20.732 4.232   0.958   1.00 34.42 ? 123 ARG A NE    1 
ATOM   779  C  CZ    . ARG A 1 107 ? -21.418 4.411   2.095   1.00 38.27 ? 123 ARG A CZ    1 
ATOM   780  N  NH1   . ARG A 1 107 ? -22.741 4.506   2.035   1.00 44.73 ? 123 ARG A NH1   1 
ATOM   781  N  NH2   . ARG A 1 107 ? -20.822 4.541   3.306   1.00 35.59 ? 123 ARG A NH2   1 
ATOM   782  N  N     . THR A 1 108 ? -18.332 1.708   0.208   1.00 33.25 ? 124 THR A N     1 
ATOM   783  C  CA    . THR A 1 108 ? -18.934 0.904   1.257   1.00 33.28 ? 124 THR A CA    1 
ATOM   784  C  C     . THR A 1 108 ? -18.041 0.931   2.406   1.00 33.07 ? 124 THR A C     1 
ATOM   785  O  O     . THR A 1 108 ? -17.168 1.771   2.459   1.00 35.47 ? 124 THR A O     1 
ATOM   786  C  CB    . THR A 1 108 ? -19.182 -0.580  0.908   1.00 33.51 ? 124 THR A CB    1 
ATOM   787  O  OG1   . THR A 1 108 ? -19.844 -1.172  2.048   1.00 37.92 ? 124 THR A OG1   1 
ATOM   788  C  CG2   . THR A 1 108 ? -17.897 -1.390  0.698   1.00 32.90 ? 124 THR A CG2   1 
ATOM   789  N  N     . ASP A 1 109 ? -18.205 0.035   3.365   1.00 33.68 ? 125 ASP A N     1 
ATOM   790  C  CA    . ASP A 1 109 ? -17.334 0.122   4.540   1.00 32.78 ? 125 ASP A CA    1 
ATOM   791  C  C     . ASP A 1 109 ? -16.131 -0.922  4.479   1.00 31.71 ? 125 ASP A C     1 
ATOM   792  O  O     . ASP A 1 109 ? -15.288 -1.056  5.447   1.00 28.82 ? 125 ASP A O     1 
ATOM   793  C  CB    . ASP A 1 109 ? -18.147 0.037   5.851   1.00 34.64 ? 125 ASP A CB    1 
ATOM   794  C  CG    . ASP A 1 109 ? -19.732 0.211   5.692   1.00 36.99 ? 125 ASP A CG    1 
ATOM   795  O  OD1   . ASP A 1 109 ? -20.252 0.806   4.689   1.00 43.68 ? 125 ASP A OD1   1 
ATOM   796  O  OD2   . ASP A 1 109 ? -20.460 -0.223  6.646   1.00 36.46 ? 125 ASP A OD2   1 
ATOM   797  N  N     . ASP A 1 110 ? -16.041 -1.604  3.319   1.00 29.47 ? 126 ASP A N     1 
ATOM   798  C  CA    . ASP A 1 110 ? -15.282 -2.866  3.196   1.00 29.92 ? 126 ASP A CA    1 
ATOM   799  C  C     . ASP A 1 110 ? -14.666 -3.221  1.777   1.00 27.80 ? 126 ASP A C     1 
ATOM   800  O  O     . ASP A 1 110 ? -14.608 -4.388  1.302   1.00 27.84 ? 126 ASP A O     1 
ATOM   801  C  CB    . ASP A 1 110 ? -16.057 -4.022  3.861   1.00 30.33 ? 126 ASP A CB    1 
ATOM   802  C  CG    . ASP A 1 110 ? -15.279 -4.625  5.054   1.00 34.22 ? 126 ASP A CG    1 
ATOM   803  O  OD1   . ASP A 1 110 ? -14.666 -3.859  5.871   1.00 39.73 ? 126 ASP A OD1   1 
ATOM   804  O  OD2   . ASP A 1 110 ? -15.327 -5.876  5.220   1.00 36.90 ? 126 ASP A OD2   1 
ATOM   805  N  N     . THR A 1 111 ? -14.069 -2.191  1.191   1.00 25.89 ? 127 THR A N     1 
ATOM   806  C  CA    . THR A 1 111 ? -13.314 -2.333  -0.054  1.00 24.68 ? 127 THR A CA    1 
ATOM   807  C  C     . THR A 1 111 ? -12.160 -3.311  0.222   1.00 21.86 ? 127 THR A C     1 
ATOM   808  O  O     . THR A 1 111 ? -11.892 -3.566  1.402   1.00 23.94 ? 127 THR A O     1 
ATOM   809  C  CB    . THR A 1 111 ? -12.967 -0.920  -0.461  1.00 26.13 ? 127 THR A CB    1 
ATOM   810  O  OG1   . THR A 1 111 ? -14.225 -0.198  -0.569  1.00 26.56 ? 127 THR A OG1   1 
ATOM   811  C  CG2   . THR A 1 111 ? -12.154 -0.805  -1.774  1.00 26.82 ? 127 THR A CG2   1 
ATOM   812  N  N     . PRO A 1 112 ? -11.620 -4.016  -0.788  1.00 18.11 ? 128 PRO A N     1 
ATOM   813  C  CA    . PRO A 1 112 ? -10.275 -4.678  -0.532  1.00 15.84 ? 128 PRO A CA    1 
ATOM   814  C  C     . PRO A 1 112 ? -9.161  -3.614  -0.170  1.00 14.55 ? 128 PRO A C     1 
ATOM   815  O  O     . PRO A 1 112 ? -9.038  -2.555  -0.871  1.00 12.07 ? 128 PRO A O     1 
ATOM   816  C  CB    . PRO A 1 112 ? -9.982  -5.347  -1.833  1.00 14.75 ? 128 PRO A CB    1 
ATOM   817  C  CG    . PRO A 1 112 ? -11.445 -5.539  -2.495  1.00 16.07 ? 128 PRO A CG    1 
ATOM   818  C  CD    . PRO A 1 112 ? -12.179 -4.324  -2.146  1.00 16.83 ? 128 PRO A CD    1 
ATOM   819  N  N     . VAL A 1 113 ? -8.512  -3.852  0.961   1.00 12.93 ? 129 VAL A N     1 
ATOM   820  C  CA    . VAL A 1 113 ? -7.621  -2.919  1.580   1.00 15.16 ? 129 VAL A CA    1 
ATOM   821  C  C     . VAL A 1 113 ? -6.561  -3.676  2.382   1.00 14.60 ? 129 VAL A C     1 
ATOM   822  O  O     . VAL A 1 113 ? -6.815  -4.742  3.024   1.00 13.31 ? 129 VAL A O     1 
ATOM   823  C  CB    . VAL A 1 113 ? -8.304  -1.729  2.357   1.00 14.94 ? 129 VAL A CB    1 
ATOM   824  C  CG1   . VAL A 1 113 ? -7.380  -0.649  2.461   1.00 17.17 ? 129 VAL A CG1   1 
ATOM   825  C  CG2   . VAL A 1 113 ? -9.393  -1.110  1.556   1.00 12.73 ? 129 VAL A CG2   1 
ATOM   826  N  N     . VAL A 1 114 ? -5.327  -3.161  2.224   1.00 12.55 ? 130 VAL A N     1 
ATOM   827  C  CA    . VAL A 1 114 ? -4.221  -3.745  2.912   1.00 10.26 ? 130 VAL A CA    1 
ATOM   828  C  C     . VAL A 1 114 ? -3.477  -2.533  3.554   1.00 9.47  ? 130 VAL A C     1 
ATOM   829  O  O     . VAL A 1 114 ? -3.213  -1.561  2.908   1.00 10.33 ? 130 VAL A O     1 
ATOM   830  C  CB    . VAL A 1 114 ? -3.365  -4.605  1.911   1.00 9.22  ? 130 VAL A CB    1 
ATOM   831  C  CG1   . VAL A 1 114 ? -2.054  -4.671  2.350   1.00 12.31 ? 130 VAL A CG1   1 
ATOM   832  C  CG2   . VAL A 1 114 ? -3.938  -6.111  1.716   1.00 8.87  ? 130 VAL A CG2   1 
ATOM   833  N  N     . LEU A 1 115 ? -3.241  -2.625  4.840   1.00 7.60  ? 131 LEU A N     1 
ATOM   834  C  CA    . LEU A 1 115 ? -2.633  -1.666  5.624   1.00 7.68  ? 131 LEU A CA    1 
ATOM   835  C  C     . LEU A 1 115 ? -1.225  -2.072  5.783   1.00 6.35  ? 131 LEU A C     1 
ATOM   836  O  O     . LEU A 1 115 ? -0.954  -3.173  6.214   1.00 6.76  ? 131 LEU A O     1 
ATOM   837  C  CB    . LEU A 1 115 ? -3.319  -1.464  7.038   1.00 7.92  ? 131 LEU A CB    1 
ATOM   838  C  CG    . LEU A 1 115 ? -2.629  -0.310  7.884   1.00 6.24  ? 131 LEU A CG    1 
ATOM   839  C  CD1   . LEU A 1 115 ? -2.597  0.990   7.130   1.00 2.00  ? 131 LEU A CD1   1 
ATOM   840  C  CD2   . LEU A 1 115 ? -3.221  -0.147  9.321   1.00 4.74  ? 131 LEU A CD2   1 
ATOM   841  N  N     . VAL A 1 116 ? -0.365  -1.115  5.499   1.00 7.05  ? 132 VAL A N     1 
ATOM   842  C  CA    . VAL A 1 116 ? 1.104   -1.224  5.563   1.00 9.82  ? 132 VAL A CA    1 
ATOM   843  C  C     . VAL A 1 116 ? 1.878   -0.045  6.268   1.00 8.20  ? 132 VAL A C     1 
ATOM   844  O  O     . VAL A 1 116 ? 1.779   1.071   5.893   1.00 8.30  ? 132 VAL A O     1 
ATOM   845  C  CB    . VAL A 1 116 ? 1.813   -1.520  4.135   1.00 9.30  ? 132 VAL A CB    1 
ATOM   846  C  CG1   . VAL A 1 116 ? 3.254   -2.016  4.346   1.00 14.24 ? 132 VAL A CG1   1 
ATOM   847  C  CG2   . VAL A 1 116 ? 0.962   -2.576  3.168   1.00 12.47 ? 132 VAL A CG2   1 
ATOM   848  N  N     . GLY A 1 117 ? 2.683   -0.433  7.266   1.00 7.98  ? 133 GLY A N     1 
ATOM   849  C  CA    . GLY A 1 117 ? 3.757   0.357   7.849   1.00 7.77  ? 133 GLY A CA    1 
ATOM   850  C  C     . GLY A 1 117 ? 5.094   0.075   7.171   1.00 7.40  ? 133 GLY A C     1 
ATOM   851  O  O     . GLY A 1 117 ? 5.631   -1.017  7.274   1.00 4.61  ? 133 GLY A O     1 
ATOM   852  N  N     . ASN A 1 118 ? 5.548   1.061   6.388   1.00 7.25  ? 134 ASN A N     1 
ATOM   853  C  CA    . ASN A 1 118 ? 6.833   0.993   5.649   1.00 6.12  ? 134 ASN A CA    1 
ATOM   854  C  C     . ASN A 1 118 ? 7.976   1.571   6.510   1.00 5.49  ? 134 ASN A C     1 
ATOM   855  O  O     . ASN A 1 118 ? 7.733   2.087   7.648   1.00 6.23  ? 134 ASN A O     1 
ATOM   856  C  CB    . ASN A 1 118 ? 6.730   1.565   4.240   1.00 6.77  ? 134 ASN A CB    1 
ATOM   857  C  CG    . ASN A 1 118 ? 7.964   1.200   3.340   1.00 6.30  ? 134 ASN A CG    1 
ATOM   858  O  OD1   . ASN A 1 118 ? 8.318   0.050   3.263   1.00 4.63  ? 134 ASN A OD1   1 
ATOM   859  N  ND2   . ASN A 1 118 ? 8.665   2.245   2.756   1.00 5.84  ? 134 ASN A ND2   1 
ATOM   860  N  N     . LYS A 1 119 ? 9.174   1.226   6.117   1.00 5.79  ? 135 LYS A N     1 
ATOM   861  C  CA    . LYS A 1 119 ? 10.462  1.542   6.783   1.00 5.68  ? 135 LYS A CA    1 
ATOM   862  C  C     . LYS A 1 119 ? 10.773  0.795   8.011   1.00 7.22  ? 135 LYS A C     1 
ATOM   863  O  O     . LYS A 1 119 ? 11.475  1.280   8.839   1.00 8.31  ? 135 LYS A O     1 
ATOM   864  C  CB    . LYS A 1 119 ? 10.642  3.074   7.047   1.00 6.33  ? 135 LYS A CB    1 
ATOM   865  C  CG    . LYS A 1 119 ? 10.185  3.984   5.816   1.00 5.46  ? 135 LYS A CG    1 
ATOM   866  C  CD    . LYS A 1 119 ? 10.721  5.400   5.743   1.00 7.00  ? 135 LYS A CD    1 
ATOM   867  C  CE    . LYS A 1 119 ? 10.067  6.171   4.599   1.00 5.73  ? 135 LYS A CE    1 
ATOM   868  N  NZ    . LYS A 1 119 ? 10.406  7.538   4.388   1.00 7.53  ? 135 LYS A NZ    1 
ATOM   869  N  N     . SER A 1 120 ? 10.366  -0.452  8.109   1.00 10.13 ? 136 SER A N     1 
ATOM   870  C  CA    . SER A 1 120 ? 10.608  -1.236  9.301   1.00 10.99 ? 136 SER A CA    1 
ATOM   871  C  C     . SER A 1 120 ? 12.065  -1.300  9.603   1.00 10.59 ? 136 SER A C     1 
ATOM   872  O  O     . SER A 1 120 ? 12.455  -1.740  10.646  1.00 11.09 ? 136 SER A O     1 
ATOM   873  C  CB    . SER A 1 120 ? 10.057  -2.674  9.147   1.00 10.77 ? 136 SER A CB    1 
ATOM   874  O  OG    . SER A 1 120 ? 10.723  -3.415  8.124   1.00 11.10 ? 136 SER A OG    1 
ATOM   875  N  N     . ASP A 1 121 ? 12.910  -0.972  8.666   1.00 12.53 ? 137 ASP A N     1 
ATOM   876  C  CA    . ASP A 1 121 ? 14.434  -0.988  8.913   1.00 13.08 ? 137 ASP A CA    1 
ATOM   877  C  C     . ASP A 1 121 ? 14.926  0.200   9.835   1.00 12.52 ? 137 ASP A C     1 
ATOM   878  O  O     . ASP A 1 121 ? 15.972  0.147   10.459  1.00 15.07 ? 137 ASP A O     1 
ATOM   879  C  CB    . ASP A 1 121 ? 15.201  -1.002  7.578   1.00 12.63 ? 137 ASP A CB    1 
ATOM   880  C  CG    . ASP A 1 121 ? 14.957  0.159   6.784   1.00 10.47 ? 137 ASP A CG    1 
ATOM   881  O  OD1   . ASP A 1 121 ? 13.858  0.286   6.188   1.00 7.96  ? 137 ASP A OD1   1 
ATOM   882  O  OD2   . ASP A 1 121 ? 15.893  0.980   6.739   1.00 14.42 ? 137 ASP A OD2   1 
ATOM   883  N  N     . LEU A 1 122 ? 14.128  1.263   9.922   1.00 13.05 ? 138 LEU A N     1 
ATOM   884  C  CA    . LEU A 1 122 ? 14.389  2.434   10.781  1.00 11.54 ? 138 LEU A CA    1 
ATOM   885  C  C     . LEU A 1 122 ? 13.855  2.181   12.119  1.00 10.48 ? 138 LEU A C     1 
ATOM   886  O  O     . LEU A 1 122 ? 13.174  2.934   12.632  1.00 6.95  ? 138 LEU A O     1 
ATOM   887  C  CB    . LEU A 1 122 ? 13.821  3.685   10.135  1.00 12.05 ? 138 LEU A CB    1 
ATOM   888  C  CG    . LEU A 1 122 ? 14.118  3.818   8.629   1.00 13.01 ? 138 LEU A CG    1 
ATOM   889  C  CD1   . LEU A 1 122 ? 13.710  5.110   7.952   1.00 14.11 ? 138 LEU A CD1   1 
ATOM   890  C  CD2   . LEU A 1 122 ? 15.577  3.579   8.388   1.00 20.42 ? 138 LEU A CD2   1 
ATOM   891  N  N     . LYS A 1 123 ? 14.205  1.017   12.698  1.00 14.52 ? 139 LYS A N     1 
ATOM   892  C  CA    . LYS A 1 123 ? 13.670  0.535   13.990  1.00 16.27 ? 139 LYS A CA    1 
ATOM   893  C  C     . LYS A 1 123 ? 14.169  1.488   15.167  1.00 16.79 ? 139 LYS A C     1 
ATOM   894  O  O     . LYS A 1 123 ? 13.446  1.679   16.149  1.00 14.95 ? 139 LYS A O     1 
ATOM   895  C  CB    . LYS A 1 123 ? 14.151  -0.922  14.312  1.00 18.85 ? 139 LYS A CB    1 
ATOM   896  C  CG    . LYS A 1 123 ? 13.355  -2.087  13.818  1.00 19.87 ? 139 LYS A CG    1 
ATOM   897  C  CD    . LYS A 1 123 ? 13.548  -3.346  14.782  1.00 21.74 ? 139 LYS A CD    1 
ATOM   898  C  CE    . LYS A 1 123 ? 12.304  -3.556  15.809  1.00 26.25 ? 139 LYS A CE    1 
ATOM   899  N  NZ    . LYS A 1 123 ? 12.006  -4.945  16.290  1.00 27.32 ? 139 LYS A NZ    1 
ATOM   900  N  N     . GLN A 1 124 ? 15.354  2.098   15.038  1.00 16.77 ? 140 GLN A N     1 
ATOM   901  C  CA    . GLN A 1 124 ? 15.838  2.969   16.153  1.00 17.45 ? 140 GLN A CA    1 
ATOM   902  C  C     . GLN A 1 124 ? 14.916  4.204   16.232  1.00 18.13 ? 140 GLN A C     1 
ATOM   903  O  O     . GLN A 1 124 ? 14.906  4.880   17.267  1.00 19.68 ? 140 GLN A O     1 
ATOM   904  C  CB    . GLN A 1 124 ? 17.294  3.429   16.059  1.00 16.04 ? 140 GLN A CB    1 
ATOM   905  C  CG    . GLN A 1 124 ? 18.377  2.271   16.143  1.00 21.24 ? 140 GLN A CG    1 
ATOM   906  C  CD    . GLN A 1 124 ? 19.885  2.760   15.942  1.00 21.90 ? 140 GLN A CD    1 
ATOM   907  O  OE1   . GLN A 1 124 ? 20.539  3.309   16.867  1.00 30.94 ? 140 GLN A OE1   1 
ATOM   908  N  NE2   . GLN A 1 124 ? 20.422  2.541   14.760  1.00 28.75 ? 140 GLN A NE2   1 
ATOM   909  N  N     . LEU A 1 125 ? 14.144  4.463   15.175  1.00 15.38 ? 141 LEU A N     1 
ATOM   910  C  CA    . LEU A 1 125 ? 13.362  5.669   15.030  1.00 13.91 ? 141 LEU A CA    1 
ATOM   911  C  C     . LEU A 1 125 ? 11.882  5.407   14.978  1.00 13.18 ? 141 LEU A C     1 
ATOM   912  O  O     . LEU A 1 125 ? 11.185  6.229   14.555  1.00 13.35 ? 141 LEU A O     1 
ATOM   913  C  CB    . LEU A 1 125 ? 13.691  6.320   13.674  1.00 13.84 ? 141 LEU A CB    1 
ATOM   914  C  CG    . LEU A 1 125 ? 15.036  6.729   12.994  1.00 14.18 ? 141 LEU A CG    1 
ATOM   915  C  CD1   . LEU A 1 125 ? 14.820  7.311   11.427  1.00 14.56 ? 141 LEU A CD1   1 
ATOM   916  C  CD2   . LEU A 1 125 ? 15.729  7.790   13.863  1.00 8.33  ? 141 LEU A CD2   1 
ATOM   917  N  N     . ARG A 1 126 ? 11.355  4.289   15.463  1.00 14.92 ? 142 ARG A N     1 
ATOM   918  C  CA    . ARG A 1 126 ? 9.917   4.034   15.411  1.00 14.14 ? 142 ARG A CA    1 
ATOM   919  C  C     . ARG A 1 126 ? 9.253   4.987   16.396  1.00 14.24 ? 142 ARG A C     1 
ATOM   920  O  O     . ARG A 1 126 ? 9.697   5.066   17.547  1.00 11.94 ? 142 ARG A O     1 
ATOM   921  C  CB    . ARG A 1 126 ? 9.449   2.590   15.809  1.00 13.86 ? 142 ARG A CB    1 
ATOM   922  C  CG    . ARG A 1 126 ? 10.285  1.353   15.336  1.00 18.67 ? 142 ARG A CG    1 
ATOM   923  C  CD    . ARG A 1 126 ? 9.743   -0.159  16.088  1.00 14.64 ? 142 ARG A CD    1 
ATOM   924  N  NE    . ARG A 1 126 ? 8.401   -0.196  15.725  1.00 17.16 ? 142 ARG A NE    1 
ATOM   925  C  CZ    . ARG A 1 126 ? 7.863   -0.909  14.750  1.00 11.30 ? 142 ARG A CZ    1 
ATOM   926  N  NH1   . ARG A 1 126 ? 8.475   -1.914  14.142  1.00 10.23 ? 142 ARG A NH1   1 
ATOM   927  N  NH2   . ARG A 1 126 ? 6.657   -0.623  14.457  1.00 8.94  ? 142 ARG A NH2   1 
ATOM   928  N  N     . GLN A 1 127 ? 8.237   5.675   15.891  1.00 12.53 ? 143 GLN A N     1 
ATOM   929  C  CA    . GLN A 1 127 ? 7.243   6.395   16.631  1.00 14.03 ? 143 GLN A CA    1 
ATOM   930  C  C     . GLN A 1 127 ? 5.946   5.615   16.572  1.00 13.33 ? 143 GLN A C     1 
ATOM   931  O  O     . GLN A 1 127 ? 4.958   6.080   17.157  1.00 13.13 ? 143 GLN A O     1 
ATOM   932  C  CB    . GLN A 1 127 ? 6.954   7.805   16.018  1.00 11.41 ? 143 GLN A CB    1 
ATOM   933  C  CG    . GLN A 1 127 ? 8.032   8.790   16.028  1.00 15.28 ? 143 GLN A CG    1 
ATOM   934  C  CD    . GLN A 1 127 ? 7.692   10.083  15.208  1.00 21.27 ? 143 GLN A CD    1 
ATOM   935  O  OE1   . GLN A 1 127 ? 6.490   10.359  14.741  1.00 17.14 ? 143 GLN A OE1   1 
ATOM   936  N  NE2   . GLN A 1 127 ? 8.806   10.876  14.932  1.00 25.52 ? 143 GLN A NE2   1 
ATOM   937  N  N     . VAL A 1 128 ? 5.849   4.593   15.744  1.00 10.69 ? 144 VAL A N     1 
ATOM   938  C  CA    . VAL A 1 128 ? 4.598   3.873   15.706  1.00 11.25 ? 144 VAL A CA    1 
ATOM   939  C  C     . VAL A 1 128 ? 4.788   2.387   15.924  1.00 12.06 ? 144 VAL A C     1 
ATOM   940  O  O     . VAL A 1 128 ? 5.405   1.711   15.094  1.00 13.50 ? 144 VAL A O     1 
ATOM   941  C  CB    . VAL A 1 128 ? 3.722   4.085   14.343  1.00 11.38 ? 144 VAL A CB    1 
ATOM   942  C  CG1   . VAL A 1 128 ? 2.339   3.263   14.402  1.00 9.10  ? 144 VAL A CG1   1 
ATOM   943  C  CG2   . VAL A 1 128 ? 3.582   5.545   13.957  1.00 9.82  ? 144 VAL A CG2   1 
ATOM   944  N  N     . THR A 1 129 ? 4.170   1.837   16.983  1.00 13.91 ? 145 THR A N     1 
ATOM   945  C  CA    . THR A 1 129 ? 4.205   0.357   17.298  1.00 12.84 ? 145 THR A CA    1 
ATOM   946  C  C     . THR A 1 129 ? 3.476   -0.507  16.294  1.00 10.70 ? 145 THR A C     1 
ATOM   947  O  O     . THR A 1 129 ? 2.553   -0.154  15.672  1.00 8.98  ? 145 THR A O     1 
ATOM   948  C  CB    . THR A 1 129 ? 3.677   0.005   18.742  1.00 12.69 ? 145 THR A CB    1 
ATOM   949  O  OG1   . THR A 1 129 ? 2.265   -0.010  18.736  1.00 17.38 ? 145 THR A OG1   1 
ATOM   950  C  CG2   . THR A 1 129 ? 4.130   1.124   19.858  1.00 11.41 ? 145 THR A CG2   1 
ATOM   951  N  N     . LYS A 1 130 ? 3.891   -1.727  16.247  1.00 11.52 ? 146 LYS A N     1 
ATOM   952  C  CA    . LYS A 1 130 ? 3.228   -2.734  15.487  1.00 12.89 ? 146 LYS A CA    1 
ATOM   953  C  C     . LYS A 1 130 ? 1.803   -3.152  15.919  1.00 12.00 ? 146 LYS A C     1 
ATOM   954  O  O     . LYS A 1 130 ? 0.958   -3.505  15.056  1.00 11.21 ? 146 LYS A O     1 
ATOM   955  C  CB    . LYS A 1 130 ? 4.179   -3.959  15.418  1.00 14.01 ? 146 LYS A CB    1 
ATOM   956  C  CG    . LYS A 1 130 ? 3.614   -4.994  14.510  1.00 14.69 ? 146 LYS A CG    1 
ATOM   957  C  CD    . LYS A 1 130 ? 4.730   -5.662  13.665  1.00 18.88 ? 146 LYS A CD    1 
ATOM   958  C  CE    . LYS A 1 130 ? 4.306   -6.618  12.463  1.00 16.80 ? 146 LYS A CE    1 
ATOM   959  N  NZ    . LYS A 1 130 ? 5.579   -7.484  12.076  1.00 15.21 ? 146 LYS A NZ    1 
ATOM   960  N  N     . GLU A 1 131 ? 1.516   -3.112  17.228  1.00 12.14 ? 147 GLU A N     1 
ATOM   961  C  CA    . GLU A 1 131 ? 0.152   -3.249  17.714  1.00 12.25 ? 147 GLU A CA    1 
ATOM   962  C  C     . GLU A 1 131 ? -0.841  -2.055  17.418  1.00 11.58 ? 147 GLU A C     1 
ATOM   963  O  O     . GLU A 1 131 ? -2.035  -2.191  17.016  1.00 11.10 ? 147 GLU A O     1 
ATOM   964  C  CB    . GLU A 1 131 ? 0.117   -3.903  19.110  1.00 13.49 ? 147 GLU A CB    1 
ATOM   965  C  CG    . GLU A 1 131 ? 1.216   -3.626  20.159  1.00 10.94 ? 147 GLU A CG    1 
ATOM   966  C  CD    . GLU A 1 131 ? 2.641   -4.029  19.869  1.00 13.93 ? 147 GLU A CD    1 
ATOM   967  O  OE1   . GLU A 1 131 ? 3.428   -3.098  19.704  1.00 22.21 ? 147 GLU A OE1   1 
ATOM   968  O  OE2   . GLU A 1 131 ? 3.110   -5.199  19.898  1.00 16.15 ? 147 GLU A OE2   1 
ATOM   969  N  N     . GLU A 1 132 ? -0.329  -0.878  17.424  1.00 12.67 ? 148 GLU A N     1 
ATOM   970  C  CA    . GLU A 1 132 ? -1.080  0.236   16.825  1.00 10.15 ? 148 GLU A CA    1 
ATOM   971  C  C     . GLU A 1 132 ? -1.565  0.014   15.383  1.00 10.23 ? 148 GLU A C     1 
ATOM   972  O  O     . GLU A 1 132 ? -2.755  0.208   15.077  1.00 9.74  ? 148 GLU A O     1 
ATOM   973  C  CB    . GLU A 1 132 ? -0.120  1.428   16.840  1.00 10.06 ? 148 GLU A CB    1 
ATOM   974  C  CG    . GLU A 1 132 ? -0.156  2.176   18.135  1.00 13.05 ? 148 GLU A CG    1 
ATOM   975  C  CD    . GLU A 1 132 ? 0.688   3.426   18.149  1.00 13.06 ? 148 GLU A CD    1 
ATOM   976  O  OE1   . GLU A 1 132 ? 1.906   3.254   18.100  1.00 14.80 ? 148 GLU A OE1   1 
ATOM   977  O  OE2   . GLU A 1 132 ? 0.138   4.567   18.271  1.00 14.29 ? 148 GLU A OE2   1 
ATOM   978  N  N     . GLY A 1 133 ? -0.647  -0.415  14.501  1.00 10.58 ? 149 GLY A N     1 
ATOM   979  C  CA    . GLY A 1 133 ? -0.932  -0.760  13.086  1.00 9.78  ? 149 GLY A CA    1 
ATOM   980  C  C     . GLY A 1 133 ? -1.915  -1.904  12.880  1.00 9.75  ? 149 GLY A C     1 
ATOM   981  O  O     . GLY A 1 133 ? -2.865  -1.822  12.066  1.00 9.85  ? 149 GLY A O     1 
ATOM   982  N  N     . LEU A 1 134 ? -1.630  -2.998  13.592  1.00 9.09  ? 150 LEU A N     1 
ATOM   983  C  CA    . LEU A 1 134 ? -2.549  -4.107  13.768  1.00 10.63 ? 150 LEU A CA    1 
ATOM   984  C  C     . LEU A 1 134 ? -3.991  -3.629  14.304  1.00 11.20 ? 150 LEU A C     1 
ATOM   985  O  O     . LEU A 1 134 ? -5.031  -4.081  13.863  1.00 8.88  ? 150 LEU A O     1 
ATOM   986  C  CB    . LEU A 1 134 ? -1.911  -5.159  14.700  1.00 9.34  ? 150 LEU A CB    1 
ATOM   987  C  CG    . LEU A 1 134 ? -0.822  -6.081  14.145  1.00 8.27  ? 150 LEU A CG    1 
ATOM   988  C  CD1   . LEU A 1 134 ? -0.096  -6.754  15.274  1.00 4.17  ? 150 LEU A CD1   1 
ATOM   989  C  CD2   . LEU A 1 134 ? -1.364  -7.063  13.002  1.00 10.10 ? 150 LEU A CD2   1 
ATOM   990  N  N     . ALA A 1 135 ? -4.011  -2.651  15.217  1.00 11.32 ? 151 ALA A N     1 
ATOM   991  C  CA    . ALA A 1 135 ? -5.320  -2.159  15.706  1.00 11.79 ? 151 ALA A CA    1 
ATOM   992  C  C     . ALA A 1 135 ? -6.081  -1.250  14.677  1.00 12.95 ? 151 ALA A C     1 
ATOM   993  O  O     . ALA A 1 135 ? -7.269  -1.179  14.601  1.00 13.44 ? 151 ALA A O     1 
ATOM   994  C  CB    . ALA A 1 135 ? -5.036  -1.458  17.117  1.00 11.98 ? 151 ALA A CB    1 
ATOM   995  N  N     . LEU A 1 136 ? -5.363  -0.554  13.829  1.00 12.57 ? 152 LEU A N     1 
ATOM   996  C  CA    . LEU A 1 136 ? -5.977  0.211   12.788  1.00 11.88 ? 152 LEU A CA    1 
ATOM   997  C  C     . LEU A 1 136 ? -6.412  -0.777  11.781  1.00 12.73 ? 152 LEU A C     1 
ATOM   998  O  O     . LEU A 1 136 ? -7.526  -0.678  11.313  1.00 14.04 ? 152 LEU A O     1 
ATOM   999  C  CB    . LEU A 1 136 ? -5.015  1.287   12.243  1.00 11.96 ? 152 LEU A CB    1 
ATOM   1000 C  CG    . LEU A 1 136 ? -5.566  2.194   11.113  1.00 12.95 ? 152 LEU A CG    1 
ATOM   1001 C  CD1   . LEU A 1 136 ? -6.952  2.767   11.376  1.00 15.91 ? 152 LEU A CD1   1 
ATOM   1002 C  CD2   . LEU A 1 136 ? -4.533  3.289   10.788  1.00 9.55  ? 152 LEU A CD2   1 
ATOM   1003 N  N     . ALA A 1 137 ? -5.574  -1.743  11.423  1.00 12.66 ? 153 ALA A N     1 
ATOM   1004 C  CA    . ALA A 1 137 ? -6.046  -2.838  10.575  1.00 13.76 ? 153 ALA A CA    1 
ATOM   1005 C  C     . ALA A 1 137 ? -7.330  -3.593  11.055  1.00 14.52 ? 153 ALA A C     1 
ATOM   1006 O  O     . ALA A 1 137 ? -7.958  -4.187  10.222  1.00 17.13 ? 153 ALA A O     1 
ATOM   1007 C  CB    . ALA A 1 137 ? -4.937  -3.865  10.358  1.00 10.60 ? 153 ALA A CB    1 
ATOM   1008 N  N     . ARG A 1 138 ? -7.606  -3.751  12.344  1.00 17.31 ? 154 ARG A N     1 
ATOM   1009 C  CA    . ARG A 1 138 ? -8.847  -4.455  12.876  1.00 19.38 ? 154 ARG A CA    1 
ATOM   1010 C  C     . ARG A 1 138 ? -10.101 -3.584  12.667  1.00 21.66 ? 154 ARG A C     1 
ATOM   1011 O  O     . ARG A 1 138 ? -11.229 -4.073  12.418  1.00 23.89 ? 154 ARG A O     1 
ATOM   1012 C  CB    . ARG A 1 138 ? -8.553  -5.035  14.331  1.00 20.70 ? 154 ARG A CB    1 
ATOM   1013 C  CG    . ARG A 1 138 ? -9.434  -4.932  15.629  1.00 17.29 ? 154 ARG A CG    1 
ATOM   1014 C  CD    . ARG A 1 138 ? -8.551  -5.598  16.827  1.00 22.37 ? 154 ARG A CD    1 
ATOM   1015 N  NE    . ARG A 1 138 ? -7.251  -4.874  17.155  1.00 30.19 ? 154 ARG A NE    1 
ATOM   1016 C  CZ    . ARG A 1 138 ? -6.249  -5.214  18.017  1.00 25.96 ? 154 ARG A CZ    1 
ATOM   1017 N  NH1   . ARG A 1 138 ? -6.230  -6.345  18.790  1.00 28.00 ? 154 ARG A NH1   1 
ATOM   1018 N  NH2   . ARG A 1 138 ? -5.190  -4.396  18.119  1.00 29.99 ? 154 ARG A NH2   1 
ATOM   1019 N  N     . GLU A 1 139 ? -9.855  -2.269  12.562  1.00 22.99 ? 155 GLU A N     1 
ATOM   1020 C  CA    . GLU A 1 139 ? -10.852 -1.232  12.134  1.00 20.94 ? 155 GLU A CA    1 
ATOM   1021 C  C     . GLU A 1 139 ? -11.367 -1.311  10.736  1.00 20.25 ? 155 GLU A C     1 
ATOM   1022 O  O     . GLU A 1 139 ? -12.548 -1.127  10.429  1.00 19.90 ? 155 GLU A O     1 
ATOM   1023 C  CB    . GLU A 1 139 ? -10.221 0.180   12.249  1.00 21.93 ? 155 GLU A CB    1 
ATOM   1024 C  CG    . GLU A 1 139 ? -11.059 1.066   13.101  1.00 22.08 ? 155 GLU A CG    1 
ATOM   1025 C  CD    . GLU A 1 139 ? -10.461 2.328   13.506  1.00 23.01 ? 155 GLU A CD    1 
ATOM   1026 O  OE1   . GLU A 1 139 ? -9.398  2.260   14.185  1.00 20.93 ? 155 GLU A OE1   1 
ATOM   1027 O  OE2   . GLU A 1 139 ? -11.137 3.363   13.189  1.00 24.62 ? 155 GLU A OE2   1 
ATOM   1028 N  N     . PHE A 1 140 ? -10.447 -1.413  9.822   1.00 19.51 ? 156 PHE A N     1 
ATOM   1029 C  CA    . PHE A 1 140 ? -10.799 -1.692  8.480   1.00 19.30 ? 156 PHE A CA    1 
ATOM   1030 C  C     . PHE A 1 140 ? -11.294 -3.191  8.216   1.00 18.93 ? 156 PHE A C     1 
ATOM   1031 O  O     . PHE A 1 140 ? -11.770 -3.514  7.137   1.00 18.70 ? 156 PHE A O     1 
ATOM   1032 C  CB    . PHE A 1 140 ? -9.559  -1.648  7.712   1.00 18.33 ? 156 PHE A CB    1 
ATOM   1033 C  CG    . PHE A 1 140 ? -9.090  -0.343  7.346   1.00 18.55 ? 156 PHE A CG    1 
ATOM   1034 C  CD1   . PHE A 1 140 ? -8.000  0.225   8.011   1.00 20.28 ? 156 PHE A CD1   1 
ATOM   1035 C  CD2   . PHE A 1 140 ? -9.540  0.222   6.212   1.00 19.33 ? 156 PHE A CD2   1 
ATOM   1036 C  CE1   . PHE A 1 140 ? -7.406  1.326   7.599   1.00 12.22 ? 156 PHE A CE1   1 
ATOM   1037 C  CE2   . PHE A 1 140 ? -8.989  1.388   5.796   1.00 18.92 ? 156 PHE A CE2   1 
ATOM   1038 C  CZ    . PHE A 1 140 ? -7.865  1.899   6.500   1.00 16.32 ? 156 PHE A CZ    1 
ATOM   1039 N  N     . SER A 1 141 ? -11.072 -4.056  9.195   1.00 19.55 ? 157 SER A N     1 
ATOM   1040 C  CA    . SER A 1 141 ? -10.823 -5.528  9.077   1.00 18.52 ? 157 SER A CA    1 
ATOM   1041 C  C     . SER A 1 141 ? -10.033 -5.958  7.856   1.00 15.98 ? 157 SER A C     1 
ATOM   1042 O  O     . SER A 1 141 ? -10.608 -6.433  6.941   1.00 14.08 ? 157 SER A O     1 
ATOM   1043 C  CB    . SER A 1 141 ? -12.144 -6.289  9.216   1.00 19.10 ? 157 SER A CB    1 
ATOM   1044 O  OG    . SER A 1 141 ? -13.244 -5.395  9.208   1.00 22.09 ? 157 SER A OG    1 
ATOM   1045 N  N     . CYS A 1 142 ? -8.715  -6.004  7.986   1.00 14.78 ? 158 CYS A N     1 
ATOM   1046 C  CA    . CYS A 1 142 ? -7.745  -5.652  6.916   1.00 14.50 ? 158 CYS A CA    1 
ATOM   1047 C  C     . CYS A 1 142 ? -6.572  -6.485  7.126   1.00 12.04 ? 158 CYS A C     1 
ATOM   1048 O  O     . CYS A 1 142 ? -6.329  -6.629  8.290   1.00 13.34 ? 158 CYS A O     1 
ATOM   1049 C  CB    . CYS A 1 142 ? -7.260  -4.359  7.489   1.00 15.60 ? 158 CYS A CB    1 
ATOM   1050 S  SG    . CYS A 1 142 ? -6.548  -3.435  6.674   1.00 12.53 ? 158 CYS A SG    1 
ATOM   1051 N  N     . PRO A 1 143 ? -5.819  -7.015  6.115   1.00 10.14 ? 159 PRO A N     1 
ATOM   1052 C  CA    . PRO A 1 143 ? -4.535  -7.587  6.589   1.00 10.95 ? 159 PRO A CA    1 
ATOM   1053 C  C     . PRO A 1 143 ? -3.568  -6.473  6.836   1.00 10.92 ? 159 PRO A C     1 
ATOM   1054 O  O     . PRO A 1 143 ? -3.761  -5.386  6.308   1.00 11.67 ? 159 PRO A O     1 
ATOM   1055 C  CB    . PRO A 1 143 ? -4.092  -8.557  5.465   1.00 9.62  ? 159 PRO A CB    1 
ATOM   1056 C  CG    . PRO A 1 143 ? -5.266  -8.711  4.685   1.00 11.83 ? 159 PRO A CG    1 
ATOM   1057 C  CD    . PRO A 1 143 ? -5.986  -7.362  4.705   1.00 9.96  ? 159 PRO A CD    1 
ATOM   1058 N  N     . PHE A 1 144 ? -2.581  -6.721  7.683   1.00 12.03 ? 160 PHE A N     1 
ATOM   1059 C  CA    . PHE A 1 144 ? -1.622  -5.756  8.078   1.00 10.81 ? 160 PHE A CA    1 
ATOM   1060 C  C     . PHE A 1 144 ? -0.210  -6.290  7.906   1.00 10.66 ? 160 PHE A C     1 
ATOM   1061 O  O     . PHE A 1 144 ? 0.091   -7.442  8.226   1.00 11.54 ? 160 PHE A O     1 
ATOM   1062 C  CB    . PHE A 1 144 ? -1.780  -5.316  9.543   1.00 11.40 ? 160 PHE A CB    1 
ATOM   1063 C  CG    . PHE A 1 144 ? -0.577  -4.395  10.043  1.00 13.53 ? 160 PHE A CG    1 
ATOM   1064 C  CD1   . PHE A 1 144 ? -0.459  -3.079  9.619   1.00 15.28 ? 160 PHE A CD1   1 
ATOM   1065 C  CD2   . PHE A 1 144 ? 0.416   -4.877  10.866  1.00 13.16 ? 160 PHE A CD2   1 
ATOM   1066 C  CE1   . PHE A 1 144 ? 0.576   -2.306  10.060  1.00 13.67 ? 160 PHE A CE1   1 
ATOM   1067 C  CE2   . PHE A 1 144 ? 1.440   -4.105  11.308  1.00 12.92 ? 160 PHE A CE2   1 
ATOM   1068 C  CZ    . PHE A 1 144 ? 1.513   -2.817  10.887  1.00 17.43 ? 160 PHE A CZ    1 
ATOM   1069 N  N     . PHE A 1 145 ? 0.689   -5.417  7.475   1.00 10.63 ? 161 PHE A N     1 
ATOM   1070 C  CA    . PHE A 1 145 ? 2.061   -5.790  7.161   1.00 9.05  ? 161 PHE A CA    1 
ATOM   1071 C  C     . PHE A 1 145 ? 3.007   -4.710  7.683   1.00 9.63  ? 161 PHE A C     1 
ATOM   1072 O  O     . PHE A 1 145 ? 2.647   -3.504  7.605   1.00 12.99 ? 161 PHE A O     1 
ATOM   1073 C  CB    . PHE A 1 145 ? 2.149   -5.924  5.653   1.00 8.68  ? 161 PHE A CB    1 
ATOM   1074 C  CG    . PHE A 1 145 ? 1.526   -7.167  5.085   1.00 8.52  ? 161 PHE A CG    1 
ATOM   1075 C  CD1   . PHE A 1 145 ? 0.234   -7.129  4.430   1.00 14.73 ? 161 PHE A CD1   1 
ATOM   1076 C  CD2   . PHE A 1 145 ? 2.182   -8.344  5.113   1.00 7.34  ? 161 PHE A CD2   1 
ATOM   1077 C  CE1   . PHE A 1 145 ? -0.339  -8.283  3.905   1.00 5.55  ? 161 PHE A CE1   1 
ATOM   1078 C  CE2   . PHE A 1 145 ? 1.618   -9.495  4.567   1.00 5.69  ? 161 PHE A CE2   1 
ATOM   1079 C  CZ    . PHE A 1 145 ? 0.344   -9.440  3.936   1.00 8.26  ? 161 PHE A CZ    1 
ATOM   1080 N  N     . GLU A 1 146 ? 4.176   -5.077  8.223   1.00 9.79  ? 162 GLU A N     1 
ATOM   1081 C  CA    . GLU A 1 146 ? 5.407   -4.127  8.156   1.00 10.57 ? 162 GLU A CA    1 
ATOM   1082 C  C     . GLU A 1 146 ? 6.350   -4.506  7.040   1.00 10.07 ? 162 GLU A C     1 
ATOM   1083 O  O     . GLU A 1 146 ? 6.605   -5.613  6.823   1.00 12.98 ? 162 GLU A O     1 
ATOM   1084 C  CB    . GLU A 1 146 ? 6.166   -3.923  9.455   1.00 8.61  ? 162 GLU A CB    1 
ATOM   1085 C  CG    . GLU A 1 146 ? 5.241   -3.226  10.512  1.00 10.53 ? 162 GLU A CG    1 
ATOM   1086 C  CD    . GLU A 1 146 ? 5.886   -2.803  11.838  1.00 13.85 ? 162 GLU A CD    1 
ATOM   1087 O  OE1   . GLU A 1 146 ? 7.064   -3.169  12.103  1.00 9.75  ? 162 GLU A OE1   1 
ATOM   1088 O  OE2   . GLU A 1 146 ? 5.156   -2.076  12.579  1.00 16.07 ? 162 GLU A OE2   1 
ATOM   1089 N  N     . THR A 1 147 ? 6.720   -3.551  6.219   1.00 9.48  ? 163 THR A N     1 
ATOM   1090 C  CA    . THR A 1 147 ? 7.709   -3.658  5.249   1.00 6.95  ? 163 THR A CA    1 
ATOM   1091 C  C     . THR A 1 147 ? 8.870   -2.658  5.483   1.00 7.73  ? 163 THR A C     1 
ATOM   1092 O  O     . THR A 1 147 ? 8.752   -1.660  6.260   1.00 11.27 ? 163 THR A O     1 
ATOM   1093 C  CB    . THR A 1 147 ? 7.136   -3.465  3.860   1.00 5.10  ? 163 THR A CB    1 
ATOM   1094 O  OG1   . THR A 1 147 ? 6.913   -2.114  3.647   1.00 9.11  ? 163 THR A OG1   1 
ATOM   1095 C  CG2   . THR A 1 147 ? 5.910   -4.112  3.596   1.00 2.00  ? 163 THR A CG2   1 
ATOM   1096 N  N     . SER A 1 148 ? 9.994   -2.989  4.824   1.00 8.31  ? 164 SER A N     1 
ATOM   1097 C  CA    . SER A 1 148 ? 11.099  -2.103  4.420   1.00 7.99  ? 164 SER A CA    1 
ATOM   1098 C  C     . SER A 1 148 ? 11.254  -2.217  2.905   1.00 8.13  ? 164 SER A C     1 
ATOM   1099 O  O     . SER A 1 148 ? 11.824  -3.126  2.436   1.00 10.68 ? 164 SER A O     1 
ATOM   1100 C  CB    . SER A 1 148 ? 12.444  -2.509  5.066   1.00 8.88  ? 164 SER A CB    1 
ATOM   1101 O  OG    . SER A 1 148 ? 13.452  -1.516  4.794   1.00 10.01 ? 164 SER A OG    1 
ATOM   1102 N  N     . ALA A 1 149 ? 10.760  -1.277  2.129   1.00 8.52  ? 165 ALA A N     1 
ATOM   1103 C  CA    . ALA A 1 149 ? 11.131  -1.158  0.690   1.00 7.78  ? 165 ALA A CA    1 
ATOM   1104 C  C     . ALA A 1 149 ? 12.656  -1.082  0.406   1.00 7.89  ? 165 ALA A C     1 
ATOM   1105 O  O     . ALA A 1 149 ? 13.128  -1.445  -0.714  1.00 7.43  ? 165 ALA A O     1 
ATOM   1106 C  CB    . ALA A 1 149 ? 10.436  0.070   0.133   1.00 7.78  ? 165 ALA A CB    1 
ATOM   1107 N  N     . ALA A 1 150 ? 13.413  -0.556  1.401   1.00 7.53  ? 166 ALA A N     1 
ATOM   1108 C  CA    . ALA A 1 150 ? 14.828  -0.336  1.236   1.00 7.28  ? 166 ALA A CA    1 
ATOM   1109 C  C     . ALA A 1 150 ? 15.491  -1.606  0.981   1.00 9.08  ? 166 ALA A C     1 
ATOM   1110 O  O     . ALA A 1 150 ? 16.447  -1.595  0.360   1.00 10.01 ? 166 ALA A O     1 
ATOM   1111 C  CB    . ALA A 1 150 ? 15.524  0.420   2.424   1.00 6.72  ? 166 ALA A CB    1 
ATOM   1112 N  N     . TYR A 1 151 ? 14.974  -2.716  1.510   1.00 11.33 ? 167 TYR A N     1 
ATOM   1113 C  CA    . TYR A 1 151 ? 15.619  -3.960  1.539   1.00 10.66 ? 167 TYR A CA    1 
ATOM   1114 C  C     . TYR A 1 151 ? 14.783  -5.056  1.007   1.00 11.70 ? 167 TYR A C     1 
ATOM   1115 O  O     . TYR A 1 151 ? 15.046  -6.223  1.342   1.00 12.41 ? 167 TYR A O     1 
ATOM   1116 C  CB    . TYR A 1 151 ? 15.832  -4.285  2.963   1.00 12.89 ? 167 TYR A CB    1 
ATOM   1117 C  CG    . TYR A 1 151 ? 16.939  -3.472  3.550   1.00 13.71 ? 167 TYR A CG    1 
ATOM   1118 C  CD1   . TYR A 1 151 ? 16.700  -2.170  4.033   1.00 17.83 ? 167 TYR A CD1   1 
ATOM   1119 C  CD2   . TYR A 1 151 ? 18.215  -3.940  3.526   1.00 12.22 ? 167 TYR A CD2   1 
ATOM   1120 C  CE1   . TYR A 1 151 ? 17.684  -1.436  4.501   1.00 14.38 ? 167 TYR A CE1   1 
ATOM   1121 C  CE2   . TYR A 1 151 ? 19.194  -3.221  3.991   1.00 13.54 ? 167 TYR A CE2   1 
ATOM   1122 C  CZ    . TYR A 1 151 ? 18.917  -1.977  4.512   1.00 15.64 ? 167 TYR A CZ    1 
ATOM   1123 O  OH    . TYR A 1 151 ? 19.946  -1.196  4.942   1.00 19.87 ? 167 TYR A OH    1 
ATOM   1124 N  N     . ARG A 1 152 ? 13.800  -4.668  0.185   1.00 11.48 ? 168 ARG A N     1 
ATOM   1125 C  CA    . ARG A 1 152 ? 12.628  -5.454  -0.308  1.00 11.54 ? 168 ARG A CA    1 
ATOM   1126 C  C     . ARG A 1 152 ? 12.052  -6.423  0.688   1.00 12.57 ? 168 ARG A C     1 
ATOM   1127 O  O     . ARG A 1 152 ? 11.988  -7.595  0.388   1.00 17.34 ? 168 ARG A O     1 
ATOM   1128 C  CB    . ARG A 1 152 ? 13.083  -6.270  -1.506  1.00 12.99 ? 168 ARG A CB    1 
ATOM   1129 C  CG    . ARG A 1 152 ? 12.070  -6.678  -2.440  1.00 7.24  ? 168 ARG A CG    1 
ATOM   1130 C  CD    . ARG A 1 152 ? 12.551  -6.909  -3.840  1.00 8.81  ? 168 ARG A CD    1 
ATOM   1131 N  NE    . ARG A 1 152 ? 11.364  -7.046  -4.645  1.00 8.64  ? 168 ARG A NE    1 
ATOM   1132 C  CZ    . ARG A 1 152 ? 10.469  -8.039  -4.605  1.00 9.54  ? 168 ARG A CZ    1 
ATOM   1133 N  NH1   . ARG A 1 152 ? 9.366   -7.983  -5.391  1.00 12.50 ? 168 ARG A NH1   1 
ATOM   1134 N  NH2   . ARG A 1 152 ? 10.721  -9.143  -3.965  1.00 11.70 ? 168 ARG A NH2   1 
ATOM   1135 N  N     . TYR A 1 153 ? 11.643  -5.989  1.852   1.00 9.64  ? 169 TYR A N     1 
ATOM   1136 C  CA    . TYR A 1 153 ? 11.286  -6.883  2.843   1.00 9.44  ? 169 TYR A CA    1 
ATOM   1137 C  C     . TYR A 1 153 ? 9.790   -6.816  3.032   1.00 11.15 ? 169 TYR A C     1 
ATOM   1138 O  O     . TYR A 1 153 ? 9.216   -5.736  3.259   1.00 12.27 ? 169 TYR A O     1 
ATOM   1139 C  CB    . TYR A 1 153 ? 12.075  -6.444  4.067   1.00 10.88 ? 169 TYR A CB    1 
ATOM   1140 C  CG    . TYR A 1 153 ? 11.777  -7.229  5.314   1.00 9.75  ? 169 TYR A CG    1 
ATOM   1141 C  CD1   . TYR A 1 153 ? 11.967  -8.591  5.362   1.00 6.78  ? 169 TYR A CD1   1 
ATOM   1142 C  CD2   . TYR A 1 153 ? 11.251  -6.609  6.397   1.00 9.62  ? 169 TYR A CD2   1 
ATOM   1143 C  CE1   . TYR A 1 153 ? 11.632  -9.251  6.465   1.00 8.87  ? 169 TYR A CE1   1 
ATOM   1144 C  CE2   . TYR A 1 153 ? 10.938  -7.302  7.455   1.00 10.36 ? 169 TYR A CE2   1 
ATOM   1145 C  CZ    . TYR A 1 153 ? 11.136  -8.619  7.478   1.00 5.00  ? 169 TYR A CZ    1 
ATOM   1146 O  OH    . TYR A 1 153 ? 10.788  -9.279  8.632   1.00 9.43  ? 169 TYR A OH    1 
ATOM   1147 N  N     . TYR A 1 154 ? 9.134   -7.937  2.739   1.00 12.59 ? 170 TYR A N     1 
ATOM   1148 C  CA    . TYR A 1 154 ? 7.726   -8.182  2.924   1.00 11.45 ? 170 TYR A CA    1 
ATOM   1149 C  C     . TYR A 1 154 ? 6.872   -7.540  1.812   1.00 11.97 ? 170 TYR A C     1 
ATOM   1150 O  O     . TYR A 1 154 ? 5.601   -7.491  1.893   1.00 9.40  ? 170 TYR A O     1 
ATOM   1151 C  CB    . TYR A 1 154 ? 7.269   -7.776  4.310   1.00 14.07 ? 170 TYR A CB    1 
ATOM   1152 C  CG    . TYR A 1 154 ? 7.392   -8.843  5.399   1.00 14.27 ? 170 TYR A CG    1 
ATOM   1153 C  CD1   . TYR A 1 154 ? 8.324   -8.773  6.385   1.00 14.50 ? 170 TYR A CD1   1 
ATOM   1154 C  CD2   . TYR A 1 154 ? 6.546   -9.891  5.417   1.00 17.90 ? 170 TYR A CD2   1 
ATOM   1155 C  CE1   . TYR A 1 154 ? 8.327   -9.770  7.410   1.00 19.24 ? 170 TYR A CE1   1 
ATOM   1156 C  CE2   . TYR A 1 154 ? 6.593   -10.889 6.358   1.00 16.88 ? 170 TYR A CE2   1 
ATOM   1157 C  CZ    . TYR A 1 154 ? 7.412   -10.806 7.358   1.00 20.35 ? 170 TYR A CZ    1 
ATOM   1158 O  OH    . TYR A 1 154 ? 7.335   -11.803 8.276   1.00 20.67 ? 170 TYR A OH    1 
ATOM   1159 N  N     . ILE A 1 155 ? 7.582   -7.036  0.791   1.00 10.73 ? 171 ILE A N     1 
ATOM   1160 C  CA    . ILE A 1 155 ? 6.944   -6.295  -0.310  1.00 11.21 ? 171 ILE A CA    1 
ATOM   1161 C  C     . ILE A 1 155 ? 6.005   -7.192  -1.232  1.00 11.39 ? 171 ILE A C     1 
ATOM   1162 O  O     . ILE A 1 155 ? 4.907   -6.730  -1.650  1.00 6.84  ? 171 ILE A O     1 
ATOM   1163 C  CB    . ILE A 1 155 ? 7.959   -5.463  -1.161  1.00 12.52 ? 171 ILE A CB    1 
ATOM   1164 C  CG1   . ILE A 1 155 ? 8.686   -4.420  -0.242  1.00 12.67 ? 171 ILE A CG1   1 
ATOM   1165 C  CG2   . ILE A 1 155 ? 7.205   -4.830  -2.444  1.00 8.22  ? 171 ILE A CG2   1 
ATOM   1166 C  CD1   . ILE A 1 155 ? 7.866   -3.257  0.323   1.00 9.26  ? 171 ILE A CD1   1 
ATOM   1167 N  N     . ASP A 1 156 ? 6.415   -8.459  -1.515  1.00 11.65 ? 172 ASP A N     1 
ATOM   1168 C  CA    . ASP A 1 156 ? 5.553   -9.373  -2.344  1.00 9.99  ? 172 ASP A CA    1 
ATOM   1169 C  C     . ASP A 1 156 ? 4.336   -9.754  -1.588  1.00 9.86  ? 172 ASP A C     1 
ATOM   1170 O  O     . ASP A 1 156 ? 3.207   -9.715  -2.090  1.00 11.30 ? 172 ASP A O     1 
ATOM   1171 C  CB    . ASP A 1 156 ? 6.302   -10.653 -2.689  1.00 10.87 ? 172 ASP A CB    1 
ATOM   1172 C  CG    . ASP A 1 156 ? 7.337   -10.457 -3.731  1.00 9.30  ? 172 ASP A CG    1 
ATOM   1173 O  OD1   . ASP A 1 156 ? 7.036   -10.059 -4.834  1.00 18.50 ? 172 ASP A OD1   1 
ATOM   1174 O  OD2   . ASP A 1 156 ? 8.456   -10.804 -3.500  1.00 14.59 ? 172 ASP A OD2   1 
ATOM   1175 N  N     . ASP A 1 157 ? 4.515   -10.063 -0.324  1.00 10.19 ? 173 ASP A N     1 
ATOM   1176 C  CA    . ASP A 1 157 ? 3.386   -10.471 0.465   1.00 11.08 ? 173 ASP A CA    1 
ATOM   1177 C  C     . ASP A 1 157 ? 2.265   -9.473  0.388   1.00 10.78 ? 173 ASP A C     1 
ATOM   1178 O  O     . ASP A 1 157 ? 1.151   -9.857  0.340   1.00 13.05 ? 173 ASP A O     1 
ATOM   1179 C  CB    . ASP A 1 157 ? 3.765   -10.807 1.941   1.00 11.47 ? 173 ASP A CB    1 
ATOM   1180 C  CG    . ASP A 1 157 ? 4.626   -12.027 2.074   1.00 13.72 ? 173 ASP A CG    1 
ATOM   1181 O  OD1   . ASP A 1 157 ? 4.104   -13.157 2.237   1.00 25.43 ? 173 ASP A OD1   1 
ATOM   1182 O  OD2   . ASP A 1 157 ? 5.829   -11.892 2.060   1.00 18.92 ? 173 ASP A OD2   1 
ATOM   1183 N  N     . VAL A 1 158 ? 2.556   -8.181  0.373   1.00 11.96 ? 174 VAL A N     1 
ATOM   1184 C  CA    . VAL A 1 158 ? 1.547   -7.152  0.499   1.00 11.18 ? 174 VAL A CA    1 
ATOM   1185 C  C     . VAL A 1 158 ? 0.730   -7.195  -0.738  1.00 12.74 ? 174 VAL A C     1 
ATOM   1186 O  O     . VAL A 1 158 ? -0.558  -7.130  -0.747  1.00 14.75 ? 174 VAL A O     1 
ATOM   1187 C  CB    . VAL A 1 158 ? 2.259   -5.745  0.639   1.00 11.49 ? 174 VAL A CB    1 
ATOM   1188 C  CG1   . VAL A 1 158 ? 1.239   -4.580  0.501   1.00 11.81 ? 174 VAL A CG1   1 
ATOM   1189 C  CG2   . VAL A 1 158 ? 2.946   -5.666  1.861   1.00 7.41  ? 174 VAL A CG2   1 
ATOM   1190 N  N     . PHE A 1 159 ? 1.426   -7.239  -1.860  1.00 12.24 ? 175 PHE A N     1 
ATOM   1191 C  CA    . PHE A 1 159 ? 0.694   -7.109  -3.147  1.00 12.69 ? 175 PHE A CA    1 
ATOM   1192 C  C     . PHE A 1 159 ? -0.136  -8.380  -3.415  1.00 12.23 ? 175 PHE A C     1 
ATOM   1193 O  O     . PHE A 1 159 ? -1.259  -8.331  -3.881  1.00 14.87 ? 175 PHE A O     1 
ATOM   1194 C  CB    . PHE A 1 159 ? 1.659   -6.705  -4.267  1.00 12.01 ? 175 PHE A CB    1 
ATOM   1195 C  CG    . PHE A 1 159 ? 2.139   -5.258  -4.127  1.00 13.35 ? 175 PHE A CG    1 
ATOM   1196 C  CD1   . PHE A 1 159 ? 1.481   -4.207  -4.786  1.00 15.79 ? 175 PHE A CD1   1 
ATOM   1197 C  CD2   . PHE A 1 159 ? 3.156   -4.927  -3.298  1.00 9.72  ? 175 PHE A CD2   1 
ATOM   1198 C  CE1   . PHE A 1 159 ? 1.861   -2.849  -4.613  1.00 10.92 ? 175 PHE A CE1   1 
ATOM   1199 C  CE2   . PHE A 1 159 ? 3.526   -3.580  -3.118  1.00 14.11 ? 175 PHE A CE2   1 
ATOM   1200 C  CZ    . PHE A 1 159 ? 2.905   -2.562  -3.776  1.00 9.31  ? 175 PHE A CZ    1 
ATOM   1201 N  N     . HIS A 1 160 ? 0.384   -9.506  -3.048  1.00 11.60 ? 176 HIS A N     1 
ATOM   1202 C  CA    . HIS A 1 160 ? -0.331  -10.751 -3.165  1.00 13.99 ? 176 HIS A CA    1 
ATOM   1203 C  C     . HIS A 1 160 ? -1.561  -10.874 -2.239  1.00 13.08 ? 176 HIS A C     1 
ATOM   1204 O  O     . HIS A 1 160 ? -2.459  -11.513 -2.555  1.00 14.43 ? 176 HIS A O     1 
ATOM   1205 C  CB    . HIS A 1 160 ? 0.592   -12.005 -2.920  1.00 13.24 ? 176 HIS A CB    1 
ATOM   1206 C  CG    . HIS A 1 160 ? 1.728   -12.130 -3.883  1.00 16.93 ? 176 HIS A CG    1 
ATOM   1207 N  ND1   . HIS A 1 160 ? 2.651   -13.153 -3.811  1.00 16.69 ? 176 HIS A ND1   1 
ATOM   1208 C  CD2   . HIS A 1 160 ? 2.109   -11.353 -4.934  1.00 16.12 ? 176 HIS A CD2   1 
ATOM   1209 C  CE1   . HIS A 1 160 ? 3.547   -12.994 -4.777  1.00 13.80 ? 176 HIS A CE1   1 
ATOM   1210 N  NE2   . HIS A 1 160 ? 3.209   -11.947 -5.500  1.00 13.58 ? 176 HIS A NE2   1 
ATOM   1211 N  N     . ALA A 1 161 ? -1.463  -10.473 -1.020  1.00 14.45 ? 177 ALA A N     1 
ATOM   1212 C  CA    . ALA A 1 161 ? -2.619  -10.287 -0.171  1.00 14.03 ? 177 ALA A CA    1 
ATOM   1213 C  C     . ALA A 1 161 ? -3.615  -9.294  -0.706  1.00 13.57 ? 177 ALA A C     1 
ATOM   1214 O  O     . ALA A 1 161 ? -4.797  -9.565  -0.650  1.00 13.68 ? 177 ALA A O     1 
ATOM   1215 C  CB    . ALA A 1 161 ? -2.152  -9.879  1.332   1.00 13.22 ? 177 ALA A CB    1 
ATOM   1216 N  N     . LEU A 1 162 ? -3.199  -8.121  -1.217  1.00 15.37 ? 178 LEU A N     1 
ATOM   1217 C  CA    . LEU A 1 162 ? -4.221  -7.263  -1.840  1.00 15.57 ? 178 LEU A CA    1 
ATOM   1218 C  C     . LEU A 1 162 ? -4.977  -8.017  -2.884  1.00 15.99 ? 178 LEU A C     1 
ATOM   1219 O  O     . LEU A 1 162 ? -6.208  -8.021  -2.831  1.00 15.73 ? 178 LEU A O     1 
ATOM   1220 C  CB    . LEU A 1 162 ? -3.695  -5.983  -2.497  1.00 16.80 ? 178 LEU A CB    1 
ATOM   1221 C  CG    . LEU A 1 162 ? -4.892  -5.093  -2.789  1.00 14.43 ? 178 LEU A CG    1 
ATOM   1222 C  CD1   . LEU A 1 162 ? -6.086  -5.115  -1.740  1.00 7.11  ? 178 LEU A CD1   1 
ATOM   1223 C  CD2   . LEU A 1 162 ? -4.299  -3.680  -2.973  1.00 11.30 ? 178 LEU A CD2   1 
ATOM   1224 N  N     . VAL A 1 163 ? -4.249  -8.651  -3.826  1.00 15.85 ? 179 VAL A N     1 
ATOM   1225 C  CA    . VAL A 1 163 ? -4.893  -9.545  -4.810  1.00 15.93 ? 179 VAL A CA    1 
ATOM   1226 C  C     . VAL A 1 163 ? -5.885  -10.541 -4.211  1.00 17.00 ? 179 VAL A C     1 
ATOM   1227 O  O     . VAL A 1 163 ? -6.993  -10.658 -4.727  1.00 16.47 ? 179 VAL A O     1 
ATOM   1228 C  CB    . VAL A 1 163 ? -3.953  -10.396 -5.624  1.00 16.19 ? 179 VAL A CB    1 
ATOM   1229 C  CG1   . VAL A 1 163 ? -4.806  -11.537 -6.279  1.00 17.49 ? 179 VAL A CG1   1 
ATOM   1230 C  CG2   . VAL A 1 163 ? -3.352  -9.630  -6.706  1.00 15.04 ? 179 VAL A CG2   1 
ATOM   1231 N  N     . ARG A 1 164 ? -5.522  -11.245 -3.135  1.00 16.93 ? 180 ARG A N     1 
ATOM   1232 C  CA    . ARG A 1 164 ? -6.516  -12.186 -2.476  1.00 17.01 ? 180 ARG A CA    1 
ATOM   1233 C  C     . ARG A 1 164 ? -7.759  -11.528 -1.833  1.00 17.59 ? 180 ARG A C     1 
ATOM   1234 O  O     . ARG A 1 164 ? -8.820  -12.158 -1.712  1.00 18.68 ? 180 ARG A O     1 
ATOM   1235 C  CB    . ARG A 1 164 ? -5.823  -13.155 -1.519  1.00 16.08 ? 180 ARG A CB    1 
ATOM   1236 C  CG    . ARG A 1 164 ? -4.654  -13.865 -2.237  1.00 12.56 ? 180 ARG A CG    1 
ATOM   1237 C  CD    . ARG A 1 164 ? -4.293  -15.101 -1.516  1.00 16.54 ? 180 ARG A CD    1 
ATOM   1238 N  NE    . ARG A 1 164 ? -2.938  -15.498 -1.851  1.00 13.47 ? 180 ARG A NE    1 
ATOM   1239 C  CZ    . ARG A 1 164 ? -1.863  -14.869 -1.426  1.00 18.07 ? 180 ARG A CZ    1 
ATOM   1240 N  NH1   . ARG A 1 164 ? -1.990  -13.917 -0.519  1.00 22.39 ? 180 ARG A NH1   1 
ATOM   1241 N  NH2   . ARG A 1 164 ? -0.660  -15.236 -1.829  1.00 16.09 ? 180 ARG A NH2   1 
ATOM   1242 N  N     . GLU A 1 165 ? -7.722  -10.234 -1.565  1.00 19.38 ? 181 GLU A N     1 
ATOM   1243 C  CA    . GLU A 1 165 ? -8.942  -9.527  -1.163  1.00 20.52 ? 181 GLU A CA    1 
ATOM   1244 C  C     . GLU A 1 165 ? -9.747  -8.975  -2.260  1.00 20.92 ? 181 GLU A C     1 
ATOM   1245 O  O     . GLU A 1 165 ? -10.871 -8.711  -2.019  1.00 22.11 ? 181 GLU A O     1 
ATOM   1246 C  CB    . GLU A 1 165 ? -8.750  -8.302  -0.331  1.00 20.38 ? 181 GLU A CB    1 
ATOM   1247 C  CG    . GLU A 1 165 ? -9.284  -8.487  1.064   1.00 23.32 ? 181 GLU A CG    1 
ATOM   1248 C  CD    . GLU A 1 165 ? -8.107  -8.684  1.819   1.00 21.80 ? 181 GLU A CD    1 
ATOM   1249 O  OE1   . GLU A 1 165 ? -7.076  -8.215  1.171   1.00 21.13 ? 181 GLU A OE1   1 
ATOM   1250 O  OE2   . GLU A 1 165 ? -8.188  -9.340  2.882   1.00 18.26 ? 181 GLU A OE2   1 
ATOM   1251 N  N     . ILE A 1 166 ? -9.147  -8.631  -3.371  1.00 20.26 ? 182 ILE A N     1 
ATOM   1252 C  CA    . ILE A 1 166 ? -9.910  -8.402  -4.568  1.00 20.89 ? 182 ILE A CA    1 
ATOM   1253 C  C     . ILE A 1 166 ? -10.740 -9.747  -4.722  1.00 22.72 ? 182 ILE A C     1 
ATOM   1254 O  O     . ILE A 1 166 ? -11.947 -9.780  -4.815  1.00 23.28 ? 182 ILE A O     1 
ATOM   1255 C  CB    . ILE A 1 166 ? -8.997  -7.977  -5.815  1.00 19.59 ? 182 ILE A CB    1 
ATOM   1256 C  CG1   . ILE A 1 166 ? -7.881  -6.995  -5.386  1.00 20.35 ? 182 ILE A CG1   1 
ATOM   1257 C  CG2   . ILE A 1 166 ? -9.771  -7.344  -6.891  1.00 18.50 ? 182 ILE A CG2   1 
ATOM   1258 C  CD1   . ILE A 1 166 ? -7.220  -6.076  -6.469  1.00 19.00 ? 182 ILE A CD1   1 
ATOM   1259 N  N     . ARG A 1 167 ? -10.136 -10.880 -4.677  1.00 24.25 ? 183 ARG A N     1 
ATOM   1260 C  CA    . ARG A 1 167 ? -10.906 -11.988 -5.207  1.00 25.41 ? 183 ARG A CA    1 
ATOM   1261 C  C     . ARG A 1 167 ? -11.771 -12.632 -4.128  1.00 27.24 ? 183 ARG A C     1 
ATOM   1262 O  O     . ARG A 1 167 ? -12.455 -13.613 -4.459  1.00 28.44 ? 183 ARG A O     1 
ATOM   1263 C  CB    . ARG A 1 167 ? -9.960  -13.080 -5.775  1.00 26.97 ? 183 ARG A CB    1 
ATOM   1264 C  CG    . ARG A 1 167 ? -8.400  -12.777 -5.863  1.00 25.38 ? 183 ARG A CG    1 
ATOM   1265 C  CD    . ARG A 1 167 ? -7.457  -14.057 -6.111  1.00 26.12 ? 183 ARG A CD    1 
ATOM   1266 N  NE    . ARG A 1 167 ? -6.827  -14.121 -7.470  1.00 26.54 ? 183 ARG A NE    1 
ATOM   1267 C  CZ    . ARG A 1 167 ? -5.639  -14.696 -7.794  1.00 29.15 ? 183 ARG A CZ    1 
ATOM   1268 N  NH1   . ARG A 1 167 ? -4.811  -15.196 -6.866  1.00 27.94 ? 183 ARG A NH1   1 
ATOM   1269 N  NH2   . ARG A 1 167 ? -5.207  -14.658 -9.091  1.00 31.38 ? 183 ARG A NH2   1 
ATOM   1270 N  N     . ARG A 1 168 ? -11.659 -12.212 -2.842  1.00 27.10 ? 184 ARG A N     1 
ATOM   1271 C  CA    . ARG A 1 168 ? -12.341 -12.964 -1.695  1.00 26.75 ? 184 ARG A CA    1 
ATOM   1272 C  C     . ARG A 1 168 ? -13.624 -12.297 -1.456  1.00 26.47 ? 184 ARG A C     1 
ATOM   1273 O  O     . ARG A 1 168 ? -14.567 -12.965 -1.013  1.00 29.71 ? 184 ARG A O     1 
ATOM   1274 C  CB    . ARG A 1 168 ? -11.539 -13.058 -0.323  1.00 25.71 ? 184 ARG A CB    1 
ATOM   1275 C  CG    . ARG A 1 168 ? -12.338 -12.979 1.048   1.00 28.39 ? 184 ARG A CG    1 
ATOM   1276 C  CD    . ARG A 1 168 ? -13.983 -12.957 1.142   1.00 26.39 ? 184 ARG A CD    1 
ATOM   1277 N  NE    . ARG A 1 168 ? -14.473 -12.239 2.319   1.00 27.40 ? 184 ARG A NE    1 
ATOM   1278 C  CZ    . ARG A 1 168 ? -15.681 -11.662 2.489   1.00 25.71 ? 184 ARG A CZ    1 
ATOM   1279 N  NH1   . ARG A 1 168 ? -16.613 -11.697 1.536   1.00 21.75 ? 184 ARG A NH1   1 
ATOM   1280 N  NH2   . ARG A 1 168 ? -15.914 -10.929 3.621   1.00 21.94 ? 184 ARG A NH2   1 
ATOM   1281 N  N     . LYS A 1 169 ? -13.632 -10.964 -1.635  1.00 26.60 ? 185 LYS A N     1 
ATOM   1282 C  CA    . LYS A 1 169 ? -14.810 -10.171 -1.909  1.00 24.97 ? 185 LYS A CA    1 
ATOM   1283 C  C     . LYS A 1 169 ? -15.383 -10.627 -3.244  1.00 24.31 ? 185 LYS A C     1 
ATOM   1284 O  O     . LYS A 1 169 ? -14.846 -10.297 -4.320  1.00 23.82 ? 185 LYS A O     1 
ATOM   1285 C  CB    . LYS A 1 169 ? -14.379 -8.726  -2.041  1.00 25.05 ? 185 LYS A CB    1 
ATOM   1286 C  CG    . LYS A 1 169 ? -14.470 -8.034  -0.794  1.00 25.76 ? 185 LYS A CG    1 
ATOM   1287 C  CD    . LYS A 1 169 ? -13.312 -8.311  0.119   1.00 21.79 ? 185 LYS A CD    1 
ATOM   1288 C  CE    . LYS A 1 169 ? -13.340 -7.326  1.341   1.00 23.89 ? 185 LYS A CE    1 
ATOM   1289 N  NZ    . LYS A 1 169 ? -12.343 -7.746  2.389   1.00 23.94 ? 185 LYS A NZ    1 
HETATM 1290 P  PB    . GDP B 2 .   ? 6.431   8.351   -1.565  1.00 10.98 ? 501 GDP A PB    1 
HETATM 1291 O  O1B   . GDP B 2 .   ? 5.378   7.643   -0.790  1.00 10.32 ? 501 GDP A O1B   1 
HETATM 1292 O  O2B   . GDP B 2 .   ? 6.087   7.819   -2.912  1.00 12.09 ? 501 GDP A O2B   1 
HETATM 1293 O  O3B   . GDP B 2 .   ? 6.390   9.816   -1.416  1.00 8.48  ? 501 GDP A O3B   1 
HETATM 1294 O  O3A   . GDP B 2 .   ? 7.875   7.964   -0.994  1.00 5.94  ? 501 GDP A O3A   1 
HETATM 1295 P  PA    . GDP B 2 .   ? 9.099   7.272   -1.795  1.00 11.91 ? 501 GDP A PA    1 
HETATM 1296 O  O1A   . GDP B 2 .   ? 9.568   8.168   -2.904  1.00 9.21  ? 501 GDP A O1A   1 
HETATM 1297 O  O2A   . GDP B 2 .   ? 8.849   5.833   -2.309  1.00 8.95  ? 501 GDP A O2A   1 
HETATM 1298 O  "O5'" . GDP B 2 .   ? 10.363  7.162   -0.833  1.00 10.64 ? 501 GDP A "O5'" 1 
HETATM 1299 C  "C5'" . GDP B 2 .   ? 10.553  8.403   -0.095  1.00 13.53 ? 501 GDP A "C5'" 1 
HETATM 1300 C  "C4'" . GDP B 2 .   ? 11.825  8.545   0.746   1.00 10.73 ? 501 GDP A "C4'" 1 
HETATM 1301 O  "O4'" . GDP B 2 .   ? 11.866  7.534   1.753   1.00 7.78  ? 501 GDP A "O4'" 1 
HETATM 1302 C  "C3'" . GDP B 2 .   ? 13.100  8.538   -0.051  1.00 12.50 ? 501 GDP A "C3'" 1 
HETATM 1303 O  "O3'" . GDP B 2 .   ? 14.010  9.395   0.718   1.00 15.80 ? 501 GDP A "O3'" 1 
HETATM 1304 C  "C2'" . GDP B 2 .   ? 13.284  7.021   0.038   1.00 15.16 ? 501 GDP A "C2'" 1 
HETATM 1305 O  "O2'" . GDP B 2 .   ? 14.610  6.687   -0.129  1.00 17.74 ? 501 GDP A "O2'" 1 
HETATM 1306 C  "C1'" . GDP B 2 .   ? 12.871  6.677   1.470   1.00 11.40 ? 501 GDP A "C1'" 1 
HETATM 1307 N  N9    . GDP B 2 .   ? 12.301  5.317   1.648   1.00 11.95 ? 501 GDP A N9    1 
HETATM 1308 C  C8    . GDP B 2 .   ? 11.248  4.695   1.038   1.00 9.54  ? 501 GDP A C8    1 
HETATM 1309 N  N7    . GDP B 2 .   ? 11.144  3.432   1.474   1.00 8.01  ? 501 GDP A N7    1 
HETATM 1310 C  C5    . GDP B 2 .   ? 12.081  3.293   2.431   1.00 9.05  ? 501 GDP A C5    1 
HETATM 1311 C  C6    . GDP B 2 .   ? 12.488  2.277   3.421   1.00 8.28  ? 501 GDP A C6    1 
HETATM 1312 O  O6    . GDP B 2 .   ? 11.922  1.199   3.404   1.00 11.61 ? 501 GDP A O6    1 
HETATM 1313 N  N1    . GDP B 2 .   ? 13.485  2.500   4.268   1.00 9.31  ? 501 GDP A N1    1 
HETATM 1314 C  C2    . GDP B 2 .   ? 14.173  3.601   4.281   1.00 4.76  ? 501 GDP A C2    1 
HETATM 1315 N  N2    . GDP B 2 .   ? 15.104  3.702   5.164   1.00 9.23  ? 501 GDP A N2    1 
HETATM 1316 N  N3    . GDP B 2 .   ? 13.916  4.638   3.470   1.00 12.39 ? 501 GDP A N3    1 
HETATM 1317 C  C4    . GDP B 2 .   ? 12.849  4.528   2.552   1.00 11.43 ? 501 GDP A C4    1 
HETATM 1318 MG MG    . MG  C 3 .   ? 6.279   8.713   -4.682  1.00 19.38 ? 502 MG  A MG    1 
HETATM 1319 O  O     . HOH D 4 .   ? -0.255  7.699   5.041   1.00 5.29  ? 601 HOH A O     1 
HETATM 1320 O  O     . HOH D 4 .   ? 16.766  -5.975  -6.264  1.00 13.62 ? 602 HOH A O     1 
HETATM 1321 O  O     . HOH D 4 .   ? 3.685   0.279   12.730  1.00 5.72  ? 603 HOH A O     1 
HETATM 1322 O  O     . HOH D 4 .   ? 5.090   -7.789  8.308   1.00 11.78 ? 604 HOH A O     1 
HETATM 1323 O  O     . HOH D 4 .   ? 2.534   10.442  -2.746  1.00 6.00  ? 605 HOH A O     1 
HETATM 1324 O  O     . HOH D 4 .   ? -1.955  9.189   -1.921  1.00 13.31 ? 606 HOH A O     1 
HETATM 1325 O  O     . HOH D 4 .   ? 15.294  -7.860  3.479   1.00 17.71 ? 607 HOH A O     1 
HETATM 1326 O  O     . HOH D 4 .   ? 0.657   -12.706 0.636   1.00 9.52  ? 608 HOH A O     1 
HETATM 1327 O  O     . HOH D 4 .   ? -12.184 -10.065 1.613   1.00 21.84 ? 609 HOH A O     1 
HETATM 1328 O  O     . HOH D 4 .   ? -17.205 4.431   -11.363 1.00 20.80 ? 610 HOH A O     1 
HETATM 1329 O  O     . HOH D 4 .   ? -15.243 2.643   -12.287 1.00 27.97 ? 611 HOH A O     1 
HETATM 1330 O  O     . HOH D 4 .   ? -4.589  2.274   16.061  1.00 14.43 ? 612 HOH A O     1 
HETATM 1331 O  O     . HOH D 4 .   ? -3.524  -12.953 1.538   1.00 9.95  ? 613 HOH A O     1 
HETATM 1332 O  O     . HOH D 4 .   ? 10.788  9.584   13.976  1.00 20.31 ? 614 HOH A O     1 
HETATM 1333 O  O     . HOH D 4 .   ? 12.787  11.427  -10.013 1.00 23.56 ? 615 HOH A O     1 
HETATM 1334 O  O     . HOH D 4 .   ? 9.164   -8.190  9.545   1.00 20.54 ? 616 HOH A O     1 
HETATM 1335 O  O     . HOH D 4 .   ? 1.558   14.186  2.380   1.00 22.55 ? 617 HOH A O     1 
HETATM 1336 O  O     . HOH D 4 .   ? 4.372   7.733   -5.230  1.00 12.01 ? 618 HOH A O     1 
# 
loop_
_pdbx_poly_seq_scheme.asym_id 
_pdbx_poly_seq_scheme.entity_id 
_pdbx_poly_seq_scheme.seq_id 
_pdbx_poly_seq_scheme.mon_id 
_pdbx_poly_seq_scheme.ndb_seq_num 
_pdbx_poly_seq_scheme.pdb_seq_num 
_pdbx_poly_seq_scheme.auth_seq_num 
_pdbx_poly_seq_scheme.pdb_mon_id 
_pdbx_poly_seq_scheme.auth_mon_id 
_pdbx_poly_seq_scheme.pdb_strand_id 
_pdbx_poly_seq_scheme.pdb_ins_code 
_pdbx_poly_seq_scheme.hetero 
A 1 1   GLY 1   17  ?   ?   ?   A . n 
A 1 2   SER 2   18  ?   ?   ?   A . n 
A 1 3   SER 3   19  ?   ?   ?   A . n 
A 1 4   ARG 4   20  ?   ?   ?   A . n 
A 1 5   GLU 5   21  21  GLU GLU A . n 
A 1 6   TYR 6   22  22  TYR TYR A . n 
A 1 7   LYS 7   23  23  LYS LYS A . n 
A 1 8   LEU 8   24  24  LEU LEU A . n 
A 1 9   VAL 9   25  25  VAL VAL A . n 
A 1 10  MET 10  26  26  MET MET A . n 
A 1 11  LEU 11  27  27  LEU LEU A . n 
A 1 12  GLY 12  28  28  GLY GLY A . n 
A 1 13  ALA 13  29  29  ALA ALA A . n 
A 1 14  GLY 14  30  30  GLY GLY A . n 
A 1 15  GLY 15  31  31  GLY GLY A . n 
A 1 16  VAL 16  32  32  VAL VAL A . n 
A 1 17  GLY 17  33  33  GLY GLY A . n 
A 1 18  LYS 18  34  34  LYS LYS A . n 
A 1 19  SER 19  35  35  SER SER A . n 
A 1 20  ALA 20  36  36  ALA ALA A . n 
A 1 21  MET 21  37  37  MET MET A . n 
A 1 22  THR 22  38  38  THR THR A . n 
A 1 23  MET 23  39  39  MET MET A . n 
A 1 24  GLN 24  40  40  GLN GLN A . n 
A 1 25  PHE 25  41  41  PHE PHE A . n 
A 1 26  ILE 26  42  42  ILE ILE A . n 
A 1 27  SER 27  43  43  SER SER A . n 
A 1 28  HIS 28  44  44  HIS HIS A . n 
A 1 29  ARG 29  45  45  ARG ARG A . n 
A 1 30  PHE 30  46  46  PHE PHE A . n 
A 1 31  PRO 31  47  47  PRO PRO A . n 
A 1 32  GLU 32  48  48  GLU GLU A . n 
A 1 33  ASP 33  49  49  ASP ASP A . n 
A 1 34  HIS 34  50  50  HIS HIS A . n 
A 1 35  ASP 35  51  51  ASP ASP A . n 
A 1 36  PRO 36  52  52  PRO PRO A . n 
A 1 37  THR 37  53  53  THR THR A . n 
A 1 38  ILE 38  54  54  ILE ILE A . n 
A 1 39  GLU 39  55  55  GLU GLU A . n 
A 1 40  ASP 40  56  56  ASP ASP A . n 
A 1 41  ALA 41  57  57  ALA ALA A . n 
A 1 42  TYR 42  58  58  TYR TYR A . n 
A 1 43  LYS 43  59  59  LYS LYS A . n 
A 1 44  ILE 44  60  60  ILE ILE A . n 
A 1 45  ARG 45  61  61  ARG ARG A . n 
A 1 46  ILE 46  62  62  ILE ILE A . n 
A 1 47  ARG 47  63  63  ARG ARG A . n 
A 1 48  ILE 48  64  64  ILE ILE A . n 
A 1 49  ASP 49  65  65  ASP ASP A . n 
A 1 50  ASP 50  66  66  ASP ASP A . n 
A 1 51  GLU 51  67  67  GLU GLU A . n 
A 1 52  PRO 52  68  68  PRO PRO A . n 
A 1 53  ALA 53  69  69  ALA ALA A . n 
A 1 54  ASN 54  70  70  ASN ASN A . n 
A 1 55  LEU 55  71  71  LEU LEU A . n 
A 1 56  ASP 56  72  72  ASP ASP A . n 
A 1 57  ILE 57  73  73  ILE ILE A . n 
A 1 58  LEU 58  74  74  LEU LEU A . n 
A 1 59  ASP 59  75  75  ASP ASP A . n 
A 1 60  THR 60  76  76  THR THR A . n 
A 1 61  ALA 61  77  77  ALA ALA A . n 
A 1 62  GLY 62  78  78  GLY GLY A . n 
A 1 63  GLN 63  79  ?   ?   ?   A . n 
A 1 64  ALA 64  80  ?   ?   ?   A . n 
A 1 65  GLU 65  81  ?   ?   ?   A . n 
A 1 66  PHE 66  82  ?   ?   ?   A . n 
A 1 67  THR 67  83  ?   ?   ?   A . n 
A 1 68  ALA 68  84  ?   ?   ?   A . n 
A 1 69  MET 69  85  ?   ?   ?   A . n 
A 1 70  ARG 70  86  ?   ?   ?   A . n 
A 1 71  ASP 71  87  ?   ?   ?   A . n 
A 1 72  GLN 72  88  88  GLN GLN A . n 
A 1 73  TYR 73  89  89  TYR TYR A . n 
A 1 74  MET 74  90  90  MET MET A . n 
A 1 75  ARG 75  91  91  ARG ARG A . n 
A 1 76  ALA 76  92  92  ALA ALA A . n 
A 1 77  GLY 77  93  93  GLY GLY A . n 
A 1 78  GLU 78  94  94  GLU GLU A . n 
A 1 79  GLY 79  95  95  GLY GLY A . n 
A 1 80  PHE 80  96  96  PHE PHE A . n 
A 1 81  ILE 81  97  97  ILE ILE A . n 
A 1 82  ILE 82  98  98  ILE ILE A . n 
A 1 83  CYS 83  99  99  CYS CYS A . n 
A 1 84  TYR 84  100 100 TYR TYR A . n 
A 1 85  SER 85  101 101 SER SER A . n 
A 1 86  ILE 86  102 102 ILE ILE A . n 
A 1 87  THR 87  103 103 THR THR A . n 
A 1 88  ASP 88  104 104 ASP ASP A . n 
A 1 89  ARG 89  105 105 ARG ARG A . n 
A 1 90  ARG 90  106 106 ARG ARG A . n 
A 1 91  SER 91  107 107 SER SER A . n 
A 1 92  PHE 92  108 108 PHE PHE A . n 
A 1 93  HIS 93  109 109 HIS HIS A . n 
A 1 94  GLU 94  110 110 GLU GLU A . n 
A 1 95  VAL 95  111 111 VAL VAL A . n 
A 1 96  ARG 96  112 112 ARG ARG A . n 
A 1 97  GLU 97  113 113 GLU GLU A . n 
A 1 98  PHE 98  114 114 PHE PHE A . n 
A 1 99  LYS 99  115 115 LYS LYS A . n 
A 1 100 GLN 100 116 116 GLN GLN A . n 
A 1 101 LEU 101 117 117 LEU LEU A . n 
A 1 102 ILE 102 118 118 ILE ILE A . n 
A 1 103 TYR 103 119 119 TYR TYR A . n 
A 1 104 ARG 104 120 120 ARG ARG A . n 
A 1 105 VAL 105 121 121 VAL VAL A . n 
A 1 106 ARG 106 122 122 ARG ARG A . n 
A 1 107 ARG 107 123 123 ARG ARG A . n 
A 1 108 THR 108 124 124 THR THR A . n 
A 1 109 ASP 109 125 125 ASP ASP A . n 
A 1 110 ASP 110 126 126 ASP ASP A . n 
A 1 111 THR 111 127 127 THR THR A . n 
A 1 112 PRO 112 128 128 PRO PRO A . n 
A 1 113 VAL 113 129 129 VAL VAL A . n 
A 1 114 VAL 114 130 130 VAL VAL A . n 
A 1 115 LEU 115 131 131 LEU LEU A . n 
A 1 116 VAL 116 132 132 VAL VAL A . n 
A 1 117 GLY 117 133 133 GLY GLY A . n 
A 1 118 ASN 118 134 134 ASN ASN A . n 
A 1 119 LYS 119 135 135 LYS LYS A . n 
A 1 120 SER 120 136 136 SER SER A . n 
A 1 121 ASP 121 137 137 ASP ASP A . n 
A 1 122 LEU 122 138 138 LEU LEU A . n 
A 1 123 LYS 123 139 139 LYS LYS A . n 
A 1 124 GLN 124 140 140 GLN GLN A . n 
A 1 125 LEU 125 141 141 LEU LEU A . n 
A 1 126 ARG 126 142 142 ARG ARG A . n 
A 1 127 GLN 127 143 143 GLN GLN A . n 
A 1 128 VAL 128 144 144 VAL VAL A . n 
A 1 129 THR 129 145 145 THR THR A . n 
A 1 130 LYS 130 146 146 LYS LYS A . n 
A 1 131 GLU 131 147 147 GLU GLU A . n 
A 1 132 GLU 132 148 148 GLU GLU A . n 
A 1 133 GLY 133 149 149 GLY GLY A . n 
A 1 134 LEU 134 150 150 LEU LEU A . n 
A 1 135 ALA 135 151 151 ALA ALA A . n 
A 1 136 LEU 136 152 152 LEU LEU A . n 
A 1 137 ALA 137 153 153 ALA ALA A . n 
A 1 138 ARG 138 154 154 ARG ARG A . n 
A 1 139 GLU 139 155 155 GLU GLU A . n 
A 1 140 PHE 140 156 156 PHE PHE A . n 
A 1 141 SER 141 157 157 SER SER A . n 
A 1 142 CYS 142 158 158 CYS CYS A . n 
A 1 143 PRO 143 159 159 PRO PRO A . n 
A 1 144 PHE 144 160 160 PHE PHE A . n 
A 1 145 PHE 145 161 161 PHE PHE A . n 
A 1 146 GLU 146 162 162 GLU GLU A . n 
A 1 147 THR 147 163 163 THR THR A . n 
A 1 148 SER 148 164 164 SER SER A . n 
A 1 149 ALA 149 165 165 ALA ALA A . n 
A 1 150 ALA 150 166 166 ALA ALA A . n 
A 1 151 TYR 151 167 167 TYR TYR A . n 
A 1 152 ARG 152 168 168 ARG ARG A . n 
A 1 153 TYR 153 169 169 TYR TYR A . n 
A 1 154 TYR 154 170 170 TYR TYR A . n 
A 1 155 ILE 155 171 171 ILE ILE A . n 
A 1 156 ASP 156 172 172 ASP ASP A . n 
A 1 157 ASP 157 173 173 ASP ASP A . n 
A 1 158 VAL 158 174 174 VAL VAL A . n 
A 1 159 PHE 159 175 175 PHE PHE A . n 
A 1 160 HIS 160 176 176 HIS HIS A . n 
A 1 161 ALA 161 177 177 ALA ALA A . n 
A 1 162 LEU 162 178 178 LEU LEU A . n 
A 1 163 VAL 163 179 179 VAL VAL A . n 
A 1 164 ARG 164 180 180 ARG ARG A . n 
A 1 165 GLU 165 181 181 GLU GLU A . n 
A 1 166 ILE 166 182 182 ILE ILE A . n 
A 1 167 ARG 167 183 183 ARG ARG A . n 
A 1 168 ARG 168 184 184 ARG ARG A . n 
A 1 169 LYS 169 185 185 LYS LYS A . n 
A 1 170 GLU 170 186 ?   ?   ?   A . n 
A 1 171 LYS 171 187 ?   ?   ?   A . n 
A 1 172 GLU 172 188 ?   ?   ?   A . n 
A 1 173 ALA 173 189 ?   ?   ?   A . n 
# 
loop_
_pdbx_nonpoly_scheme.asym_id 
_pdbx_nonpoly_scheme.entity_id 
_pdbx_nonpoly_scheme.mon_id 
_pdbx_nonpoly_scheme.ndb_seq_num 
_pdbx_nonpoly_scheme.pdb_seq_num 
_pdbx_nonpoly_scheme.auth_seq_num 
_pdbx_nonpoly_scheme.pdb_mon_id 
_pdbx_nonpoly_scheme.auth_mon_id 
_pdbx_nonpoly_scheme.pdb_strand_id 
_pdbx_nonpoly_scheme.pdb_ins_code 
B 2 GDP 1  501 501 GDP GDP A . 
C 3 MG  1  502 502 MG  MG  A . 
D 4 HOH 1  601 4   HOH HOH A . 
D 4 HOH 2  602 5   HOH HOH A . 
D 4 HOH 3  603 6   HOH HOH A . 
D 4 HOH 4  604 7   HOH HOH A . 
D 4 HOH 5  605 8   HOH HOH A . 
D 4 HOH 6  606 9   HOH HOH A . 
D 4 HOH 7  607 10  HOH HOH A . 
D 4 HOH 8  608 11  HOH HOH A . 
D 4 HOH 9  609 12  HOH HOH A . 
D 4 HOH 10 610 13  HOH HOH A . 
D 4 HOH 11 611 14  HOH HOH A . 
D 4 HOH 12 612 15  HOH HOH A . 
D 4 HOH 13 613 16  HOH HOH A . 
D 4 HOH 14 614 17  HOH HOH A . 
D 4 HOH 15 615 18  HOH HOH A . 
D 4 HOH 16 616 19  HOH HOH A . 
D 4 HOH 17 617 20  HOH HOH A . 
D 4 HOH 18 618 21  HOH HOH A . 
# 
_pdbx_struct_assembly.id                   1 
_pdbx_struct_assembly.details              author_and_software_defined_assembly 
_pdbx_struct_assembly.method_details       PISA 
_pdbx_struct_assembly.oligomeric_details   monomeric 
_pdbx_struct_assembly.oligomeric_count     1 
# 
_pdbx_struct_assembly_gen.assembly_id       1 
_pdbx_struct_assembly_gen.oper_expression   1 
_pdbx_struct_assembly_gen.asym_id_list      A,B,C,D 
# 
_pdbx_struct_oper_list.id                   1 
_pdbx_struct_oper_list.type                 'identity operation' 
_pdbx_struct_oper_list.name                 1_555 
_pdbx_struct_oper_list.symmetry_operation   x,y,z 
_pdbx_struct_oper_list.matrix[1][1]         1.0000000000 
_pdbx_struct_oper_list.matrix[1][2]         0.0000000000 
_pdbx_struct_oper_list.matrix[1][3]         0.0000000000 
_pdbx_struct_oper_list.vector[1]            0.0000000000 
_pdbx_struct_oper_list.matrix[2][1]         0.0000000000 
_pdbx_struct_oper_list.matrix[2][2]         1.0000000000 
_pdbx_struct_oper_list.matrix[2][3]         0.0000000000 
_pdbx_struct_oper_list.vector[2]            0.0000000000 
_pdbx_struct_oper_list.matrix[3][1]         0.0000000000 
_pdbx_struct_oper_list.matrix[3][2]         0.0000000000 
_pdbx_struct_oper_list.matrix[3][3]         1.0000000000 
_pdbx_struct_oper_list.vector[3]            0.0000000000 
# 
loop_
_pdbx_struct_conn_angle.id 
_pdbx_struct_conn_angle.ptnr1_label_atom_id 
_pdbx_struct_conn_angle.ptnr1_label_alt_id 
_pdbx_struct_conn_angle.ptnr1_label_asym_id 
_pdbx_struct_conn_angle.ptnr1_label_comp_id 
_pdbx_struct_conn_angle.ptnr1_label_seq_id 
_pdbx_struct_conn_angle.ptnr1_auth_atom_id 
_pdbx_struct_conn_angle.ptnr1_auth_asym_id 
_pdbx_struct_conn_angle.ptnr1_auth_comp_id 
_pdbx_struct_conn_angle.ptnr1_auth_seq_id 
_pdbx_struct_conn_angle.ptnr1_PDB_ins_code 
_pdbx_struct_conn_angle.ptnr1_symmetry 
_pdbx_struct_conn_angle.ptnr2_label_atom_id 
_pdbx_struct_conn_angle.ptnr2_label_alt_id 
_pdbx_struct_conn_angle.ptnr2_label_asym_id 
_pdbx_struct_conn_angle.ptnr2_label_comp_id 
_pdbx_struct_conn_angle.ptnr2_label_seq_id 
_pdbx_struct_conn_angle.ptnr2_auth_atom_id 
_pdbx_struct_conn_angle.ptnr2_auth_asym_id 
_pdbx_struct_conn_angle.ptnr2_auth_comp_id 
_pdbx_struct_conn_angle.ptnr2_auth_seq_id 
_pdbx_struct_conn_angle.ptnr2_PDB_ins_code 
_pdbx_struct_conn_angle.ptnr2_symmetry 
_pdbx_struct_conn_angle.ptnr3_label_atom_id 
_pdbx_struct_conn_angle.ptnr3_label_alt_id 
_pdbx_struct_conn_angle.ptnr3_label_asym_id 
_pdbx_struct_conn_angle.ptnr3_label_comp_id 
_pdbx_struct_conn_angle.ptnr3_label_seq_id 
_pdbx_struct_conn_angle.ptnr3_auth_atom_id 
_pdbx_struct_conn_angle.ptnr3_auth_asym_id 
_pdbx_struct_conn_angle.ptnr3_auth_comp_id 
_pdbx_struct_conn_angle.ptnr3_auth_seq_id 
_pdbx_struct_conn_angle.ptnr3_PDB_ins_code 
_pdbx_struct_conn_angle.ptnr3_symmetry 
_pdbx_struct_conn_angle.value 
_pdbx_struct_conn_angle.value_esd 
1 OG  ? A SER 19 ? A SER 35  ? 1_555 MG ? C MG . ? A MG 502 ? 1_555 O2B ? B GDP . ? A GDP 501 ? 1_555 93.8 ? 
2 OG  ? A SER 19 ? A SER 35  ? 1_555 MG ? C MG . ? A MG 502 ? 1_555 O   ? D HOH . ? A HOH 618 ? 1_555 67.8 ? 
3 O2B ? B GDP .  ? A GDP 501 ? 1_555 MG ? C MG . ? A MG 502 ? 1_555 O   ? D HOH . ? A HOH 618 ? 1_555 86.5 ? 
# 
loop_
_pdbx_audit_revision_history.ordinal 
_pdbx_audit_revision_history.data_content_type 
_pdbx_audit_revision_history.major_revision 
_pdbx_audit_revision_history.minor_revision 
_pdbx_audit_revision_history.revision_date 
1 'Structure model' 1 0 2014-09-17 
2 'Structure model' 1 1 2023-09-20 
# 
_pdbx_audit_revision_details.ordinal             1 
_pdbx_audit_revision_details.revision_ordinal    1 
_pdbx_audit_revision_details.data_content_type   'Structure model' 
_pdbx_audit_revision_details.provider            repository 
_pdbx_audit_revision_details.type                'Initial release' 
_pdbx_audit_revision_details.description         ? 
_pdbx_audit_revision_details.details             ? 
# 
loop_
_pdbx_audit_revision_group.ordinal 
_pdbx_audit_revision_group.revision_ordinal 
_pdbx_audit_revision_group.data_content_type 
_pdbx_audit_revision_group.group 
1 2 'Structure model' 'Data collection'        
2 2 'Structure model' 'Database references'    
3 2 'Structure model' 'Derived calculations'   
4 2 'Structure model' 'Refinement description' 
# 
loop_
_pdbx_audit_revision_category.ordinal 
_pdbx_audit_revision_category.revision_ordinal 
_pdbx_audit_revision_category.data_content_type 
_pdbx_audit_revision_category.category 
1 2 'Structure model' chem_comp_atom                
2 2 'Structure model' chem_comp_bond                
3 2 'Structure model' database_2                    
4 2 'Structure model' pdbx_initial_refinement_model 
5 2 'Structure model' pdbx_struct_conn_angle        
6 2 'Structure model' struct_conn                   
7 2 'Structure model' struct_ref_seq_dif            
8 2 'Structure model' struct_site                   
# 
loop_
_pdbx_audit_revision_item.ordinal 
_pdbx_audit_revision_item.revision_ordinal 
_pdbx_audit_revision_item.data_content_type 
_pdbx_audit_revision_item.item 
1  2 'Structure model' '_database_2.pdbx_DOI'                        
2  2 'Structure model' '_database_2.pdbx_database_accession'         
3  2 'Structure model' '_pdbx_struct_conn_angle.ptnr1_auth_comp_id'  
4  2 'Structure model' '_pdbx_struct_conn_angle.ptnr1_auth_seq_id'   
5  2 'Structure model' '_pdbx_struct_conn_angle.ptnr1_label_asym_id' 
6  2 'Structure model' '_pdbx_struct_conn_angle.ptnr1_label_atom_id' 
7  2 'Structure model' '_pdbx_struct_conn_angle.ptnr1_label_comp_id' 
8  2 'Structure model' '_pdbx_struct_conn_angle.ptnr1_label_seq_id'  
9  2 'Structure model' '_pdbx_struct_conn_angle.ptnr3_auth_comp_id'  
10 2 'Structure model' '_pdbx_struct_conn_angle.ptnr3_auth_seq_id'   
11 2 'Structure model' '_pdbx_struct_conn_angle.ptnr3_label_asym_id' 
12 2 'Structure model' '_pdbx_struct_conn_angle.ptnr3_label_atom_id' 
13 2 'Structure model' '_pdbx_struct_conn_angle.ptnr3_label_comp_id' 
14 2 'Structure model' '_pdbx_struct_conn_angle.ptnr3_label_seq_id'  
15 2 'Structure model' '_pdbx_struct_conn_angle.value'               
16 2 'Structure model' '_struct_conn.pdbx_dist_value'                
17 2 'Structure model' '_struct_conn.ptnr1_auth_comp_id'             
18 2 'Structure model' '_struct_conn.ptnr1_auth_seq_id'              
19 2 'Structure model' '_struct_conn.ptnr1_label_asym_id'            
20 2 'Structure model' '_struct_conn.ptnr1_label_atom_id'            
21 2 'Structure model' '_struct_conn.ptnr1_label_comp_id'            
22 2 'Structure model' '_struct_conn.ptnr1_label_seq_id'             
23 2 'Structure model' '_struct_conn.ptnr2_auth_comp_id'             
24 2 'Structure model' '_struct_conn.ptnr2_auth_seq_id'              
25 2 'Structure model' '_struct_conn.ptnr2_label_asym_id'            
26 2 'Structure model' '_struct_conn.ptnr2_label_atom_id'            
27 2 'Structure model' '_struct_conn.ptnr2_label_comp_id'            
28 2 'Structure model' '_struct_ref_seq_dif.details'                 
29 2 'Structure model' '_struct_site.pdbx_auth_asym_id'              
30 2 'Structure model' '_struct_site.pdbx_auth_comp_id'              
31 2 'Structure model' '_struct_site.pdbx_auth_seq_id'               
# 
loop_
_software.name 
_software.classification 
_software.version 
_software.citation_id 
_software.pdbx_ordinal 
'PROTEUM PLUS' 'data collection' PLUS     ? 1 
Coot           'model building'  .        ? 2 
REFMAC         refinement        5.2.0019 ? 3 
'PROTEUM PLUS' 'data reduction'  PLUS     ? 4 
'PROTEUM PLUS' 'data scaling'    PLUS     ? 5 
# 
loop_
_pdbx_validate_close_contact.id 
_pdbx_validate_close_contact.PDB_model_num 
_pdbx_validate_close_contact.auth_atom_id_1 
_pdbx_validate_close_contact.auth_asym_id_1 
_pdbx_validate_close_contact.auth_comp_id_1 
_pdbx_validate_close_contact.auth_seq_id_1 
_pdbx_validate_close_contact.PDB_ins_code_1 
_pdbx_validate_close_contact.label_alt_id_1 
_pdbx_validate_close_contact.auth_atom_id_2 
_pdbx_validate_close_contact.auth_asym_id_2 
_pdbx_validate_close_contact.auth_comp_id_2 
_pdbx_validate_close_contact.auth_seq_id_2 
_pdbx_validate_close_contact.PDB_ins_code_2 
_pdbx_validate_close_contact.label_alt_id_2 
_pdbx_validate_close_contact.dist 
1 1 O  A ASP 66  ? ? N     A PRO 68  ? ? 1.97 
2 1 NZ A LYS 23  ? ? O     A ALA 92  ? ? 2.08 
3 1 OH A TYR 169 ? ? O     A HOH 616 ? ? 2.16 
4 1 O  A GLU 48  ? ? "O2'" A GDP 501 ? ? 2.16 
# 
loop_
_pdbx_validate_symm_contact.id 
_pdbx_validate_symm_contact.PDB_model_num 
_pdbx_validate_symm_contact.auth_atom_id_1 
_pdbx_validate_symm_contact.auth_asym_id_1 
_pdbx_validate_symm_contact.auth_comp_id_1 
_pdbx_validate_symm_contact.auth_seq_id_1 
_pdbx_validate_symm_contact.PDB_ins_code_1 
_pdbx_validate_symm_contact.label_alt_id_1 
_pdbx_validate_symm_contact.site_symmetry_1 
_pdbx_validate_symm_contact.auth_atom_id_2 
_pdbx_validate_symm_contact.auth_asym_id_2 
_pdbx_validate_symm_contact.auth_comp_id_2 
_pdbx_validate_symm_contact.auth_seq_id_2 
_pdbx_validate_symm_contact.PDB_ins_code_2 
_pdbx_validate_symm_contact.label_alt_id_2 
_pdbx_validate_symm_contact.site_symmetry_2 
_pdbx_validate_symm_contact.dist 
1 1 O   A GLY 78 ? ? 1_555 OH  A TYR 167 ? ? 2_655 1.88 
2 1 NH2 A ARG 45 ? ? 1_555 OD1 A ASP 104 ? ? 2_645 2.13 
# 
loop_
_pdbx_validate_rmsd_bond.id 
_pdbx_validate_rmsd_bond.PDB_model_num 
_pdbx_validate_rmsd_bond.auth_atom_id_1 
_pdbx_validate_rmsd_bond.auth_asym_id_1 
_pdbx_validate_rmsd_bond.auth_comp_id_1 
_pdbx_validate_rmsd_bond.auth_seq_id_1 
_pdbx_validate_rmsd_bond.PDB_ins_code_1 
_pdbx_validate_rmsd_bond.label_alt_id_1 
_pdbx_validate_rmsd_bond.auth_atom_id_2 
_pdbx_validate_rmsd_bond.auth_asym_id_2 
_pdbx_validate_rmsd_bond.auth_comp_id_2 
_pdbx_validate_rmsd_bond.auth_seq_id_2 
_pdbx_validate_rmsd_bond.PDB_ins_code_2 
_pdbx_validate_rmsd_bond.label_alt_id_2 
_pdbx_validate_rmsd_bond.bond_value 
_pdbx_validate_rmsd_bond.bond_target_value 
_pdbx_validate_rmsd_bond.bond_deviation 
_pdbx_validate_rmsd_bond.bond_standard_deviation 
_pdbx_validate_rmsd_bond.linker_flag 
1 1 CG  A GLU 48  ? ? CD  A GLU 48  ? ? 1.614 1.515 0.099  0.015 N 
2 1 CB  A VAL 130 ? ? CG1 A VAL 130 ? ? 1.384 1.524 -0.140 0.021 N 
3 1 CB  A VAL 132 ? ? CG2 A VAL 132 ? ? 1.666 1.524 0.142  0.021 N 
4 1 CG  A ARG 142 ? ? CD  A ARG 142 ? ? 1.774 1.515 0.259  0.025 N 
5 1 CB  A CYS 158 ? ? SG  A CYS 158 ? ? 1.423 1.812 -0.389 0.016 N 
6 1 CE1 A TYR 169 ? ? CZ  A TYR 169 ? ? 1.293 1.381 -0.088 0.013 N 
7 1 CZ  A TYR 170 ? ? CE2 A TYR 170 ? ? 1.294 1.381 -0.087 0.013 N 
8 1 CG  A GLU 181 ? ? CD  A GLU 181 ? ? 1.412 1.515 -0.103 0.015 N 
# 
loop_
_pdbx_validate_rmsd_angle.id 
_pdbx_validate_rmsd_angle.PDB_model_num 
_pdbx_validate_rmsd_angle.auth_atom_id_1 
_pdbx_validate_rmsd_angle.auth_asym_id_1 
_pdbx_validate_rmsd_angle.auth_comp_id_1 
_pdbx_validate_rmsd_angle.auth_seq_id_1 
_pdbx_validate_rmsd_angle.PDB_ins_code_1 
_pdbx_validate_rmsd_angle.label_alt_id_1 
_pdbx_validate_rmsd_angle.auth_atom_id_2 
_pdbx_validate_rmsd_angle.auth_asym_id_2 
_pdbx_validate_rmsd_angle.auth_comp_id_2 
_pdbx_validate_rmsd_angle.auth_seq_id_2 
_pdbx_validate_rmsd_angle.PDB_ins_code_2 
_pdbx_validate_rmsd_angle.label_alt_id_2 
_pdbx_validate_rmsd_angle.auth_atom_id_3 
_pdbx_validate_rmsd_angle.auth_asym_id_3 
_pdbx_validate_rmsd_angle.auth_comp_id_3 
_pdbx_validate_rmsd_angle.auth_seq_id_3 
_pdbx_validate_rmsd_angle.PDB_ins_code_3 
_pdbx_validate_rmsd_angle.label_alt_id_3 
_pdbx_validate_rmsd_angle.angle_value 
_pdbx_validate_rmsd_angle.angle_target_value 
_pdbx_validate_rmsd_angle.angle_deviation 
_pdbx_validate_rmsd_angle.angle_standard_deviation 
_pdbx_validate_rmsd_angle.linker_flag 
1  1 CG  A MET 26  ? ? SD A MET 26  ? ? CE  A MET 26  ? ? 110.20 100.20 10.00  1.60 N 
2  1 NE  A ARG 45  ? ? CZ A ARG 45  ? ? NH1 A ARG 45  ? ? 126.64 120.30 6.34   0.50 N 
3  1 NE  A ARG 45  ? ? CZ A ARG 45  ? ? NH2 A ARG 45  ? ? 114.51 120.30 -5.79  0.50 N 
4  1 CB  A ASP 72  ? ? CG A ASP 72  ? ? OD1 A ASP 72  ? ? 129.91 118.30 11.61  0.90 N 
5  1 CB  A ASP 72  ? ? CG A ASP 72  ? ? OD2 A ASP 72  ? ? 108.54 118.30 -9.76  0.90 N 
6  1 NE  A ARG 91  ? ? CZ A ARG 91  ? ? NH1 A ARG 91  ? ? 123.67 120.30 3.37   0.50 N 
7  1 NE  A ARG 106 ? ? CZ A ARG 106 ? ? NH1 A ARG 106 ? ? 116.46 120.30 -3.84  0.50 N 
8  1 NE  A ARG 122 ? ? CZ A ARG 122 ? ? NH1 A ARG 122 ? ? 124.61 120.30 4.31   0.50 N 
9  1 NE  A ARG 122 ? ? CZ A ARG 122 ? ? NH2 A ARG 122 ? ? 116.88 120.30 -3.42  0.50 N 
10 1 CA  A LEU 141 ? ? CB A LEU 141 ? ? CG  A LEU 141 ? ? 132.73 115.30 17.43  2.30 N 
11 1 NE  A ARG 142 ? ? CZ A ARG 142 ? ? NH1 A ARG 142 ? ? 124.01 120.30 3.71   0.50 N 
12 1 NE  A ARG 142 ? ? CZ A ARG 142 ? ? NH2 A ARG 142 ? ? 115.72 120.30 -4.58  0.50 N 
13 1 CA  A ARG 154 ? ? CB A ARG 154 ? ? CG  A ARG 154 ? ? 128.82 113.40 15.42  2.20 N 
14 1 NE  A ARG 154 ? ? CZ A ARG 154 ? ? NH1 A ARG 154 ? ? 124.91 120.30 4.61   0.50 N 
15 1 N   A CYS 158 ? ? CA A CYS 158 ? ? CB  A CYS 158 ? ? 98.07  110.60 -12.53 1.80 N 
16 1 OE1 A GLU 181 ? ? CD A GLU 181 ? ? OE2 A GLU 181 ? ? 131.34 123.30 8.04   1.20 N 
# 
loop_
_pdbx_validate_torsion.id 
_pdbx_validate_torsion.PDB_model_num 
_pdbx_validate_torsion.auth_comp_id 
_pdbx_validate_torsion.auth_asym_id 
_pdbx_validate_torsion.auth_seq_id 
_pdbx_validate_torsion.PDB_ins_code 
_pdbx_validate_torsion.label_alt_id 
_pdbx_validate_torsion.phi 
_pdbx_validate_torsion.psi 
1  1 SER A 43  ? ? -145.91 24.32   
2  1 ASP A 65  ? ? 31.45   -42.34  
3  1 ASP A 66  ? ? -171.35 -58.51  
4  1 GLU A 67  ? ? 2.71    55.74   
5  1 ALA A 77  ? ? -100.08 65.85   
6  1 TYR A 89  ? ? -61.69  17.21   
7  1 VAL A 121 ? ? -96.83  -78.55  
8  1 ARG A 123 ? ? 90.65   64.26   
9  1 THR A 124 ? ? -161.40 -164.31 
10 1 ASP A 126 ? ? -151.89 44.65   
11 1 LYS A 135 ? ? 74.10   33.70   
12 1 SER A 157 ? ? 35.13   89.96   
13 1 ARG A 168 ? ? 35.60   56.87   
# 
loop_
_pdbx_validate_peptide_omega.id 
_pdbx_validate_peptide_omega.PDB_model_num 
_pdbx_validate_peptide_omega.auth_comp_id_1 
_pdbx_validate_peptide_omega.auth_asym_id_1 
_pdbx_validate_peptide_omega.auth_seq_id_1 
_pdbx_validate_peptide_omega.PDB_ins_code_1 
_pdbx_validate_peptide_omega.label_alt_id_1 
_pdbx_validate_peptide_omega.auth_comp_id_2 
_pdbx_validate_peptide_omega.auth_asym_id_2 
_pdbx_validate_peptide_omega.auth_seq_id_2 
_pdbx_validate_peptide_omega.PDB_ins_code_2 
_pdbx_validate_peptide_omega.label_alt_id_2 
_pdbx_validate_peptide_omega.omega 
1 1 ASP A 65  ? ? ASP A 66  ? ? 135.93  
2 1 ALA A 77  ? ? GLY A 78  ? ? 146.78  
3 1 PHE A 96  ? ? ILE A 97  ? ? 147.77  
4 1 PHE A 156 ? ? SER A 157 ? ? -149.70 
5 1 SER A 157 ? ? CYS A 158 ? ? -144.37 
# 
loop_
_pdbx_unobs_or_zero_occ_residues.id 
_pdbx_unobs_or_zero_occ_residues.PDB_model_num 
_pdbx_unobs_or_zero_occ_residues.polymer_flag 
_pdbx_unobs_or_zero_occ_residues.occupancy_flag 
_pdbx_unobs_or_zero_occ_residues.auth_asym_id 
_pdbx_unobs_or_zero_occ_residues.auth_comp_id 
_pdbx_unobs_or_zero_occ_residues.auth_seq_id 
_pdbx_unobs_or_zero_occ_residues.PDB_ins_code 
_pdbx_unobs_or_zero_occ_residues.label_asym_id 
_pdbx_unobs_or_zero_occ_residues.label_comp_id 
_pdbx_unobs_or_zero_occ_residues.label_seq_id 
1  1 Y 1 A GLY 17  ? A GLY 1   
2  1 Y 1 A SER 18  ? A SER 2   
3  1 Y 1 A SER 19  ? A SER 3   
4  1 Y 1 A ARG 20  ? A ARG 4   
5  1 Y 1 A GLN 79  ? A GLN 63  
6  1 Y 1 A ALA 80  ? A ALA 64  
7  1 Y 1 A GLU 81  ? A GLU 65  
8  1 Y 1 A PHE 82  ? A PHE 66  
9  1 Y 1 A THR 83  ? A THR 67  
10 1 Y 1 A ALA 84  ? A ALA 68  
11 1 Y 1 A MET 85  ? A MET 69  
12 1 Y 1 A ARG 86  ? A ARG 70  
13 1 Y 1 A ASP 87  ? A ASP 71  
14 1 Y 1 A GLU 186 ? A GLU 170 
15 1 Y 1 A LYS 187 ? A LYS 171 
16 1 Y 1 A GLU 188 ? A GLU 172 
17 1 Y 1 A ALA 189 ? A ALA 173 
# 
loop_
_chem_comp_atom.comp_id 
_chem_comp_atom.atom_id 
_chem_comp_atom.type_symbol 
_chem_comp_atom.pdbx_aromatic_flag 
_chem_comp_atom.pdbx_stereo_config 
_chem_comp_atom.pdbx_ordinal 
ALA N      N  N N 1   
ALA CA     C  N S 2   
ALA C      C  N N 3   
ALA O      O  N N 4   
ALA CB     C  N N 5   
ALA OXT    O  N N 6   
ALA H      H  N N 7   
ALA H2     H  N N 8   
ALA HA     H  N N 9   
ALA HB1    H  N N 10  
ALA HB2    H  N N 11  
ALA HB3    H  N N 12  
ALA HXT    H  N N 13  
ARG N      N  N N 14  
ARG CA     C  N S 15  
ARG C      C  N N 16  
ARG O      O  N N 17  
ARG CB     C  N N 18  
ARG CG     C  N N 19  
ARG CD     C  N N 20  
ARG NE     N  N N 21  
ARG CZ     C  N N 22  
ARG NH1    N  N N 23  
ARG NH2    N  N N 24  
ARG OXT    O  N N 25  
ARG H      H  N N 26  
ARG H2     H  N N 27  
ARG HA     H  N N 28  
ARG HB2    H  N N 29  
ARG HB3    H  N N 30  
ARG HG2    H  N N 31  
ARG HG3    H  N N 32  
ARG HD2    H  N N 33  
ARG HD3    H  N N 34  
ARG HE     H  N N 35  
ARG HH11   H  N N 36  
ARG HH12   H  N N 37  
ARG HH21   H  N N 38  
ARG HH22   H  N N 39  
ARG HXT    H  N N 40  
ASN N      N  N N 41  
ASN CA     C  N S 42  
ASN C      C  N N 43  
ASN O      O  N N 44  
ASN CB     C  N N 45  
ASN CG     C  N N 46  
ASN OD1    O  N N 47  
ASN ND2    N  N N 48  
ASN OXT    O  N N 49  
ASN H      H  N N 50  
ASN H2     H  N N 51  
ASN HA     H  N N 52  
ASN HB2    H  N N 53  
ASN HB3    H  N N 54  
ASN HD21   H  N N 55  
ASN HD22   H  N N 56  
ASN HXT    H  N N 57  
ASP N      N  N N 58  
ASP CA     C  N S 59  
ASP C      C  N N 60  
ASP O      O  N N 61  
ASP CB     C  N N 62  
ASP CG     C  N N 63  
ASP OD1    O  N N 64  
ASP OD2    O  N N 65  
ASP OXT    O  N N 66  
ASP H      H  N N 67  
ASP H2     H  N N 68  
ASP HA     H  N N 69  
ASP HB2    H  N N 70  
ASP HB3    H  N N 71  
ASP HD2    H  N N 72  
ASP HXT    H  N N 73  
CYS N      N  N N 74  
CYS CA     C  N R 75  
CYS C      C  N N 76  
CYS O      O  N N 77  
CYS CB     C  N N 78  
CYS SG     S  N N 79  
CYS OXT    O  N N 80  
CYS H      H  N N 81  
CYS H2     H  N N 82  
CYS HA     H  N N 83  
CYS HB2    H  N N 84  
CYS HB3    H  N N 85  
CYS HG     H  N N 86  
CYS HXT    H  N N 87  
GDP PB     P  N N 88  
GDP O1B    O  N N 89  
GDP O2B    O  N N 90  
GDP O3B    O  N N 91  
GDP O3A    O  N N 92  
GDP PA     P  N N 93  
GDP O1A    O  N N 94  
GDP O2A    O  N N 95  
GDP "O5'"  O  N N 96  
GDP "C5'"  C  N N 97  
GDP "C4'"  C  N R 98  
GDP "O4'"  O  N N 99  
GDP "C3'"  C  N S 100 
GDP "O3'"  O  N N 101 
GDP "C2'"  C  N R 102 
GDP "O2'"  O  N N 103 
GDP "C1'"  C  N R 104 
GDP N9     N  Y N 105 
GDP C8     C  Y N 106 
GDP N7     N  Y N 107 
GDP C5     C  Y N 108 
GDP C6     C  N N 109 
GDP O6     O  N N 110 
GDP N1     N  N N 111 
GDP C2     C  N N 112 
GDP N2     N  N N 113 
GDP N3     N  N N 114 
GDP C4     C  Y N 115 
GDP HOB2   H  N N 116 
GDP HOB3   H  N N 117 
GDP HOA2   H  N N 118 
GDP "H5'"  H  N N 119 
GDP "H5''" H  N N 120 
GDP "H4'"  H  N N 121 
GDP "H3'"  H  N N 122 
GDP "HO3'" H  N N 123 
GDP "H2'"  H  N N 124 
GDP "HO2'" H  N N 125 
GDP "H1'"  H  N N 126 
GDP H8     H  N N 127 
GDP HN1    H  N N 128 
GDP HN21   H  N N 129 
GDP HN22   H  N N 130 
GLN N      N  N N 131 
GLN CA     C  N S 132 
GLN C      C  N N 133 
GLN O      O  N N 134 
GLN CB     C  N N 135 
GLN CG     C  N N 136 
GLN CD     C  N N 137 
GLN OE1    O  N N 138 
GLN NE2    N  N N 139 
GLN OXT    O  N N 140 
GLN H      H  N N 141 
GLN H2     H  N N 142 
GLN HA     H  N N 143 
GLN HB2    H  N N 144 
GLN HB3    H  N N 145 
GLN HG2    H  N N 146 
GLN HG3    H  N N 147 
GLN HE21   H  N N 148 
GLN HE22   H  N N 149 
GLN HXT    H  N N 150 
GLU N      N  N N 151 
GLU CA     C  N S 152 
GLU C      C  N N 153 
GLU O      O  N N 154 
GLU CB     C  N N 155 
GLU CG     C  N N 156 
GLU CD     C  N N 157 
GLU OE1    O  N N 158 
GLU OE2    O  N N 159 
GLU OXT    O  N N 160 
GLU H      H  N N 161 
GLU H2     H  N N 162 
GLU HA     H  N N 163 
GLU HB2    H  N N 164 
GLU HB3    H  N N 165 
GLU HG2    H  N N 166 
GLU HG3    H  N N 167 
GLU HE2    H  N N 168 
GLU HXT    H  N N 169 
GLY N      N  N N 170 
GLY CA     C  N N 171 
GLY C      C  N N 172 
GLY O      O  N N 173 
GLY OXT    O  N N 174 
GLY H      H  N N 175 
GLY H2     H  N N 176 
GLY HA2    H  N N 177 
GLY HA3    H  N N 178 
GLY HXT    H  N N 179 
HIS N      N  N N 180 
HIS CA     C  N S 181 
HIS C      C  N N 182 
HIS O      O  N N 183 
HIS CB     C  N N 184 
HIS CG     C  Y N 185 
HIS ND1    N  Y N 186 
HIS CD2    C  Y N 187 
HIS CE1    C  Y N 188 
HIS NE2    N  Y N 189 
HIS OXT    O  N N 190 
HIS H      H  N N 191 
HIS H2     H  N N 192 
HIS HA     H  N N 193 
HIS HB2    H  N N 194 
HIS HB3    H  N N 195 
HIS HD1    H  N N 196 
HIS HD2    H  N N 197 
HIS HE1    H  N N 198 
HIS HE2    H  N N 199 
HIS HXT    H  N N 200 
HOH O      O  N N 201 
HOH H1     H  N N 202 
HOH H2     H  N N 203 
ILE N      N  N N 204 
ILE CA     C  N S 205 
ILE C      C  N N 206 
ILE O      O  N N 207 
ILE CB     C  N S 208 
ILE CG1    C  N N 209 
ILE CG2    C  N N 210 
ILE CD1    C  N N 211 
ILE OXT    O  N N 212 
ILE H      H  N N 213 
ILE H2     H  N N 214 
ILE HA     H  N N 215 
ILE HB     H  N N 216 
ILE HG12   H  N N 217 
ILE HG13   H  N N 218 
ILE HG21   H  N N 219 
ILE HG22   H  N N 220 
ILE HG23   H  N N 221 
ILE HD11   H  N N 222 
ILE HD12   H  N N 223 
ILE HD13   H  N N 224 
ILE HXT    H  N N 225 
LEU N      N  N N 226 
LEU CA     C  N S 227 
LEU C      C  N N 228 
LEU O      O  N N 229 
LEU CB     C  N N 230 
LEU CG     C  N N 231 
LEU CD1    C  N N 232 
LEU CD2    C  N N 233 
LEU OXT    O  N N 234 
LEU H      H  N N 235 
LEU H2     H  N N 236 
LEU HA     H  N N 237 
LEU HB2    H  N N 238 
LEU HB3    H  N N 239 
LEU HG     H  N N 240 
LEU HD11   H  N N 241 
LEU HD12   H  N N 242 
LEU HD13   H  N N 243 
LEU HD21   H  N N 244 
LEU HD22   H  N N 245 
LEU HD23   H  N N 246 
LEU HXT    H  N N 247 
LYS N      N  N N 248 
LYS CA     C  N S 249 
LYS C      C  N N 250 
LYS O      O  N N 251 
LYS CB     C  N N 252 
LYS CG     C  N N 253 
LYS CD     C  N N 254 
LYS CE     C  N N 255 
LYS NZ     N  N N 256 
LYS OXT    O  N N 257 
LYS H      H  N N 258 
LYS H2     H  N N 259 
LYS HA     H  N N 260 
LYS HB2    H  N N 261 
LYS HB3    H  N N 262 
LYS HG2    H  N N 263 
LYS HG3    H  N N 264 
LYS HD2    H  N N 265 
LYS HD3    H  N N 266 
LYS HE2    H  N N 267 
LYS HE3    H  N N 268 
LYS HZ1    H  N N 269 
LYS HZ2    H  N N 270 
LYS HZ3    H  N N 271 
LYS HXT    H  N N 272 
MET N      N  N N 273 
MET CA     C  N S 274 
MET C      C  N N 275 
MET O      O  N N 276 
MET CB     C  N N 277 
MET CG     C  N N 278 
MET SD     S  N N 279 
MET CE     C  N N 280 
MET OXT    O  N N 281 
MET H      H  N N 282 
MET H2     H  N N 283 
MET HA     H  N N 284 
MET HB2    H  N N 285 
MET HB3    H  N N 286 
MET HG2    H  N N 287 
MET HG3    H  N N 288 
MET HE1    H  N N 289 
MET HE2    H  N N 290 
MET HE3    H  N N 291 
MET HXT    H  N N 292 
MG  MG     MG N N 293 
PHE N      N  N N 294 
PHE CA     C  N S 295 
PHE C      C  N N 296 
PHE O      O  N N 297 
PHE CB     C  N N 298 
PHE CG     C  Y N 299 
PHE CD1    C  Y N 300 
PHE CD2    C  Y N 301 
PHE CE1    C  Y N 302 
PHE CE2    C  Y N 303 
PHE CZ     C  Y N 304 
PHE OXT    O  N N 305 
PHE H      H  N N 306 
PHE H2     H  N N 307 
PHE HA     H  N N 308 
PHE HB2    H  N N 309 
PHE HB3    H  N N 310 
PHE HD1    H  N N 311 
PHE HD2    H  N N 312 
PHE HE1    H  N N 313 
PHE HE2    H  N N 314 
PHE HZ     H  N N 315 
PHE HXT    H  N N 316 
PRO N      N  N N 317 
PRO CA     C  N S 318 
PRO C      C  N N 319 
PRO O      O  N N 320 
PRO CB     C  N N 321 
PRO CG     C  N N 322 
PRO CD     C  N N 323 
PRO OXT    O  N N 324 
PRO H      H  N N 325 
PRO HA     H  N N 326 
PRO HB2    H  N N 327 
PRO HB3    H  N N 328 
PRO HG2    H  N N 329 
PRO HG3    H  N N 330 
PRO HD2    H  N N 331 
PRO HD3    H  N N 332 
PRO HXT    H  N N 333 
SER N      N  N N 334 
SER CA     C  N S 335 
SER C      C  N N 336 
SER O      O  N N 337 
SER CB     C  N N 338 
SER OG     O  N N 339 
SER OXT    O  N N 340 
SER H      H  N N 341 
SER H2     H  N N 342 
SER HA     H  N N 343 
SER HB2    H  N N 344 
SER HB3    H  N N 345 
SER HG     H  N N 346 
SER HXT    H  N N 347 
THR N      N  N N 348 
THR CA     C  N S 349 
THR C      C  N N 350 
THR O      O  N N 351 
THR CB     C  N R 352 
THR OG1    O  N N 353 
THR CG2    C  N N 354 
THR OXT    O  N N 355 
THR H      H  N N 356 
THR H2     H  N N 357 
THR HA     H  N N 358 
THR HB     H  N N 359 
THR HG1    H  N N 360 
THR HG21   H  N N 361 
THR HG22   H  N N 362 
THR HG23   H  N N 363 
THR HXT    H  N N 364 
TYR N      N  N N 365 
TYR CA     C  N S 366 
TYR C      C  N N 367 
TYR O      O  N N 368 
TYR CB     C  N N 369 
TYR CG     C  Y N 370 
TYR CD1    C  Y N 371 
TYR CD2    C  Y N 372 
TYR CE1    C  Y N 373 
TYR CE2    C  Y N 374 
TYR CZ     C  Y N 375 
TYR OH     O  N N 376 
TYR OXT    O  N N 377 
TYR H      H  N N 378 
TYR H2     H  N N 379 
TYR HA     H  N N 380 
TYR HB2    H  N N 381 
TYR HB3    H  N N 382 
TYR HD1    H  N N 383 
TYR HD2    H  N N 384 
TYR HE1    H  N N 385 
TYR HE2    H  N N 386 
TYR HH     H  N N 387 
TYR HXT    H  N N 388 
VAL N      N  N N 389 
VAL CA     C  N S 390 
VAL C      C  N N 391 
VAL O      O  N N 392 
VAL CB     C  N N 393 
VAL CG1    C  N N 394 
VAL CG2    C  N N 395 
VAL OXT    O  N N 396 
VAL H      H  N N 397 
VAL H2     H  N N 398 
VAL HA     H  N N 399 
VAL HB     H  N N 400 
VAL HG11   H  N N 401 
VAL HG12   H  N N 402 
VAL HG13   H  N N 403 
VAL HG21   H  N N 404 
VAL HG22   H  N N 405 
VAL HG23   H  N N 406 
VAL HXT    H  N N 407 
# 
loop_
_chem_comp_bond.comp_id 
_chem_comp_bond.atom_id_1 
_chem_comp_bond.atom_id_2 
_chem_comp_bond.value_order 
_chem_comp_bond.pdbx_aromatic_flag 
_chem_comp_bond.pdbx_stereo_config 
_chem_comp_bond.pdbx_ordinal 
ALA N     CA     sing N N 1   
ALA N     H      sing N N 2   
ALA N     H2     sing N N 3   
ALA CA    C      sing N N 4   
ALA CA    CB     sing N N 5   
ALA CA    HA     sing N N 6   
ALA C     O      doub N N 7   
ALA C     OXT    sing N N 8   
ALA CB    HB1    sing N N 9   
ALA CB    HB2    sing N N 10  
ALA CB    HB3    sing N N 11  
ALA OXT   HXT    sing N N 12  
ARG N     CA     sing N N 13  
ARG N     H      sing N N 14  
ARG N     H2     sing N N 15  
ARG CA    C      sing N N 16  
ARG CA    CB     sing N N 17  
ARG CA    HA     sing N N 18  
ARG C     O      doub N N 19  
ARG C     OXT    sing N N 20  
ARG CB    CG     sing N N 21  
ARG CB    HB2    sing N N 22  
ARG CB    HB3    sing N N 23  
ARG CG    CD     sing N N 24  
ARG CG    HG2    sing N N 25  
ARG CG    HG3    sing N N 26  
ARG CD    NE     sing N N 27  
ARG CD    HD2    sing N N 28  
ARG CD    HD3    sing N N 29  
ARG NE    CZ     sing N N 30  
ARG NE    HE     sing N N 31  
ARG CZ    NH1    sing N N 32  
ARG CZ    NH2    doub N N 33  
ARG NH1   HH11   sing N N 34  
ARG NH1   HH12   sing N N 35  
ARG NH2   HH21   sing N N 36  
ARG NH2   HH22   sing N N 37  
ARG OXT   HXT    sing N N 38  
ASN N     CA     sing N N 39  
ASN N     H      sing N N 40  
ASN N     H2     sing N N 41  
ASN CA    C      sing N N 42  
ASN CA    CB     sing N N 43  
ASN CA    HA     sing N N 44  
ASN C     O      doub N N 45  
ASN C     OXT    sing N N 46  
ASN CB    CG     sing N N 47  
ASN CB    HB2    sing N N 48  
ASN CB    HB3    sing N N 49  
ASN CG    OD1    doub N N 50  
ASN CG    ND2    sing N N 51  
ASN ND2   HD21   sing N N 52  
ASN ND2   HD22   sing N N 53  
ASN OXT   HXT    sing N N 54  
ASP N     CA     sing N N 55  
ASP N     H      sing N N 56  
ASP N     H2     sing N N 57  
ASP CA    C      sing N N 58  
ASP CA    CB     sing N N 59  
ASP CA    HA     sing N N 60  
ASP C     O      doub N N 61  
ASP C     OXT    sing N N 62  
ASP CB    CG     sing N N 63  
ASP CB    HB2    sing N N 64  
ASP CB    HB3    sing N N 65  
ASP CG    OD1    doub N N 66  
ASP CG    OD2    sing N N 67  
ASP OD2   HD2    sing N N 68  
ASP OXT   HXT    sing N N 69  
CYS N     CA     sing N N 70  
CYS N     H      sing N N 71  
CYS N     H2     sing N N 72  
CYS CA    C      sing N N 73  
CYS CA    CB     sing N N 74  
CYS CA    HA     sing N N 75  
CYS C     O      doub N N 76  
CYS C     OXT    sing N N 77  
CYS CB    SG     sing N N 78  
CYS CB    HB2    sing N N 79  
CYS CB    HB3    sing N N 80  
CYS SG    HG     sing N N 81  
CYS OXT   HXT    sing N N 82  
GDP PB    O1B    doub N N 83  
GDP PB    O2B    sing N N 84  
GDP PB    O3B    sing N N 85  
GDP PB    O3A    sing N N 86  
GDP O2B   HOB2   sing N N 87  
GDP O3B   HOB3   sing N N 88  
GDP O3A   PA     sing N N 89  
GDP PA    O1A    doub N N 90  
GDP PA    O2A    sing N N 91  
GDP PA    "O5'"  sing N N 92  
GDP O2A   HOA2   sing N N 93  
GDP "O5'" "C5'"  sing N N 94  
GDP "C5'" "C4'"  sing N N 95  
GDP "C5'" "H5'"  sing N N 96  
GDP "C5'" "H5''" sing N N 97  
GDP "C4'" "O4'"  sing N N 98  
GDP "C4'" "C3'"  sing N N 99  
GDP "C4'" "H4'"  sing N N 100 
GDP "O4'" "C1'"  sing N N 101 
GDP "C3'" "O3'"  sing N N 102 
GDP "C3'" "C2'"  sing N N 103 
GDP "C3'" "H3'"  sing N N 104 
GDP "O3'" "HO3'" sing N N 105 
GDP "C2'" "O2'"  sing N N 106 
GDP "C2'" "C1'"  sing N N 107 
GDP "C2'" "H2'"  sing N N 108 
GDP "O2'" "HO2'" sing N N 109 
GDP "C1'" N9     sing N N 110 
GDP "C1'" "H1'"  sing N N 111 
GDP N9    C8     sing Y N 112 
GDP N9    C4     sing Y N 113 
GDP C8    N7     doub Y N 114 
GDP C8    H8     sing N N 115 
GDP N7    C5     sing Y N 116 
GDP C5    C6     sing N N 117 
GDP C5    C4     doub Y N 118 
GDP C6    O6     doub N N 119 
GDP C6    N1     sing N N 120 
GDP N1    C2     sing N N 121 
GDP N1    HN1    sing N N 122 
GDP C2    N2     sing N N 123 
GDP C2    N3     doub N N 124 
GDP N2    HN21   sing N N 125 
GDP N2    HN22   sing N N 126 
GDP N3    C4     sing N N 127 
GLN N     CA     sing N N 128 
GLN N     H      sing N N 129 
GLN N     H2     sing N N 130 
GLN CA    C      sing N N 131 
GLN CA    CB     sing N N 132 
GLN CA    HA     sing N N 133 
GLN C     O      doub N N 134 
GLN C     OXT    sing N N 135 
GLN CB    CG     sing N N 136 
GLN CB    HB2    sing N N 137 
GLN CB    HB3    sing N N 138 
GLN CG    CD     sing N N 139 
GLN CG    HG2    sing N N 140 
GLN CG    HG3    sing N N 141 
GLN CD    OE1    doub N N 142 
GLN CD    NE2    sing N N 143 
GLN NE2   HE21   sing N N 144 
GLN NE2   HE22   sing N N 145 
GLN OXT   HXT    sing N N 146 
GLU N     CA     sing N N 147 
GLU N     H      sing N N 148 
GLU N     H2     sing N N 149 
GLU CA    C      sing N N 150 
GLU CA    CB     sing N N 151 
GLU CA    HA     sing N N 152 
GLU C     O      doub N N 153 
GLU C     OXT    sing N N 154 
GLU CB    CG     sing N N 155 
GLU CB    HB2    sing N N 156 
GLU CB    HB3    sing N N 157 
GLU CG    CD     sing N N 158 
GLU CG    HG2    sing N N 159 
GLU CG    HG3    sing N N 160 
GLU CD    OE1    doub N N 161 
GLU CD    OE2    sing N N 162 
GLU OE2   HE2    sing N N 163 
GLU OXT   HXT    sing N N 164 
GLY N     CA     sing N N 165 
GLY N     H      sing N N 166 
GLY N     H2     sing N N 167 
GLY CA    C      sing N N 168 
GLY CA    HA2    sing N N 169 
GLY CA    HA3    sing N N 170 
GLY C     O      doub N N 171 
GLY C     OXT    sing N N 172 
GLY OXT   HXT    sing N N 173 
HIS N     CA     sing N N 174 
HIS N     H      sing N N 175 
HIS N     H2     sing N N 176 
HIS CA    C      sing N N 177 
HIS CA    CB     sing N N 178 
HIS CA    HA     sing N N 179 
HIS C     O      doub N N 180 
HIS C     OXT    sing N N 181 
HIS CB    CG     sing N N 182 
HIS CB    HB2    sing N N 183 
HIS CB    HB3    sing N N 184 
HIS CG    ND1    sing Y N 185 
HIS CG    CD2    doub Y N 186 
HIS ND1   CE1    doub Y N 187 
HIS ND1   HD1    sing N N 188 
HIS CD2   NE2    sing Y N 189 
HIS CD2   HD2    sing N N 190 
HIS CE1   NE2    sing Y N 191 
HIS CE1   HE1    sing N N 192 
HIS NE2   HE2    sing N N 193 
HIS OXT   HXT    sing N N 194 
HOH O     H1     sing N N 195 
HOH O     H2     sing N N 196 
ILE N     CA     sing N N 197 
ILE N     H      sing N N 198 
ILE N     H2     sing N N 199 
ILE CA    C      sing N N 200 
ILE CA    CB     sing N N 201 
ILE CA    HA     sing N N 202 
ILE C     O      doub N N 203 
ILE C     OXT    sing N N 204 
ILE CB    CG1    sing N N 205 
ILE CB    CG2    sing N N 206 
ILE CB    HB     sing N N 207 
ILE CG1   CD1    sing N N 208 
ILE CG1   HG12   sing N N 209 
ILE CG1   HG13   sing N N 210 
ILE CG2   HG21   sing N N 211 
ILE CG2   HG22   sing N N 212 
ILE CG2   HG23   sing N N 213 
ILE CD1   HD11   sing N N 214 
ILE CD1   HD12   sing N N 215 
ILE CD1   HD13   sing N N 216 
ILE OXT   HXT    sing N N 217 
LEU N     CA     sing N N 218 
LEU N     H      sing N N 219 
LEU N     H2     sing N N 220 
LEU CA    C      sing N N 221 
LEU CA    CB     sing N N 222 
LEU CA    HA     sing N N 223 
LEU C     O      doub N N 224 
LEU C     OXT    sing N N 225 
LEU CB    CG     sing N N 226 
LEU CB    HB2    sing N N 227 
LEU CB    HB3    sing N N 228 
LEU CG    CD1    sing N N 229 
LEU CG    CD2    sing N N 230 
LEU CG    HG     sing N N 231 
LEU CD1   HD11   sing N N 232 
LEU CD1   HD12   sing N N 233 
LEU CD1   HD13   sing N N 234 
LEU CD2   HD21   sing N N 235 
LEU CD2   HD22   sing N N 236 
LEU CD2   HD23   sing N N 237 
LEU OXT   HXT    sing N N 238 
LYS N     CA     sing N N 239 
LYS N     H      sing N N 240 
LYS N     H2     sing N N 241 
LYS CA    C      sing N N 242 
LYS CA    CB     sing N N 243 
LYS CA    HA     sing N N 244 
LYS C     O      doub N N 245 
LYS C     OXT    sing N N 246 
LYS CB    CG     sing N N 247 
LYS CB    HB2    sing N N 248 
LYS CB    HB3    sing N N 249 
LYS CG    CD     sing N N 250 
LYS CG    HG2    sing N N 251 
LYS CG    HG3    sing N N 252 
LYS CD    CE     sing N N 253 
LYS CD    HD2    sing N N 254 
LYS CD    HD3    sing N N 255 
LYS CE    NZ     sing N N 256 
LYS CE    HE2    sing N N 257 
LYS CE    HE3    sing N N 258 
LYS NZ    HZ1    sing N N 259 
LYS NZ    HZ2    sing N N 260 
LYS NZ    HZ3    sing N N 261 
LYS OXT   HXT    sing N N 262 
MET N     CA     sing N N 263 
MET N     H      sing N N 264 
MET N     H2     sing N N 265 
MET CA    C      sing N N 266 
MET CA    CB     sing N N 267 
MET CA    HA     sing N N 268 
MET C     O      doub N N 269 
MET C     OXT    sing N N 270 
MET CB    CG     sing N N 271 
MET CB    HB2    sing N N 272 
MET CB    HB3    sing N N 273 
MET CG    SD     sing N N 274 
MET CG    HG2    sing N N 275 
MET CG    HG3    sing N N 276 
MET SD    CE     sing N N 277 
MET CE    HE1    sing N N 278 
MET CE    HE2    sing N N 279 
MET CE    HE3    sing N N 280 
MET OXT   HXT    sing N N 281 
PHE N     CA     sing N N 282 
PHE N     H      sing N N 283 
PHE N     H2     sing N N 284 
PHE CA    C      sing N N 285 
PHE CA    CB     sing N N 286 
PHE CA    HA     sing N N 287 
PHE C     O      doub N N 288 
PHE C     OXT    sing N N 289 
PHE CB    CG     sing N N 290 
PHE CB    HB2    sing N N 291 
PHE CB    HB3    sing N N 292 
PHE CG    CD1    doub Y N 293 
PHE CG    CD2    sing Y N 294 
PHE CD1   CE1    sing Y N 295 
PHE CD1   HD1    sing N N 296 
PHE CD2   CE2    doub Y N 297 
PHE CD2   HD2    sing N N 298 
PHE CE1   CZ     doub Y N 299 
PHE CE1   HE1    sing N N 300 
PHE CE2   CZ     sing Y N 301 
PHE CE2   HE2    sing N N 302 
PHE CZ    HZ     sing N N 303 
PHE OXT   HXT    sing N N 304 
PRO N     CA     sing N N 305 
PRO N     CD     sing N N 306 
PRO N     H      sing N N 307 
PRO CA    C      sing N N 308 
PRO CA    CB     sing N N 309 
PRO CA    HA     sing N N 310 
PRO C     O      doub N N 311 
PRO C     OXT    sing N N 312 
PRO CB    CG     sing N N 313 
PRO CB    HB2    sing N N 314 
PRO CB    HB3    sing N N 315 
PRO CG    CD     sing N N 316 
PRO CG    HG2    sing N N 317 
PRO CG    HG3    sing N N 318 
PRO CD    HD2    sing N N 319 
PRO CD    HD3    sing N N 320 
PRO OXT   HXT    sing N N 321 
SER N     CA     sing N N 322 
SER N     H      sing N N 323 
SER N     H2     sing N N 324 
SER CA    C      sing N N 325 
SER CA    CB     sing N N 326 
SER CA    HA     sing N N 327 
SER C     O      doub N N 328 
SER C     OXT    sing N N 329 
SER CB    OG     sing N N 330 
SER CB    HB2    sing N N 331 
SER CB    HB3    sing N N 332 
SER OG    HG     sing N N 333 
SER OXT   HXT    sing N N 334 
THR N     CA     sing N N 335 
THR N     H      sing N N 336 
THR N     H2     sing N N 337 
THR CA    C      sing N N 338 
THR CA    CB     sing N N 339 
THR CA    HA     sing N N 340 
THR C     O      doub N N 341 
THR C     OXT    sing N N 342 
THR CB    OG1    sing N N 343 
THR CB    CG2    sing N N 344 
THR CB    HB     sing N N 345 
THR OG1   HG1    sing N N 346 
THR CG2   HG21   sing N N 347 
THR CG2   HG22   sing N N 348 
THR CG2   HG23   sing N N 349 
THR OXT   HXT    sing N N 350 
TYR N     CA     sing N N 351 
TYR N     H      sing N N 352 
TYR N     H2     sing N N 353 
TYR CA    C      sing N N 354 
TYR CA    CB     sing N N 355 
TYR CA    HA     sing N N 356 
TYR C     O      doub N N 357 
TYR C     OXT    sing N N 358 
TYR CB    CG     sing N N 359 
TYR CB    HB2    sing N N 360 
TYR CB    HB3    sing N N 361 
TYR CG    CD1    doub Y N 362 
TYR CG    CD2    sing Y N 363 
TYR CD1   CE1    sing Y N 364 
TYR CD1   HD1    sing N N 365 
TYR CD2   CE2    doub Y N 366 
TYR CD2   HD2    sing N N 367 
TYR CE1   CZ     doub Y N 368 
TYR CE1   HE1    sing N N 369 
TYR CE2   CZ     sing Y N 370 
TYR CE2   HE2    sing N N 371 
TYR CZ    OH     sing N N 372 
TYR OH    HH     sing N N 373 
TYR OXT   HXT    sing N N 374 
VAL N     CA     sing N N 375 
VAL N     H      sing N N 376 
VAL N     H2     sing N N 377 
VAL CA    C      sing N N 378 
VAL CA    CB     sing N N 379 
VAL CA    HA     sing N N 380 
VAL C     O      doub N N 381 
VAL C     OXT    sing N N 382 
VAL CB    CG1    sing N N 383 
VAL CB    CG2    sing N N 384 
VAL CB    HB     sing N N 385 
VAL CG1   HG11   sing N N 386 
VAL CG1   HG12   sing N N 387 
VAL CG1   HG13   sing N N 388 
VAL CG2   HG21   sing N N 389 
VAL CG2   HG22   sing N N 390 
VAL CG2   HG23   sing N N 391 
VAL OXT   HXT    sing N N 392 
# 
loop_
_pdbx_entity_nonpoly.entity_id 
_pdbx_entity_nonpoly.name 
_pdbx_entity_nonpoly.comp_id 
2 "GUANOSINE-5'-DIPHOSPHATE" GDP 
3 'MAGNESIUM ION'            MG  
4 water                      HOH 
# 
_pdbx_initial_refinement_model.id               1 
_pdbx_initial_refinement_model.entity_id_list   ? 
_pdbx_initial_refinement_model.type             'experimental model' 
_pdbx_initial_refinement_model.source_name      PDB 
_pdbx_initial_refinement_model.accession_code   2ERY 
_pdbx_initial_refinement_model.details          'pdb entry 2ery' 
# 
